data_6N65
# 
_entry.id   6N65 
# 
_audit_conform.dict_name       mmcif_pdbx.dic 
_audit_conform.dict_version    5.379 
_audit_conform.dict_location   http://mmcif.pdb.org/dictionaries/ascii/mmcif_pdbx.dic 
# 
loop_
_database_2.database_id 
_database_2.database_code 
_database_2.pdbx_database_accession 
_database_2.pdbx_DOI 
PDB   6N65         pdb_00006n65 10.2210/pdb6n65/pdb 
WWPDB D_1000238085 ?            ?                   
# 
_pdbx_database_status.status_code                     REL 
_pdbx_database_status.status_code_sf                  REL 
_pdbx_database_status.status_code_mr                  ? 
_pdbx_database_status.entry_id                        6N65 
_pdbx_database_status.recvd_initial_deposition_date   2018-11-25 
_pdbx_database_status.SG_entry                        N 
_pdbx_database_status.deposit_site                    RCSB 
_pdbx_database_status.process_site                    RCSB 
_pdbx_database_status.status_code_cs                  ? 
_pdbx_database_status.methods_development_category    ? 
_pdbx_database_status.pdb_format_compatible           Y 
_pdbx_database_status.status_code_nmr_data            ? 
# 
loop_
_audit_author.name 
_audit_author.pdbx_ordinal 
_audit_author.identifier_ORCID 
'Schmidberger, J.W.' 1 0000-0002-0919-0926 
'Ou, A.'             2 0000-0002-3903-0018 
'Smith, N.M.'        3 0000-0002-5519-8152 
'Iyer, K.S.'         4 0000-0001-9329-4930 
'Bond, C.S.'         5 0000-0002-9584-6783 
# 
_citation.abstract                  ? 
_citation.abstract_id_CAS           ? 
_citation.book_id_ISBN              ? 
_citation.book_publisher            ? 
_citation.book_publisher_city       ? 
_citation.book_title                ? 
_citation.coordinate_linkage        ? 
_citation.country                   UK 
_citation.database_id_Medline       ? 
_citation.details                   ? 
_citation.id                        primary 
_citation.journal_abbrev            'Nucleic Acids Res.' 
_citation.journal_id_ASTM           NARHAD 
_citation.journal_id_CSD            0389 
_citation.journal_id_ISSN           1362-4962 
_citation.journal_full              ? 
_citation.journal_issue             ? 
_citation.journal_volume            48 
_citation.language                  ? 
_citation.page_first                5766 
_citation.page_last                 5776 
_citation.title                     
;High resolution crystal structure of a KRAS promoter G-quadruplex reveals a dimer with extensive poly-A pi-stacking interactions for small-molecule recognition.
;
_citation.year                      2020 
_citation.database_id_CSD           ? 
_citation.pdbx_database_id_DOI      10.1093/nar/gkaa262 
_citation.pdbx_database_id_PubMed   32313953 
_citation.unpublished_flag          ? 
# 
loop_
_citation_author.citation_id 
_citation_author.name 
_citation_author.ordinal 
_citation_author.identifier_ORCID 
primary 'Ou, A.'             1  ? 
primary 'Schmidberger, J.W.' 2  ? 
primary 'Wilson, K.A.'       3  ? 
primary 'Evans, C.W.'        4  ? 
primary 'Hargreaves, J.A.'   5  ? 
primary 'Grigg, M.'          6  ? 
primary 
;O'Mara, M.L.
;
7  ? 
primary 'Iyer, K.S.'         8  ? 
primary 'Bond, C.S.'         9  ? 
primary 'Smith, N.M.'        10 ? 
# 
_cell.angle_alpha                  90.000 
_cell.angle_alpha_esd              ? 
_cell.angle_beta                   94.510 
_cell.angle_beta_esd               ? 
_cell.angle_gamma                  90.000 
_cell.angle_gamma_esd              ? 
_cell.entry_id                     6N65 
_cell.details                      ? 
_cell.formula_units_Z              ? 
_cell.length_a                     33.693 
_cell.length_a_esd                 ? 
_cell.length_b                     30.127 
_cell.length_b_esd                 ? 
_cell.length_c                     52.970 
_cell.length_c_esd                 ? 
_cell.volume                       ? 
_cell.volume_esd                   ? 
_cell.Z_PDB                        4 
_cell.reciprocal_angle_alpha       ? 
_cell.reciprocal_angle_beta        ? 
_cell.reciprocal_angle_gamma       ? 
_cell.reciprocal_angle_alpha_esd   ? 
_cell.reciprocal_angle_beta_esd    ? 
_cell.reciprocal_angle_gamma_esd   ? 
_cell.reciprocal_length_a          ? 
_cell.reciprocal_length_b          ? 
_cell.reciprocal_length_c          ? 
_cell.reciprocal_length_a_esd      ? 
_cell.reciprocal_length_b_esd      ? 
_cell.reciprocal_length_c_esd      ? 
_cell.pdbx_unique_axis             ? 
# 
_symmetry.entry_id                         6N65 
_symmetry.cell_setting                     ? 
_symmetry.Int_Tables_number                4 
_symmetry.space_group_name_Hall            ? 
_symmetry.space_group_name_H-M             'P 1 21 1' 
_symmetry.pdbx_full_space_group_name_H-M   ? 
# 
loop_
_entity.id 
_entity.type 
_entity.src_method 
_entity.pdbx_description 
_entity.formula_weight 
_entity.pdbx_number_of_molecules 
_entity.pdbx_ec 
_entity.pdbx_mutation 
_entity.pdbx_fragment 
_entity.details 
1 polymer     syn 'KRAS G-quadruplex G16T mutant' 6986.514 2  ? G16T ? ? 
2 non-polymer syn 'POTASSIUM ION'                 39.098   5  ? ?    ? ? 
3 water       nat water                           18.015   64 ? ?    ? ? 
# 
_entity_poly.entity_id                      1 
_entity_poly.type                           polydeoxyribonucleotide 
_entity_poly.nstd_linkage                   no 
_entity_poly.nstd_monomer                   no 
_entity_poly.pdbx_seq_one_letter_code       
;(DA)(DG)(DG)(DG)(DC)(DG)(DG)(DT)(DG)(DT)(DG)(DG)(DG)(DA)(DA)(DT)(DA)(DG)(DG)(DG)
(DA)(DA)
;
_entity_poly.pdbx_seq_one_letter_code_can   AGGGCGGTGTGGGAATAGGGAA 
_entity_poly.pdbx_strand_id                 A,B 
_entity_poly.pdbx_target_identifier         ? 
# 
loop_
_entity_poly_seq.entity_id 
_entity_poly_seq.num 
_entity_poly_seq.mon_id 
_entity_poly_seq.hetero 
1 1  DA n 
1 2  DG n 
1 3  DG n 
1 4  DG n 
1 5  DC n 
1 6  DG n 
1 7  DG n 
1 8  DT n 
1 9  DG n 
1 10 DT n 
1 11 DG n 
1 12 DG n 
1 13 DG n 
1 14 DA n 
1 15 DA n 
1 16 DT n 
1 17 DA n 
1 18 DG n 
1 19 DG n 
1 20 DG n 
1 21 DA n 
1 22 DA n 
# 
_pdbx_entity_src_syn.entity_id              1 
_pdbx_entity_src_syn.pdbx_src_id            1 
_pdbx_entity_src_syn.pdbx_alt_source_flag   sample 
_pdbx_entity_src_syn.pdbx_beg_seq_num       1 
_pdbx_entity_src_syn.pdbx_end_seq_num       22 
_pdbx_entity_src_syn.organism_scientific    'Homo sapiens' 
_pdbx_entity_src_syn.organism_common_name   ? 
_pdbx_entity_src_syn.ncbi_taxonomy_id       9606 
_pdbx_entity_src_syn.details                ? 
# 
_struct_ref.id                         1 
_struct_ref.db_name                    PDB 
_struct_ref.db_code                    6N65 
_struct_ref.pdbx_db_accession          6N65 
_struct_ref.pdbx_db_isoform            ? 
_struct_ref.entity_id                  1 
_struct_ref.pdbx_seq_one_letter_code   ? 
_struct_ref.pdbx_align_begin           1 
# 
loop_
_struct_ref_seq.align_id 
_struct_ref_seq.ref_id 
_struct_ref_seq.pdbx_PDB_id_code 
_struct_ref_seq.pdbx_strand_id 
_struct_ref_seq.seq_align_beg 
_struct_ref_seq.pdbx_seq_align_beg_ins_code 
_struct_ref_seq.seq_align_end 
_struct_ref_seq.pdbx_seq_align_end_ins_code 
_struct_ref_seq.pdbx_db_accession 
_struct_ref_seq.db_align_beg 
_struct_ref_seq.pdbx_db_align_beg_ins_code 
_struct_ref_seq.db_align_end 
_struct_ref_seq.pdbx_db_align_end_ins_code 
_struct_ref_seq.pdbx_auth_seq_align_beg 
_struct_ref_seq.pdbx_auth_seq_align_end 
1 1 6N65 A 1 ? 22 ? 6N65 1 ? 22 ? 1 22 
2 1 6N65 B 1 ? 22 ? 6N65 1 ? 22 ? 1 22 
# 
loop_
_chem_comp.id 
_chem_comp.type 
_chem_comp.mon_nstd_flag 
_chem_comp.name 
_chem_comp.pdbx_synonyms 
_chem_comp.formula 
_chem_comp.formula_weight 
DA  'DNA linking' y "2'-DEOXYADENOSINE-5'-MONOPHOSPHATE" ? 'C10 H14 N5 O6 P' 331.222 
DC  'DNA linking' y "2'-DEOXYCYTIDINE-5'-MONOPHOSPHATE"  ? 'C9 H14 N3 O7 P'  307.197 
DG  'DNA linking' y "2'-DEOXYGUANOSINE-5'-MONOPHOSPHATE" ? 'C10 H14 N5 O7 P' 347.221 
DT  'DNA linking' y "THYMIDINE-5'-MONOPHOSPHATE"         ? 'C10 H15 N2 O8 P' 322.208 
HOH non-polymer   . WATER                                ? 'H2 O'            18.015  
K   non-polymer   . 'POTASSIUM ION'                      ? 'K 1'             39.098  
# 
_exptl.absorpt_coefficient_mu     ? 
_exptl.absorpt_correction_T_max   ? 
_exptl.absorpt_correction_T_min   ? 
_exptl.absorpt_correction_type    ? 
_exptl.absorpt_process_details    ? 
_exptl.entry_id                   6N65 
_exptl.crystals_number            1 
_exptl.details                    ? 
_exptl.method                     'X-RAY DIFFRACTION' 
_exptl.method_details             ? 
# 
_exptl_crystal.colour                      ? 
_exptl_crystal.density_diffrn              ? 
_exptl_crystal.density_Matthews            1.92 
_exptl_crystal.density_method              ? 
_exptl_crystal.density_percent_sol         35.87 
_exptl_crystal.description                 ? 
_exptl_crystal.F_000                       ? 
_exptl_crystal.id                          1 
_exptl_crystal.preparation                 ? 
_exptl_crystal.size_max                    ? 
_exptl_crystal.size_mid                    ? 
_exptl_crystal.size_min                    ? 
_exptl_crystal.size_rad                    ? 
_exptl_crystal.colour_lustre               ? 
_exptl_crystal.colour_modifier             ? 
_exptl_crystal.colour_primary              ? 
_exptl_crystal.density_meas                ? 
_exptl_crystal.density_meas_esd            ? 
_exptl_crystal.density_meas_gt             ? 
_exptl_crystal.density_meas_lt             ? 
_exptl_crystal.density_meas_temp           ? 
_exptl_crystal.density_meas_temp_esd       ? 
_exptl_crystal.density_meas_temp_gt        ? 
_exptl_crystal.density_meas_temp_lt        ? 
_exptl_crystal.pdbx_crystal_image_url      ? 
_exptl_crystal.pdbx_crystal_image_format   ? 
_exptl_crystal.pdbx_mosaicity              ? 
_exptl_crystal.pdbx_mosaicity_esd          ? 
# 
_exptl_crystal_grow.apparatus       ? 
_exptl_crystal_grow.atmosphere      ? 
_exptl_crystal_grow.crystal_id      1 
_exptl_crystal_grow.details         ? 
_exptl_crystal_grow.method          'VAPOR DIFFUSION, SITTING DROP' 
_exptl_crystal_grow.method_ref      ? 
_exptl_crystal_grow.pH              7 
_exptl_crystal_grow.pressure        ? 
_exptl_crystal_grow.pressure_esd    ? 
_exptl_crystal_grow.seeding         ? 
_exptl_crystal_grow.seeding_ref     ? 
_exptl_crystal_grow.temp            293 
_exptl_crystal_grow.temp_details    ? 
_exptl_crystal_grow.temp_esd        ? 
_exptl_crystal_grow.time            ? 
_exptl_crystal_grow.pdbx_details    
;0.08 M sodium chloride, 0.012 M potassium chloride, 0.02 magnesium chloride hexahydrate, 0.04 M sodium cacodylate trihydrate pH 7.0, 35% MPD, 0.012 M spermine tetrahydrochloride.
;
_exptl_crystal_grow.pdbx_pH_range   ? 
# 
_diffrn.ambient_environment              ? 
_diffrn.ambient_temp                     100 
_diffrn.ambient_temp_details             ? 
_diffrn.ambient_temp_esd                 ? 
_diffrn.crystal_id                       1 
_diffrn.crystal_support                  ? 
_diffrn.crystal_treatment                ? 
_diffrn.details                          ? 
_diffrn.id                               1 
_diffrn.ambient_pressure                 ? 
_diffrn.ambient_pressure_esd             ? 
_diffrn.ambient_pressure_gt              ? 
_diffrn.ambient_pressure_lt              ? 
_diffrn.ambient_temp_gt                  ? 
_diffrn.ambient_temp_lt                  ? 
_diffrn.pdbx_serial_crystal_experiment   N 
# 
_diffrn_detector.details                      ? 
_diffrn_detector.detector                     PIXEL 
_diffrn_detector.diffrn_id                    1 
_diffrn_detector.type                         'DECTRIS EIGER X 16M' 
_diffrn_detector.area_resol_mean              ? 
_diffrn_detector.dtime                        ? 
_diffrn_detector.pdbx_frames_total            ? 
_diffrn_detector.pdbx_collection_time_total   ? 
_diffrn_detector.pdbx_collection_date         2018-08-23 
_diffrn_detector.pdbx_frequency               ? 
# 
_diffrn_radiation.collimation                      ? 
_diffrn_radiation.diffrn_id                        1 
_diffrn_radiation.filter_edge                      ? 
_diffrn_radiation.inhomogeneity                    ? 
_diffrn_radiation.monochromator                    ? 
_diffrn_radiation.polarisn_norm                    ? 
_diffrn_radiation.polarisn_ratio                   ? 
_diffrn_radiation.probe                            ? 
_diffrn_radiation.type                             ? 
_diffrn_radiation.xray_symbol                      ? 
_diffrn_radiation.wavelength_id                    1 
_diffrn_radiation.pdbx_monochromatic_or_laue_m_l   M 
_diffrn_radiation.pdbx_wavelength_list             ? 
_diffrn_radiation.pdbx_wavelength                  ? 
_diffrn_radiation.pdbx_diffrn_protocol             'SINGLE WAVELENGTH' 
_diffrn_radiation.pdbx_analyzer                    ? 
_diffrn_radiation.pdbx_scattering_type             x-ray 
# 
_diffrn_radiation_wavelength.id           1 
_diffrn_radiation_wavelength.wavelength   0.95372 
_diffrn_radiation_wavelength.wt           1.0 
# 
_diffrn_source.current                     ? 
_diffrn_source.details                     ? 
_diffrn_source.diffrn_id                   1 
_diffrn_source.power                       ? 
_diffrn_source.size                        ? 
_diffrn_source.source                      SYNCHROTRON 
_diffrn_source.target                      ? 
_diffrn_source.type                        'AUSTRALIAN SYNCHROTRON BEAMLINE MX1' 
_diffrn_source.voltage                     ? 
_diffrn_source.take-off_angle              ? 
_diffrn_source.pdbx_wavelength_list        0.95372 
_diffrn_source.pdbx_wavelength             ? 
_diffrn_source.pdbx_synchrotron_beamline   MX1 
_diffrn_source.pdbx_synchrotron_site       'Australian Synchrotron' 
# 
_reflns.B_iso_Wilson_estimate            19.010 
_reflns.entry_id                         6N65 
_reflns.data_reduction_details           ? 
_reflns.data_reduction_method            ? 
_reflns.d_resolution_high                1.600 
_reflns.d_resolution_low                 30.130 
_reflns.details                          ? 
_reflns.limit_h_max                      ? 
_reflns.limit_h_min                      ? 
_reflns.limit_k_max                      ? 
_reflns.limit_k_min                      ? 
_reflns.limit_l_max                      ? 
_reflns.limit_l_min                      ? 
_reflns.number_all                       ? 
_reflns.number_obs                       13756 
_reflns.observed_criterion               ? 
_reflns.observed_criterion_F_max         ? 
_reflns.observed_criterion_F_min         ? 
_reflns.observed_criterion_I_max         ? 
_reflns.observed_criterion_I_min         ? 
_reflns.observed_criterion_sigma_F       ? 
_reflns.observed_criterion_sigma_I       ? 
_reflns.percent_possible_obs             96.500 
_reflns.R_free_details                   ? 
_reflns.Rmerge_F_all                     ? 
_reflns.Rmerge_F_obs                     ? 
_reflns.Friedel_coverage                 ? 
_reflns.number_gt                        ? 
_reflns.threshold_expression             ? 
_reflns.pdbx_redundancy                  6.300 
_reflns.pdbx_Rmerge_I_obs                0.054 
_reflns.pdbx_Rmerge_I_all                ? 
_reflns.pdbx_Rsym_value                  ? 
_reflns.pdbx_netI_over_av_sigmaI         ? 
_reflns.pdbx_netI_over_sigmaI            16.000 
_reflns.pdbx_res_netI_over_av_sigmaI_2   ? 
_reflns.pdbx_res_netI_over_sigmaI_2      ? 
_reflns.pdbx_chi_squared                 ? 
_reflns.pdbx_scaling_rejects             1 
_reflns.pdbx_d_res_high_opt              ? 
_reflns.pdbx_d_res_low_opt               ? 
_reflns.pdbx_d_res_opt_method            ? 
_reflns.phase_calculation_details        ? 
_reflns.pdbx_Rrim_I_all                  0.059 
_reflns.pdbx_Rpim_I_all                  0.024 
_reflns.pdbx_d_opt                       ? 
_reflns.pdbx_number_measured_all         86330 
_reflns.pdbx_diffrn_id                   1 
_reflns.pdbx_ordinal                     1 
_reflns.pdbx_CC_half                     0.999 
_reflns.pdbx_R_split                     ? 
# 
_reflns_shell.d_res_high                  1.600 
_reflns_shell.d_res_low                   1.630 
_reflns_shell.meanI_over_sigI_all         ? 
_reflns_shell.meanI_over_sigI_obs         ? 
_reflns_shell.number_measured_all         ? 
_reflns_shell.number_measured_obs         ? 
_reflns_shell.number_possible             ? 
_reflns_shell.number_unique_all           ? 
_reflns_shell.number_unique_obs           501 
_reflns_shell.percent_possible_all        74.200 
_reflns_shell.percent_possible_obs        ? 
_reflns_shell.Rmerge_F_all                ? 
_reflns_shell.Rmerge_F_obs                ? 
_reflns_shell.Rmerge_I_all                ? 
_reflns_shell.Rmerge_I_obs                0.310 
_reflns_shell.meanI_over_sigI_gt          ? 
_reflns_shell.meanI_over_uI_all           ? 
_reflns_shell.meanI_over_uI_gt            ? 
_reflns_shell.number_measured_gt          ? 
_reflns_shell.number_unique_gt            ? 
_reflns_shell.percent_possible_gt         ? 
_reflns_shell.Rmerge_F_gt                 ? 
_reflns_shell.Rmerge_I_gt                 ? 
_reflns_shell.pdbx_redundancy             4.700 
_reflns_shell.pdbx_Rsym_value             ? 
_reflns_shell.pdbx_chi_squared            ? 
_reflns_shell.pdbx_netI_over_sigmaI_all   ? 
_reflns_shell.pdbx_netI_over_sigmaI_obs   ? 
_reflns_shell.pdbx_Rrim_I_all             0.349 
_reflns_shell.pdbx_Rpim_I_all             0.156 
_reflns_shell.pdbx_rejects                ? 
_reflns_shell.pdbx_ordinal                1 
_reflns_shell.pdbx_diffrn_id              1 
_reflns_shell.pdbx_CC_half                0.976 
_reflns_shell.pdbx_R_split                ? 
# 
_refine.aniso_B[1][1]                            ? 
_refine.aniso_B[1][2]                            ? 
_refine.aniso_B[1][3]                            ? 
_refine.aniso_B[2][2]                            ? 
_refine.aniso_B[2][3]                            ? 
_refine.aniso_B[3][3]                            ? 
_refine.B_iso_max                                76.760 
_refine.B_iso_mean                               29.0368 
_refine.B_iso_min                                13.350 
_refine.correlation_coeff_Fo_to_Fc               ? 
_refine.correlation_coeff_Fo_to_Fc_free          ? 
_refine.details                                  ? 
_refine.diff_density_max                         ? 
_refine.diff_density_max_esd                     ? 
_refine.diff_density_min                         ? 
_refine.diff_density_min_esd                     ? 
_refine.diff_density_rms                         ? 
_refine.diff_density_rms_esd                     ? 
_refine.entry_id                                 6N65 
_refine.pdbx_refine_id                           'X-RAY DIFFRACTION' 
_refine.ls_abs_structure_details                 ? 
_refine.ls_abs_structure_Flack                   ? 
_refine.ls_abs_structure_Flack_esd               ? 
_refine.ls_abs_structure_Rogers                  ? 
_refine.ls_abs_structure_Rogers_esd              ? 
_refine.ls_d_res_high                            1.6000 
_refine.ls_d_res_low                             29.4090 
_refine.ls_extinction_coef                       ? 
_refine.ls_extinction_coef_esd                   ? 
_refine.ls_extinction_expression                 ? 
_refine.ls_extinction_method                     ? 
_refine.ls_goodness_of_fit_all                   ? 
_refine.ls_goodness_of_fit_all_esd               ? 
_refine.ls_goodness_of_fit_obs                   ? 
_refine.ls_goodness_of_fit_obs_esd               ? 
_refine.ls_hydrogen_treatment                    ? 
_refine.ls_matrix_type                           ? 
_refine.ls_number_constraints                    ? 
_refine.ls_number_parameters                     ? 
_refine.ls_number_reflns_all                     ? 
_refine.ls_number_reflns_obs                     13707 
_refine.ls_number_reflns_R_free                  684 
_refine.ls_number_reflns_R_work                  ? 
_refine.ls_number_restraints                     ? 
_refine.ls_percent_reflns_obs                    96.2000 
_refine.ls_percent_reflns_R_free                 4.9900 
_refine.ls_R_factor_all                          ? 
_refine.ls_R_factor_obs                          0.2115 
_refine.ls_R_factor_R_free                       0.2407 
_refine.ls_R_factor_R_free_error                 ? 
_refine.ls_R_factor_R_free_error_details         ? 
_refine.ls_R_factor_R_work                       0.2101 
_refine.ls_R_Fsqd_factor_obs                     ? 
_refine.ls_R_I_factor_obs                        ? 
_refine.ls_redundancy_reflns_all                 ? 
_refine.ls_redundancy_reflns_obs                 ? 
_refine.ls_restrained_S_all                      ? 
_refine.ls_restrained_S_obs                      ? 
_refine.ls_shift_over_esd_max                    ? 
_refine.ls_shift_over_esd_mean                   ? 
_refine.ls_structure_factor_coef                 ? 
_refine.ls_weighting_details                     ? 
_refine.ls_weighting_scheme                      ? 
_refine.ls_wR_factor_all                         ? 
_refine.ls_wR_factor_obs                         ? 
_refine.ls_wR_factor_R_free                      ? 
_refine.ls_wR_factor_R_work                      ? 
_refine.occupancy_max                            ? 
_refine.occupancy_min                            ? 
_refine.solvent_model_details                    ? 
_refine.solvent_model_param_bsol                 ? 
_refine.solvent_model_param_ksol                 ? 
_refine.ls_R_factor_gt                           ? 
_refine.ls_goodness_of_fit_gt                    ? 
_refine.ls_goodness_of_fit_ref                   ? 
_refine.ls_shift_over_su_max                     ? 
_refine.ls_shift_over_su_max_lt                  ? 
_refine.ls_shift_over_su_mean                    ? 
_refine.ls_shift_over_su_mean_lt                 ? 
_refine.pdbx_ls_sigma_I                          ? 
_refine.pdbx_ls_sigma_F                          1.340 
_refine.pdbx_ls_sigma_Fsqd                       ? 
_refine.pdbx_data_cutoff_high_absF               ? 
_refine.pdbx_data_cutoff_high_rms_absF           ? 
_refine.pdbx_data_cutoff_low_absF                ? 
_refine.pdbx_isotropic_thermal_model             ? 
_refine.pdbx_ls_cross_valid_method               THROUGHOUT 
_refine.pdbx_method_to_determine_struct          'MOLECULAR REPLACEMENT' 
_refine.pdbx_starting_model                      5I2V 
_refine.pdbx_stereochemistry_target_values       ? 
_refine.pdbx_R_Free_selection_details            ? 
_refine.pdbx_stereochem_target_val_spec_case     ? 
_refine.pdbx_overall_ESU_R                       ? 
_refine.pdbx_overall_ESU_R_Free                  ? 
_refine.pdbx_solvent_vdw_probe_radii             1.1100 
_refine.pdbx_solvent_ion_probe_radii             ? 
_refine.pdbx_solvent_shrinkage_radii             0.9000 
_refine.pdbx_real_space_R                        ? 
_refine.pdbx_density_correlation                 ? 
_refine.pdbx_pd_number_of_powder_patterns        ? 
_refine.pdbx_pd_number_of_points                 ? 
_refine.pdbx_pd_meas_number_of_points            ? 
_refine.pdbx_pd_proc_ls_prof_R_factor            ? 
_refine.pdbx_pd_proc_ls_prof_wR_factor           ? 
_refine.pdbx_pd_Marquardt_correlation_coeff      ? 
_refine.pdbx_pd_Fsqrd_R_factor                   ? 
_refine.pdbx_pd_ls_matrix_band_width             ? 
_refine.pdbx_overall_phase_error                 27.0700 
_refine.pdbx_overall_SU_R_free_Cruickshank_DPI   ? 
_refine.pdbx_overall_SU_R_free_Blow_DPI          ? 
_refine.pdbx_overall_SU_R_Blow_DPI               ? 
_refine.pdbx_TLS_residual_ADP_flag               ? 
_refine.pdbx_diffrn_id                           1 
_refine.overall_SU_B                             ? 
_refine.overall_SU_ML                            0.1200 
_refine.overall_SU_R_Cruickshank_DPI             ? 
_refine.overall_SU_R_free                        ? 
_refine.overall_FOM_free_R_set                   ? 
_refine.overall_FOM_work_R_set                   ? 
_refine.pdbx_average_fsc_overall                 ? 
_refine.pdbx_average_fsc_work                    ? 
_refine.pdbx_average_fsc_free                    ? 
# 
_refine_hist.cycle_id                         final 
_refine_hist.pdbx_refine_id                   'X-RAY DIFFRACTION' 
_refine_hist.d_res_high                       1.6000 
_refine_hist.d_res_low                        29.4090 
_refine_hist.pdbx_number_atoms_ligand         5 
_refine_hist.number_atoms_solvent             64 
_refine_hist.number_atoms_total               1001 
_refine_hist.pdbx_number_residues_total       44 
_refine_hist.pdbx_B_iso_mean_ligand           15.62 
_refine_hist.pdbx_B_iso_mean_solvent          32.74 
_refine_hist.pdbx_number_atoms_protein        0 
_refine_hist.pdbx_number_atoms_nucleic_acid   932 
# 
loop_
_refine_ls_restr_ncs.pdbx_ordinal 
_refine_ls_restr_ncs.pdbx_refine_id 
_refine_ls_restr_ncs.pdbx_ens_id 
_refine_ls_restr_ncs.dom_id 
_refine_ls_restr_ncs.pdbx_type 
_refine_ls_restr_ncs.pdbx_auth_asym_id 
_refine_ls_restr_ncs.pdbx_number 
_refine_ls_restr_ncs.pdbx_rms 
_refine_ls_restr_ncs.weight_position 
_refine_ls_restr_ncs.ncs_model_details 
_refine_ls_restr_ncs.rms_dev_position 
_refine_ls_restr_ncs.rms_dev_B_iso 
_refine_ls_restr_ncs.weight_B_iso 
_refine_ls_restr_ncs.pdbx_asym_id 
_refine_ls_restr_ncs.pdbx_weight 
1 'X-RAY DIFFRACTION' 1 1 TORSIONAL A 394 0.916 ? ? ? ? ? ? ? 
2 'X-RAY DIFFRACTION' 1 2 TORSIONAL B 394 0.916 ? ? ? ? ? ? ? 
# 
loop_
_refine_ls_shell.pdbx_refine_id 
_refine_ls_shell.d_res_high 
_refine_ls_shell.d_res_low 
_refine_ls_shell.number_reflns_all 
_refine_ls_shell.number_reflns_obs 
_refine_ls_shell.number_reflns_R_free 
_refine_ls_shell.number_reflns_R_work 
_refine_ls_shell.percent_reflns_obs 
_refine_ls_shell.percent_reflns_R_free 
_refine_ls_shell.R_factor_all 
_refine_ls_shell.R_factor_obs 
_refine_ls_shell.R_factor_R_free 
_refine_ls_shell.R_factor_R_free_error 
_refine_ls_shell.R_factor_R_work 
_refine_ls_shell.redundancy_reflns_all 
_refine_ls_shell.redundancy_reflns_obs 
_refine_ls_shell.wR_factor_all 
_refine_ls_shell.wR_factor_obs 
_refine_ls_shell.wR_factor_R_free 
_refine_ls_shell.wR_factor_R_work 
_refine_ls_shell.pdbx_total_number_of_bins_used 
_refine_ls_shell.pdbx_phase_error 
_refine_ls_shell.pdbx_fsc_work 
_refine_ls_shell.pdbx_fsc_free 
'X-RAY DIFFRACTION' 1.6000 1.7235  2328 . 121 2207 83.0000  . . . 0.2619 0.0000 0.2269 . . . . . . 5 . . . 
'X-RAY DIFFRACTION' 1.7235 1.8969  2833 . 157 2676 100.0000 . . . 0.2658 0.0000 0.2095 . . . . . . 5 . . . 
'X-RAY DIFFRACTION' 1.8969 2.1714  2835 . 142 2693 100.0000 . . . 0.2732 0.0000 0.2335 . . . . . . 5 . . . 
'X-RAY DIFFRACTION' 2.1714 2.7354  2827 . 126 2701 100.0000 . . . 0.2645 0.0000 0.2407 . . . . . . 5 . . . 
'X-RAY DIFFRACTION' 2.7354 29.4135 2884 . 138 2746 98.0000  . . . 0.2160 0.0000 0.1897 . . . . . . 5 . . . 
# 
loop_
_struct_ncs_dom.pdbx_ens_id 
_struct_ncs_dom.id 
_struct_ncs_dom.details 
1 1 '(chain A and resid 3 through 22)' 
1 2 '(chain B and resid 3 through 22)' 
# 
loop_
_struct_ncs_dom_lim.pdbx_ens_id 
_struct_ncs_dom_lim.dom_id 
_struct_ncs_dom_lim.pdbx_component_id 
_struct_ncs_dom_lim.beg_label_asym_id 
_struct_ncs_dom_lim.beg_label_comp_id 
_struct_ncs_dom_lim.beg_label_seq_id 
_struct_ncs_dom_lim.beg_label_alt_id 
_struct_ncs_dom_lim.end_label_asym_id 
_struct_ncs_dom_lim.end_label_comp_id 
_struct_ncs_dom_lim.end_label_seq_id 
_struct_ncs_dom_lim.end_label_alt_id 
_struct_ncs_dom_lim.beg_auth_asym_id 
_struct_ncs_dom_lim.beg_auth_comp_id 
_struct_ncs_dom_lim.beg_auth_seq_id 
_struct_ncs_dom_lim.end_auth_asym_id 
_struct_ncs_dom_lim.end_auth_comp_id 
_struct_ncs_dom_lim.end_auth_seq_id 
_struct_ncs_dom_lim.pdbx_refine_code 
_struct_ncs_dom_lim.selection_details 
1 1 1 A DG 3 . A DA 22 . A DG 3 A DA 22 ? '(chain A and resid 3 through 22)' 
1 2 1 B DG 3 . B DA 22 . B DG 3 B DA 22 ? '(chain B and resid 3 through 22)' 
# 
_struct_ncs_ens.id        1 
_struct_ncs_ens.details   ? 
# 
_struct.entry_id                     6N65 
_struct.title                        'KRAS G-quadruplex G16T mutant.' 
_struct.pdbx_model_details           ? 
_struct.pdbx_formula_weight          ? 
_struct.pdbx_formula_weight_method   ? 
_struct.pdbx_model_type_details      ? 
_struct.pdbx_CASP_flag               N 
# 
_struct_keywords.entry_id        6N65 
_struct_keywords.text            'KRAS, G-quadruplex, promoter sequence, G16T mutant, DNA' 
_struct_keywords.pdbx_keywords   DNA 
# 
loop_
_struct_asym.id 
_struct_asym.pdbx_blank_PDB_chainid_flag 
_struct_asym.pdbx_modified 
_struct_asym.entity_id 
_struct_asym.details 
A N N 1 ? 
B N N 1 ? 
C N N 2 ? 
D N N 2 ? 
E N N 2 ? 
F N N 2 ? 
G N N 2 ? 
H N N 3 ? 
I N N 3 ? 
# 
loop_
_struct_conn.id 
_struct_conn.conn_type_id 
_struct_conn.pdbx_leaving_atom_flag 
_struct_conn.pdbx_PDB_id 
_struct_conn.ptnr1_label_asym_id 
_struct_conn.ptnr1_label_comp_id 
_struct_conn.ptnr1_label_seq_id 
_struct_conn.ptnr1_label_atom_id 
_struct_conn.pdbx_ptnr1_label_alt_id 
_struct_conn.pdbx_ptnr1_PDB_ins_code 
_struct_conn.pdbx_ptnr1_standard_comp_id 
_struct_conn.ptnr1_symmetry 
_struct_conn.ptnr2_label_asym_id 
_struct_conn.ptnr2_label_comp_id 
_struct_conn.ptnr2_label_seq_id 
_struct_conn.ptnr2_label_atom_id 
_struct_conn.pdbx_ptnr2_label_alt_id 
_struct_conn.pdbx_ptnr2_PDB_ins_code 
_struct_conn.ptnr1_auth_asym_id 
_struct_conn.ptnr1_auth_comp_id 
_struct_conn.ptnr1_auth_seq_id 
_struct_conn.ptnr2_auth_asym_id 
_struct_conn.ptnr2_auth_comp_id 
_struct_conn.ptnr2_auth_seq_id 
_struct_conn.ptnr2_symmetry 
_struct_conn.pdbx_ptnr3_label_atom_id 
_struct_conn.pdbx_ptnr3_label_seq_id 
_struct_conn.pdbx_ptnr3_label_comp_id 
_struct_conn.pdbx_ptnr3_label_asym_id 
_struct_conn.pdbx_ptnr3_label_alt_id 
_struct_conn.pdbx_ptnr3_PDB_ins_code 
_struct_conn.details 
_struct_conn.pdbx_dist_value 
_struct_conn.pdbx_value_order 
_struct_conn.pdbx_role 
metalc1  metalc ? ? A DG 2  O6 A ? ? 1_555 C K  .  K  ? ? A DG 2   A K  101 1_555 ? ? ? ? ? ? ?                       2.733 ? ? 
metalc2  metalc ? ? A DG 2  O6 B ? ? 1_555 C K  .  K  ? ? A DG 2   A K  101 1_555 ? ? ? ? ? ? ?                       2.823 ? ? 
metalc3  metalc ? ? A DG 2  O6 A ? ? 1_555 D K  .  K  ? ? A DG 2   A K  102 1_555 ? ? ? ? ? ? ?                       2.840 ? ? 
metalc4  metalc ? ? A DG 2  O6 B ? ? 1_555 D K  .  K  ? ? A DG 2   A K  102 1_555 ? ? ? ? ? ? ?                       2.712 ? ? 
metalc5  metalc ? ? A DG 3  O6 ? ? ? 1_555 D K  .  K  ? ? A DG 3   A K  102 1_555 ? ? ? ? ? ? ?                       2.754 ? ? 
metalc6  metalc ? ? A DG 3  O6 ? ? ? 1_555 E K  .  K  ? ? A DG 3   A K  103 1_555 ? ? ? ? ? ? ?                       2.961 ? ? 
metalc7  metalc ? ? A DG 4  O6 ? ? ? 1_555 E K  .  K  ? ? A DG 4   A K  103 1_555 ? ? ? ? ? ? ?                       2.646 ? ? 
metalc8  metalc ? ? A DG 6  O6 ? ? ? 1_555 C K  .  K  ? ? A DG 6   A K  101 1_555 ? ? ? ? ? ? ?                       2.834 ? ? 
metalc9  metalc ? ? A DG 6  O6 ? ? ? 1_555 D K  .  K  ? ? A DG 6   A K  102 1_555 ? ? ? ? ? ? ?                       2.785 ? ? 
metalc10 metalc ? ? A DG 7  O6 ? ? ? 1_555 D K  .  K  ? ? A DG 7   A K  102 1_555 ? ? ? ? ? ? ?                       2.712 ? ? 
metalc11 metalc ? ? A DG 7  O6 ? ? ? 1_555 E K  .  K  ? ? A DG 7   A K  103 1_555 ? ? ? ? ? ? ?                       2.946 ? ? 
metalc12 metalc ? ? A DG 9  O6 ? ? ? 1_555 E K  .  K  ? ? A DG 9   A K  103 1_555 ? ? ? ? ? ? ?                       2.744 ? ? 
metalc13 metalc ? ? A DG 11 O6 ? ? ? 1_555 C K  .  K  ? ? A DG 11  A K  101 1_555 ? ? ? ? ? ? ?                       2.772 ? ? 
metalc14 metalc ? ? A DG 11 O6 ? ? ? 1_555 D K  .  K  ? ? A DG 11  A K  102 1_555 ? ? ? ? ? ? ?                       2.861 ? ? 
metalc15 metalc ? ? A DG 12 O6 ? ? ? 1_555 D K  .  K  ? ? A DG 12  A K  102 1_555 ? ? ? ? ? ? ?                       2.639 ? ? 
metalc16 metalc ? ? A DG 12 O6 ? ? ? 1_555 E K  .  K  ? ? A DG 12  A K  103 1_555 ? ? ? ? ? ? ?                       2.957 ? ? 
metalc17 metalc ? ? A DG 13 O6 ? ? ? 1_555 E K  .  K  ? ? A DG 13  A K  103 1_555 ? ? ? ? ? ? ?                       2.733 ? ? 
metalc18 metalc ? ? A DG 18 O6 ? ? ? 1_555 C K  .  K  ? ? A DG 18  A K  101 1_555 ? ? ? ? ? ? ?                       2.813 ? ? 
metalc19 metalc ? ? A DG 18 O6 ? ? ? 1_555 D K  .  K  ? ? A DG 18  A K  102 1_555 ? ? ? ? ? ? ?                       2.828 ? ? 
metalc20 metalc ? ? A DG 19 O6 ? ? ? 1_555 D K  .  K  ? ? A DG 19  A K  102 1_555 ? ? ? ? ? ? ?                       2.741 ? ? 
metalc21 metalc ? ? A DG 19 O6 ? ? ? 1_555 E K  .  K  ? ? A DG 19  A K  103 1_555 ? ? ? ? ? ? ?                       2.923 ? ? 
metalc22 metalc ? ? A DG 20 O6 ? ? ? 1_555 E K  .  K  ? ? A DG 20  A K  103 1_555 ? ? ? ? ? ? ?                       2.697 ? ? 
metalc23 metalc ? ? C K  .  K  ? ? ? 1_555 B DG 2  O6 A ? A K  101 B DG 2   1_555 ? ? ? ? ? ? ?                       2.826 ? ? 
metalc24 metalc ? ? C K  .  K  ? ? ? 1_555 B DG 2  O6 B ? A K  101 B DG 2   1_555 ? ? ? ? ? ? ?                       2.758 ? ? 
metalc25 metalc ? ? C K  .  K  ? ? ? 1_555 B DG 6  O6 ? ? A K  101 B DG 6   1_555 ? ? ? ? ? ? ?                       2.811 ? ? 
metalc26 metalc ? ? C K  .  K  ? ? ? 1_555 B DG 11 O6 ? ? A K  101 B DG 11  1_555 ? ? ? ? ? ? ?                       2.824 ? ? 
metalc27 metalc ? ? C K  .  K  ? ? ? 1_555 B DG 18 O6 ? ? A K  101 B DG 18  1_555 ? ? ? ? ? ? ?                       2.783 ? ? 
metalc28 metalc ? ? B DG 2  O6 A ? ? 1_555 F K  .  K  ? ? B DG 2   B K  101 1_555 ? ? ? ? ? ? ?                       2.835 ? ? 
metalc29 metalc ? ? B DG 2  O6 B ? ? 1_555 F K  .  K  ? ? B DG 2   B K  101 1_555 ? ? ? ? ? ? ?                       2.680 ? ? 
metalc30 metalc ? ? B DG 3  O6 ? ? ? 1_555 F K  .  K  ? ? B DG 3   B K  101 1_555 ? ? ? ? ? ? ?                       2.775 ? ? 
metalc31 metalc ? ? B DG 3  O6 ? ? ? 1_555 G K  .  K  ? ? B DG 3   B K  102 1_555 ? ? ? ? ? ? ?                       2.974 ? ? 
metalc32 metalc ? ? B DG 4  O6 ? ? ? 1_555 G K  .  K  ? ? B DG 4   B K  102 1_555 ? ? ? ? ? ? ?                       2.671 ? ? 
metalc33 metalc ? ? B DG 6  O6 ? ? ? 1_555 F K  .  K  ? ? B DG 6   B K  101 1_555 ? ? ? ? ? ? ?                       2.794 ? ? 
metalc34 metalc ? ? B DG 7  O6 ? ? ? 1_555 F K  .  K  ? ? B DG 7   B K  101 1_555 ? ? ? ? ? ? ?                       2.721 ? ? 
metalc35 metalc ? ? B DG 7  O6 ? ? ? 1_555 G K  .  K  ? ? B DG 7   B K  102 1_555 ? ? ? ? ? ? ?                       2.983 ? ? 
metalc36 metalc ? ? B DG 9  O6 ? ? ? 1_555 G K  .  K  ? ? B DG 9   B K  102 1_555 ? ? ? ? ? ? ?                       2.764 ? ? 
metalc37 metalc ? ? B DG 11 O6 ? ? ? 1_555 F K  .  K  ? ? B DG 11  B K  101 1_555 ? ? ? ? ? ? ?                       2.876 ? ? 
metalc38 metalc ? ? B DG 12 O6 ? ? ? 1_555 F K  .  K  ? ? B DG 12  B K  101 1_555 ? ? ? ? ? ? ?                       2.670 ? ? 
metalc39 metalc ? ? B DG 12 O6 ? ? ? 1_555 G K  .  K  ? ? B DG 12  B K  102 1_555 ? ? ? ? ? ? ?                       2.983 ? ? 
metalc40 metalc ? ? B DG 13 O6 ? ? ? 1_555 G K  .  K  ? ? B DG 13  B K  102 1_555 ? ? ? ? ? ? ?                       2.710 ? ? 
metalc41 metalc ? ? B DG 18 O6 ? ? ? 1_555 F K  .  K  ? ? B DG 18  B K  101 1_555 ? ? ? ? ? ? ?                       2.858 ? ? 
metalc42 metalc ? ? B DG 19 O6 ? ? ? 1_555 F K  .  K  ? ? B DG 19  B K  101 1_555 ? ? ? ? ? ? ?                       2.730 ? ? 
metalc43 metalc ? ? B DG 19 O6 ? ? ? 1_555 G K  .  K  ? ? B DG 19  B K  102 1_555 ? ? ? ? ? ? ?                       2.916 ? ? 
metalc44 metalc ? ? B DG 20 O6 ? ? ? 1_555 G K  .  K  ? ? B DG 20  B K  102 1_555 ? ? ? ? ? ? ?                       2.673 ? ? 
hydrog1  hydrog ? ? A DG 2  N1 A ? ? 1_555 A DG 6  O6 ? ? A DG 2   A DG 6   1_555 ? ? ? ? ? ? TYPE_6_PAIR             ?     ? ? 
hydrog2  hydrog ? ? A DG 2  N1 B ? ? 1_555 A DG 6  O6 ? ? A DG 2   A DG 6   1_555 ? ? ? ? ? ? TYPE_6_PAIR             ?     ? ? 
hydrog3  hydrog ? ? A DG 2  N2 A ? ? 1_555 A DG 6  N7 ? ? A DG 2   A DG 6   1_555 ? ? ? ? ? ? TYPE_6_PAIR             ?     ? ? 
hydrog4  hydrog ? ? A DG 2  N2 B ? ? 1_555 A DG 6  N7 ? ? A DG 2   A DG 6   1_555 ? ? ? ? ? ? TYPE_6_PAIR             ?     ? ? 
hydrog5  hydrog ? ? A DG 2  N7 A ? ? 1_555 A DG 18 N2 ? ? A DG 2   A DG 18  1_555 ? ? ? ? ? ? TYPE_6_PAIR             ?     ? ? 
hydrog6  hydrog ? ? A DG 2  N7 B ? ? 1_555 A DG 18 N2 ? ? A DG 2   A DG 18  1_555 ? ? ? ? ? ? TYPE_6_PAIR             ?     ? ? 
hydrog7  hydrog ? ? A DG 2  O6 A ? ? 1_555 A DG 18 N1 ? ? A DG 2   A DG 18  1_555 ? ? ? ? ? ? TYPE_6_PAIR             ?     ? ? 
hydrog8  hydrog ? ? A DG 2  O6 B ? ? 1_555 A DG 18 N1 ? ? A DG 2   A DG 18  1_555 ? ? ? ? ? ? TYPE_6_PAIR             ?     ? ? 
hydrog9  hydrog ? ? A DG 3  N1 ? ? ? 1_555 A DG 7  O6 ? ? A DG 3   A DG 7   1_555 ? ? ? ? ? ? TYPE_6_PAIR             ?     ? ? 
hydrog10 hydrog ? ? A DG 3  N2 ? ? ? 1_555 A DG 7  N7 ? ? A DG 3   A DG 7   1_555 ? ? ? ? ? ? TYPE_6_PAIR             ?     ? ? 
hydrog11 hydrog ? ? A DG 3  N7 ? ? ? 1_555 A DG 19 N2 ? ? A DG 3   A DG 19  1_555 ? ? ? ? ? ? TYPE_6_PAIR             ?     ? ? 
hydrog12 hydrog ? ? A DG 3  O6 ? ? ? 1_555 A DG 19 N1 ? ? A DG 3   A DG 19  1_555 ? ? ? ? ? ? TYPE_6_PAIR             ?     ? ? 
hydrog13 hydrog ? ? A DG 4  N1 ? ? ? 1_555 A DG 9  O6 ? ? A DG 4   A DG 9   1_555 ? ? ? ? ? ? TYPE_6_PAIR             ?     ? ? 
hydrog14 hydrog ? ? A DG 4  N2 ? ? ? 1_555 A DG 9  N7 ? ? A DG 4   A DG 9   1_555 ? ? ? ? ? ? TYPE_6_PAIR             ?     ? ? 
hydrog15 hydrog ? ? A DG 4  N7 ? ? ? 1_555 A DG 20 N2 ? ? A DG 4   A DG 20  1_555 ? ? ? ? ? ? TYPE_6_PAIR             ?     ? ? 
hydrog16 hydrog ? ? A DG 4  O6 ? ? ? 1_555 A DG 20 N1 ? ? A DG 4   A DG 20  1_555 ? ? ? ? ? ? TYPE_6_PAIR             ?     ? ? 
hydrog17 hydrog ? ? A DG 6  N1 ? ? ? 1_555 A DG 11 O6 ? ? A DG 6   A DG 11  1_555 ? ? ? ? ? ? TYPE_6_PAIR             ?     ? ? 
hydrog18 hydrog ? ? A DG 6  N2 ? ? ? 1_555 A DG 11 N7 ? ? A DG 6   A DG 11  1_555 ? ? ? ? ? ? TYPE_6_PAIR             ?     ? ? 
hydrog19 hydrog ? ? A DG 7  N1 ? ? ? 1_555 A DG 12 O6 ? ? A DG 7   A DG 12  1_555 ? ? ? ? ? ? TYPE_6_PAIR             ?     ? ? 
hydrog20 hydrog ? ? A DG 7  N2 ? ? ? 1_555 A DG 12 N7 ? ? A DG 7   A DG 12  1_555 ? ? ? ? ? ? TYPE_6_PAIR             ?     ? ? 
hydrog21 hydrog ? ? A DT 8  N3 ? ? ? 1_555 A DA 22 N1 ? ? A DT 8   A DA 22  1_555 ? ? ? ? ? ? 'REVERSED WATSON-CRICK' ?     ? ? 
hydrog22 hydrog ? ? A DT 8  O2 ? ? ? 1_555 A DA 22 N6 ? ? A DT 8   A DA 22  1_555 ? ? ? ? ? ? 'REVERSED WATSON-CRICK' ?     ? ? 
hydrog23 hydrog ? ? A DG 9  N1 ? ? ? 1_555 A DG 13 O6 ? ? A DG 9   A DG 13  1_555 ? ? ? ? ? ? TYPE_6_PAIR             ?     ? ? 
hydrog24 hydrog ? ? A DG 9  N2 ? ? ? 1_555 A DG 13 N7 ? ? A DG 9   A DG 13  1_555 ? ? ? ? ? ? TYPE_6_PAIR             ?     ? ? 
hydrog25 hydrog ? ? A DG 11 N1 ? ? ? 1_555 A DG 18 O6 ? ? A DG 11  A DG 18  1_555 ? ? ? ? ? ? TYPE_6_PAIR             ?     ? ? 
hydrog26 hydrog ? ? A DG 11 N2 ? ? ? 1_555 A DG 18 N7 ? ? A DG 11  A DG 18  1_555 ? ? ? ? ? ? TYPE_6_PAIR             ?     ? ? 
hydrog27 hydrog ? ? A DG 12 N1 ? ? ? 1_555 A DG 19 O6 ? ? A DG 12  A DG 19  1_555 ? ? ? ? ? ? TYPE_6_PAIR             ?     ? ? 
hydrog28 hydrog ? ? A DG 12 N2 ? ? ? 1_555 A DG 19 N7 ? ? A DG 12  A DG 19  1_555 ? ? ? ? ? ? TYPE_6_PAIR             ?     ? ? 
hydrog29 hydrog ? ? A DG 13 N1 ? ? ? 1_555 A DG 20 O6 ? ? A DG 13  A DG 20  1_555 ? ? ? ? ? ? TYPE_6_PAIR             ?     ? ? 
hydrog30 hydrog ? ? A DG 13 N2 ? ? ? 1_555 A DG 20 N7 ? ? A DG 13  A DG 20  1_555 ? ? ? ? ? ? TYPE_6_PAIR             ?     ? ? 
hydrog31 hydrog ? ? B DG 2  N1 A ? ? 1_555 B DG 6  O6 ? ? B DG 2   B DG 6   1_555 ? ? ? ? ? ? TYPE_6_PAIR             ?     ? ? 
hydrog32 hydrog ? ? B DG 2  N1 B ? ? 1_555 B DG 6  O6 ? ? B DG 2   B DG 6   1_555 ? ? ? ? ? ? TYPE_6_PAIR             ?     ? ? 
hydrog33 hydrog ? ? B DG 2  N2 A ? ? 1_555 B DG 6  N7 ? ? B DG 2   B DG 6   1_555 ? ? ? ? ? ? TYPE_6_PAIR             ?     ? ? 
hydrog34 hydrog ? ? B DG 2  N2 B ? ? 1_555 B DG 6  N7 ? ? B DG 2   B DG 6   1_555 ? ? ? ? ? ? TYPE_6_PAIR             ?     ? ? 
hydrog35 hydrog ? ? B DG 2  N7 A ? ? 1_555 B DG 18 N2 ? ? B DG 2   B DG 18  1_555 ? ? ? ? ? ? TYPE_6_PAIR             ?     ? ? 
hydrog36 hydrog ? ? B DG 2  N7 B ? ? 1_555 B DG 18 N2 ? ? B DG 2   B DG 18  1_555 ? ? ? ? ? ? TYPE_6_PAIR             ?     ? ? 
hydrog37 hydrog ? ? B DG 2  O6 A ? ? 1_555 B DG 18 N1 ? ? B DG 2   B DG 18  1_555 ? ? ? ? ? ? TYPE_6_PAIR             ?     ? ? 
hydrog38 hydrog ? ? B DG 2  O6 B ? ? 1_555 B DG 18 N1 ? ? B DG 2   B DG 18  1_555 ? ? ? ? ? ? TYPE_6_PAIR             ?     ? ? 
hydrog39 hydrog ? ? B DG 3  N1 ? ? ? 1_555 B DG 7  O6 ? ? B DG 3   B DG 7   1_555 ? ? ? ? ? ? TYPE_6_PAIR             ?     ? ? 
hydrog40 hydrog ? ? B DG 3  N2 ? ? ? 1_555 B DG 7  N7 ? ? B DG 3   B DG 7   1_555 ? ? ? ? ? ? TYPE_6_PAIR             ?     ? ? 
hydrog41 hydrog ? ? B DG 3  N7 ? ? ? 1_555 B DG 19 N2 ? ? B DG 3   B DG 19  1_555 ? ? ? ? ? ? TYPE_6_PAIR             ?     ? ? 
hydrog42 hydrog ? ? B DG 3  O6 ? ? ? 1_555 B DG 19 N1 ? ? B DG 3   B DG 19  1_555 ? ? ? ? ? ? TYPE_6_PAIR             ?     ? ? 
hydrog43 hydrog ? ? B DG 4  N1 ? ? ? 1_555 B DG 9  O6 ? ? B DG 4   B DG 9   1_555 ? ? ? ? ? ? TYPE_6_PAIR             ?     ? ? 
hydrog44 hydrog ? ? B DG 4  N2 ? ? ? 1_555 B DG 9  N7 ? ? B DG 4   B DG 9   1_555 ? ? ? ? ? ? TYPE_6_PAIR             ?     ? ? 
hydrog45 hydrog ? ? B DG 4  N7 ? ? ? 1_555 B DG 20 N2 ? ? B DG 4   B DG 20  1_555 ? ? ? ? ? ? TYPE_6_PAIR             ?     ? ? 
hydrog46 hydrog ? ? B DG 4  O6 ? ? ? 1_555 B DG 20 N1 ? ? B DG 4   B DG 20  1_555 ? ? ? ? ? ? TYPE_6_PAIR             ?     ? ? 
hydrog47 hydrog ? ? B DG 6  N1 ? ? ? 1_555 B DG 11 O6 ? ? B DG 6   B DG 11  1_555 ? ? ? ? ? ? TYPE_6_PAIR             ?     ? ? 
hydrog48 hydrog ? ? B DG 6  N2 ? ? ? 1_555 B DG 11 N7 ? ? B DG 6   B DG 11  1_555 ? ? ? ? ? ? TYPE_6_PAIR             ?     ? ? 
hydrog49 hydrog ? ? B DG 7  N1 ? ? ? 1_555 B DG 12 O6 ? ? B DG 7   B DG 12  1_555 ? ? ? ? ? ? TYPE_6_PAIR             ?     ? ? 
hydrog50 hydrog ? ? B DG 7  N2 ? ? ? 1_555 B DG 12 N7 ? ? B DG 7   B DG 12  1_555 ? ? ? ? ? ? TYPE_6_PAIR             ?     ? ? 
hydrog51 hydrog ? ? B DT 8  N3 ? ? ? 1_555 B DA 22 N1 ? ? B DT 8   B DA 22  1_555 ? ? ? ? ? ? 'REVERSED WATSON-CRICK' ?     ? ? 
hydrog52 hydrog ? ? B DT 8  O2 ? ? ? 1_555 B DA 22 N6 ? ? B DT 8   B DA 22  1_555 ? ? ? ? ? ? 'REVERSED WATSON-CRICK' ?     ? ? 
hydrog53 hydrog ? ? B DG 9  N1 ? ? ? 1_555 B DG 13 O6 ? ? B DG 9   B DG 13  1_555 ? ? ? ? ? ? TYPE_6_PAIR             ?     ? ? 
hydrog54 hydrog ? ? B DG 9  N2 ? ? ? 1_555 B DG 13 N7 ? ? B DG 9   B DG 13  1_555 ? ? ? ? ? ? TYPE_6_PAIR             ?     ? ? 
hydrog55 hydrog ? ? B DG 11 N1 ? ? ? 1_555 B DG 18 O6 ? ? B DG 11  B DG 18  1_555 ? ? ? ? ? ? TYPE_6_PAIR             ?     ? ? 
hydrog56 hydrog ? ? B DG 11 N2 ? ? ? 1_555 B DG 18 N7 ? ? B DG 11  B DG 18  1_555 ? ? ? ? ? ? TYPE_6_PAIR             ?     ? ? 
hydrog57 hydrog ? ? B DG 12 N1 ? ? ? 1_555 B DG 19 O6 ? ? B DG 12  B DG 19  1_555 ? ? ? ? ? ? TYPE_6_PAIR             ?     ? ? 
hydrog58 hydrog ? ? B DG 12 N2 ? ? ? 1_555 B DG 19 N7 ? ? B DG 12  B DG 19  1_555 ? ? ? ? ? ? TYPE_6_PAIR             ?     ? ? 
hydrog59 hydrog ? ? B DG 13 N1 ? ? ? 1_555 B DG 20 O6 ? ? B DG 13  B DG 20  1_555 ? ? ? ? ? ? TYPE_6_PAIR             ?     ? ? 
hydrog60 hydrog ? ? B DG 13 N2 ? ? ? 1_555 B DG 20 N7 ? ? B DG 13  B DG 20  1_555 ? ? ? ? ? ? TYPE_6_PAIR             ?     ? ? 
# 
loop_
_struct_conn_type.id 
_struct_conn_type.criteria 
_struct_conn_type.reference 
metalc ? ? 
hydrog ? ? 
# 
loop_
_struct_site.id 
_struct_site.pdbx_evidence_code 
_struct_site.pdbx_auth_asym_id 
_struct_site.pdbx_auth_comp_id 
_struct_site.pdbx_auth_seq_id 
_struct_site.pdbx_auth_ins_code 
_struct_site.pdbx_num_residues 
_struct_site.details 
AC1 Software A K 101 ? 10 'binding site for residue K A 101' 
AC2 Software A K 102 ? 10 'binding site for residue K A 102' 
AC3 Software A K 103 ? 9  'binding site for residue K A 103' 
AC4 Software B K 101 ? 10 'binding site for residue K B 101' 
AC5 Software B K 102 ? 9  'binding site for residue K B 102' 
# 
loop_
_struct_site_gen.id 
_struct_site_gen.site_id 
_struct_site_gen.pdbx_num_res 
_struct_site_gen.label_comp_id 
_struct_site_gen.label_asym_id 
_struct_site_gen.label_seq_id 
_struct_site_gen.pdbx_auth_ins_code 
_struct_site_gen.auth_comp_id 
_struct_site_gen.auth_asym_id 
_struct_site_gen.auth_seq_id 
_struct_site_gen.label_atom_id 
_struct_site_gen.label_alt_id 
_struct_site_gen.symmetry 
_struct_site_gen.details 
1  AC1 10 DG A 2  ? DG A 2   . ? 1_555 ? 
2  AC1 10 DG A 6  ? DG A 6   . ? 1_555 ? 
3  AC1 10 DG A 11 ? DG A 11  . ? 1_555 ? 
4  AC1 10 DG A 18 ? DG A 18  . ? 1_555 ? 
5  AC1 10 K  D .  ? K  A 102 . ? 1_555 ? 
6  AC1 10 DG B 2  ? DG B 2   . ? 1_555 ? 
7  AC1 10 DG B 6  ? DG B 6   . ? 1_555 ? 
8  AC1 10 DG B 11 ? DG B 11  . ? 1_555 ? 
9  AC1 10 DG B 18 ? DG B 18  . ? 1_555 ? 
10 AC1 10 K  F .  ? K  B 101 . ? 1_555 ? 
11 AC2 10 DG A 2  ? DG A 2   . ? 1_555 ? 
12 AC2 10 DG A 3  ? DG A 3   . ? 1_555 ? 
13 AC2 10 DG A 6  ? DG A 6   . ? 1_555 ? 
14 AC2 10 DG A 7  ? DG A 7   . ? 1_555 ? 
15 AC2 10 DG A 11 ? DG A 11  . ? 1_555 ? 
16 AC2 10 DG A 12 ? DG A 12  . ? 1_555 ? 
17 AC2 10 DG A 18 ? DG A 18  . ? 1_555 ? 
18 AC2 10 DG A 19 ? DG A 19  . ? 1_555 ? 
19 AC2 10 K  C .  ? K  A 101 . ? 1_555 ? 
20 AC2 10 K  E .  ? K  A 103 . ? 1_555 ? 
21 AC3 9  DG A 3  ? DG A 3   . ? 1_555 ? 
22 AC3 9  DG A 4  ? DG A 4   . ? 1_555 ? 
23 AC3 9  DG A 7  ? DG A 7   . ? 1_555 ? 
24 AC3 9  DG A 9  ? DG A 9   . ? 1_555 ? 
25 AC3 9  DG A 12 ? DG A 12  . ? 1_555 ? 
26 AC3 9  DG A 13 ? DG A 13  . ? 1_555 ? 
27 AC3 9  DG A 19 ? DG A 19  . ? 1_555 ? 
28 AC3 9  DG A 20 ? DG A 20  . ? 1_555 ? 
29 AC3 9  K  D .  ? K  A 102 . ? 1_555 ? 
30 AC4 10 K  C .  ? K  A 101 . ? 1_555 ? 
31 AC4 10 DG B 2  ? DG B 2   . ? 1_555 ? 
32 AC4 10 DG B 3  ? DG B 3   . ? 1_555 ? 
33 AC4 10 DG B 6  ? DG B 6   . ? 1_555 ? 
34 AC4 10 DG B 7  ? DG B 7   . ? 1_555 ? 
35 AC4 10 DG B 11 ? DG B 11  . ? 1_555 ? 
36 AC4 10 DG B 12 ? DG B 12  . ? 1_555 ? 
37 AC4 10 DG B 18 ? DG B 18  . ? 1_555 ? 
38 AC4 10 DG B 19 ? DG B 19  . ? 1_555 ? 
39 AC4 10 K  G .  ? K  B 102 . ? 1_555 ? 
40 AC5 9  DG B 3  ? DG B 3   . ? 1_555 ? 
41 AC5 9  DG B 4  ? DG B 4   . ? 1_555 ? 
42 AC5 9  DG B 7  ? DG B 7   . ? 1_555 ? 
43 AC5 9  DG B 9  ? DG B 9   . ? 1_555 ? 
44 AC5 9  DG B 12 ? DG B 12  . ? 1_555 ? 
45 AC5 9  DG B 13 ? DG B 13  . ? 1_555 ? 
46 AC5 9  DG B 19 ? DG B 19  . ? 1_555 ? 
47 AC5 9  DG B 20 ? DG B 20  . ? 1_555 ? 
48 AC5 9  K  F .  ? K  B 101 . ? 1_555 ? 
# 
_atom_sites.entry_id                    6N65 
_atom_sites.fract_transf_matrix[1][1]   0.01007263 
_atom_sites.fract_transf_matrix[1][2]   -0.01098557 
_atom_sites.fract_transf_matrix[1][3]   -0.02577307 
_atom_sites.fract_transf_matrix[2][1]   -0.00150059 
_atom_sites.fract_transf_matrix[2][2]   -0.03071116 
_atom_sites.fract_transf_matrix[2][3]   0.01250393 
_atom_sites.fract_transf_matrix[3][1]   -0.01724031 
_atom_sites.fract_transf_matrix[3][2]   -0.00221707 
_atom_sites.fract_transf_matrix[3][3]   -0.00751439 
_atom_sites.fract_transf_vector[1]      -0.072180 
_atom_sites.fract_transf_vector[2]      0.000831 
_atom_sites.fract_transf_vector[3]      0.246785 
# 
loop_
_atom_type.symbol 
C 
K 
N 
O 
P 
# 
loop_
_atom_site.group_PDB 
_atom_site.id 
_atom_site.type_symbol 
_atom_site.label_atom_id 
_atom_site.label_alt_id 
_atom_site.label_comp_id 
_atom_site.label_asym_id 
_atom_site.label_entity_id 
_atom_site.label_seq_id 
_atom_site.pdbx_PDB_ins_code 
_atom_site.Cartn_x 
_atom_site.Cartn_y 
_atom_site.Cartn_z 
_atom_site.occupancy 
_atom_site.B_iso_or_equiv 
_atom_site.pdbx_formal_charge 
_atom_site.auth_seq_id 
_atom_site.auth_comp_id 
_atom_site.auth_asym_id 
_atom_site.auth_atom_id 
_atom_site.pdbx_PDB_model_num 
ATOM   1    O "O5'" A DA  A 1 1  ? 3.671   4.651   -7.575  0.44 36.28 ? 1   DA  A "O5'" 1 
ATOM   2    O "O5'" B DA  A 1 1  ? 3.554   6.437   -9.333  0.56 34.50 ? 1   DA  A "O5'" 1 
ATOM   3    C "C5'" A DA  A 1 1  ? 3.714   5.511   -8.707  0.44 32.28 ? 1   DA  A "C5'" 1 
ATOM   4    C "C5'" B DA  A 1 1  ? 3.490   7.158   -8.102  0.56 31.64 ? 1   DA  A "C5'" 1 
ATOM   5    C "C4'" A DA  A 1 1  ? 3.648   6.969   -8.281  0.44 32.06 ? 1   DA  A "C4'" 1 
ATOM   6    C "C4'" B DA  A 1 1  ? 2.720   8.452   -8.277  0.56 30.05 ? 1   DA  A "C4'" 1 
ATOM   7    O "O4'" A DA  A 1 1  ? 3.980   7.814   -9.409  0.44 29.63 ? 1   DA  A "O4'" 1 
ATOM   8    O "O4'" B DA  A 1 1  ? 3.073   9.055   -9.549  0.56 26.65 ? 1   DA  A "O4'" 1 
ATOM   9    C "C3'" A DA  A 1 1  ? 2.274   7.445   -7.868  0.44 29.83 ? 1   DA  A "C3'" 1 
ATOM   10   C "C3'" B DA  A 1 1  ? 1.202   8.302   -8.297  0.56 28.04 ? 1   DA  A "C3'" 1 
ATOM   11   O "O3'" A DA  A 1 1  ? 2.392   8.695   -7.186  0.44 31.42 ? 1   DA  A "O3'" 1 
ATOM   12   O "O3'" B DA  A 1 1  ? 0.596   9.425   -7.671  0.56 30.21 ? 1   DA  A "O3'" 1 
ATOM   13   C "C2'" A DA  A 1 1  ? 1.637   7.644   -9.240  0.44 28.11 ? 1   DA  A "C2'" 1 
ATOM   14   C "C2'" B DA  A 1 1  ? 0.889   8.255   -9.788  0.56 27.99 ? 1   DA  A "C2'" 1 
ATOM   15   C "C1'" A DA  A 1 1  ? 2.788   8.350   -9.959  0.44 27.67 ? 1   DA  A "C1'" 1 
ATOM   16   C "C1'" B DA  A 1 1  ? 1.913   9.242   -10.327 0.56 25.91 ? 1   DA  A "C1'" 1 
ATOM   17   N N9    A DA  A 1 1  ? 2.838   8.146   -11.405 0.44 25.75 ? 1   DA  A N9    1 
ATOM   18   N N9    B DA  A 1 1  ? 2.266   9.033   -11.729 0.56 25.42 ? 1   DA  A N9    1 
ATOM   19   C C8    A DA  A 1 1  ? 3.328   7.052   -12.059 0.44 25.08 ? 1   DA  A C8    1 
ATOM   20   C C8    B DA  A 1 1  ? 2.940   7.968   -12.262 0.56 25.69 ? 1   DA  A C8    1 
ATOM   21   N N7    A DA  A 1 1  ? 3.290   7.156   -13.363 0.44 26.46 ? 1   DA  A N7    1 
ATOM   22   N N7    B DA  A 1 1  ? 3.133   8.061   -13.559 0.56 24.58 ? 1   DA  A N7    1 
ATOM   23   C C5    A DA  A 1 1  ? 2.754   8.411   -13.581 0.44 25.03 ? 1   DA  A C5    1 
ATOM   24   C C5    B DA  A 1 1  ? 2.545   9.268   -13.896 0.56 25.24 ? 1   DA  A C5    1 
ATOM   25   C C6    A DA  A 1 1  ? 2.459   9.118   -14.756 0.44 26.09 ? 1   DA  A C6    1 
ATOM   26   C C6    B DA  A 1 1  ? 2.406   9.948   -15.124 0.56 26.06 ? 1   DA  A C6    1 
ATOM   27   N N6    A DA  A 1 1  ? 2.670   8.625   -15.982 0.44 29.52 ? 1   DA  A N6    1 
ATOM   28   N N6    B DA  A 1 1  ? 2.871   9.475   -16.285 0.56 29.73 ? 1   DA  A N6    1 
ATOM   29   N N1    A DA  A 1 1  ? 1.930   10.353  -14.626 0.44 26.04 ? 1   DA  A N1    1 
ATOM   30   N N1    B DA  A 1 1  ? 1.766   11.134  -15.111 0.56 27.41 ? 1   DA  A N1    1 
ATOM   31   C C2    A DA  A 1 1  ? 1.714   10.836  -13.398 0.44 25.52 ? 1   DA  A C2    1 
ATOM   32   C C2    B DA  A 1 1  ? 1.295   11.602  -13.948 0.56 25.51 ? 1   DA  A C2    1 
ATOM   33   N N3    A DA  A 1 1  ? 1.953   10.265  -12.218 0.44 24.85 ? 1   DA  A N3    1 
ATOM   34   N N3    B DA  A 1 1  ? 1.368   11.058  -12.734 0.56 26.79 ? 1   DA  A N3    1 
ATOM   35   C C4    A DA  A 1 1  ? 2.476   9.041   -12.384 0.44 25.45 ? 1   DA  A C4    1 
ATOM   36   C C4    B DA  A 1 1  ? 2.007   9.879   -12.779 0.56 23.66 ? 1   DA  A C4    1 
ATOM   37   P P     A DG  A 1 2  ? 2.838   8.776   -5.641  0.44 30.80 ? 2   DG  A P     1 
ATOM   38   P P     B DG  A 1 2  ? -0.699  9.224   -6.745  0.56 28.63 ? 2   DG  A P     1 
ATOM   39   O OP1   A DG  A 1 2  ? 3.118   10.211  -5.412  0.44 25.53 ? 2   DG  A OP1   1 
ATOM   40   O OP1   B DG  A 1 2  ? -1.572  8.241   -7.423  0.56 29.62 ? 2   DG  A OP1   1 
ATOM   41   O OP2   A DG  A 1 2  ? 3.880   7.777   -5.316  0.44 27.36 ? 2   DG  A OP2   1 
ATOM   42   O OP2   B DG  A 1 2  ? -1.210  10.561  -6.365  0.56 30.69 ? 2   DG  A OP2   1 
ATOM   43   O "O5'" A DG  A 1 2  ? 1.510   8.405   -4.836  0.44 23.78 ? 2   DG  A "O5'" 1 
ATOM   44   O "O5'" B DG  A 1 2  ? -0.128  8.478   -5.454  0.56 25.75 ? 2   DG  A "O5'" 1 
ATOM   45   C "C5'" A DG  A 1 2  ? 0.411   9.311   -4.820  0.44 24.31 ? 2   DG  A "C5'" 1 
ATOM   46   C "C5'" B DG  A 1 2  ? 0.873   9.086   -4.691  0.56 24.48 ? 2   DG  A "C5'" 1 
ATOM   47   C "C4'" A DG  A 1 2  ? 0.015   9.660   -3.399  0.44 23.63 ? 2   DG  A "C4'" 1 
ATOM   48   C "C4'" B DG  A 1 2  ? 0.300   9.576   -3.391  0.56 23.65 ? 2   DG  A "C4'" 1 
ATOM   49   O "O4'" A DG  A 1 2  ? -0.388  8.452   -2.702  0.44 20.78 ? 2   DG  A "O4'" 1 
ATOM   50   O "O4'" B DG  A 1 2  ? -0.189  8.437   -2.636  0.56 20.62 ? 2   DG  A "O4'" 1 
ATOM   51   C "C3'" A DG  A 1 2  ? 1.116   10.293  -2.548  0.44 24.88 ? 2   DG  A "C3'" 1 
ATOM   52   C "C3'" B DG  A 1 2  ? 1.294   10.278  -2.489  0.56 25.02 ? 2   DG  A "C3'" 1 
ATOM   53   O "O3'" A DG  A 1 2  ? 0.574   11.364  -1.788  0.44 27.65 ? 2   DG  A "O3'" 1 
ATOM   54   O "O3'" B DG  A 1 2  ? 0.651   11.322  -1.804  0.56 27.73 ? 2   DG  A "O3'" 1 
ATOM   55   C "C2'" A DG  A 1 2  ? 1.570   9.144   -1.645  0.44 22.87 ? 2   DG  A "C2'" 1 
ATOM   56   C "C2'" B DG  A 1 2  ? 1.741   9.171   -1.536  0.56 22.79 ? 2   DG  A "C2'" 1 
ATOM   57   C "C1'" A DG  A 1 2  ? 0.269   8.383   -1.461  0.44 20.95 ? 2   DG  A "C1'" 1 
ATOM   58   C "C1'" B DG  A 1 2  ? 0.452   8.378   -1.385  0.56 20.98 ? 2   DG  A "C1'" 1 
ATOM   59   N N9    A DG  A 1 2  ? 0.460   6.976   -1.129  0.44 16.77 ? 2   DG  A N9    1 
ATOM   60   N N9    B DG  A 1 2  ? 0.673   6.972   -1.064  0.56 16.88 ? 2   DG  A N9    1 
ATOM   61   C C8    A DG  A 1 2  ? 0.876   5.980   -1.978  0.44 18.30 ? 2   DG  A C8    1 
ATOM   62   C C8    B DG  A 1 2  ? 1.189   6.010   -1.897  0.56 18.90 ? 2   DG  A C8    1 
ATOM   63   N N7    A DG  A 1 2  ? 0.967   4.811   -1.400  0.44 17.60 ? 2   DG  A N7    1 
ATOM   64   N N7    B DG  A 1 2  ? 1.278   4.830   -1.334  0.56 17.15 ? 2   DG  A N7    1 
ATOM   65   C C5    A DG  A 1 2  ? 0.586   5.051   -0.090  0.44 16.07 ? 2   DG  A C5    1 
ATOM   66   C C5    B DG  A 1 2  ? 0.793   5.033   -0.052  0.56 15.73 ? 2   DG  A C5    1 
ATOM   67   C C6    A DG  A 1 2  ? 0.490   4.164   1.004   0.44 15.08 ? 2   DG  A C6    1 
ATOM   68   C C6    B DG  A 1 2  ? 0.646   4.123   1.013   0.56 14.89 ? 2   DG  A C6    1 
ATOM   69   O O6    A DG  A 1 2  ? 0.712   2.949   1.024   0.44 16.70 ? 2   DG  A O6    1 
ATOM   70   O O6    B DG  A 1 2  ? 0.912   2.919   1.028   0.56 17.03 ? 2   DG  A O6    1 
ATOM   71   N N1    A DG  A 1 2  ? 0.062   4.809   2.156   0.44 15.48 ? 2   DG  A N1    1 
ATOM   72   N N1    B DG  A 1 2  ? 0.111   4.729   2.143   0.56 15.45 ? 2   DG  A N1    1 
ATOM   73   C C2    A DG  A 1 2  ? -0.234  6.147   2.243   0.44 16.18 ? 2   DG  A C2    1 
ATOM   74   C C2    B DG  A 1 2  ? -0.244  6.054   2.230   0.56 16.15 ? 2   DG  A C2    1 
ATOM   75   N N2    A DG  A 1 2  ? -0.623  6.589   3.449   0.44 16.48 ? 2   DG  A N2    1 
ATOM   76   N N2    B DG  A 1 2  ? -0.736  6.461   3.412   0.56 16.44 ? 2   DG  A N2    1 
ATOM   77   N N3    A DG  A 1 2  ? -0.140  6.996   1.226   0.44 17.92 ? 2   DG  A N3    1 
ATOM   78   N N3    B DG  A 1 2  ? -0.104  6.924   1.236   0.56 17.89 ? 2   DG  A N3    1 
ATOM   79   C C4    A DG  A 1 2  ? 0.270   6.379   0.094   0.44 16.74 ? 2   DG  A C4    1 
ATOM   80   C C4    B DG  A 1 2  ? 0.412   6.344   0.129   0.56 16.79 ? 2   DG  A C4    1 
ATOM   81   P P     . DG  A 1 3  ? 1.540   12.479  -1.148  1.00 34.56 ? 3   DG  A P     1 
ATOM   82   O OP1   . DG  A 1 3  ? 0.754   13.739  -1.200  1.00 38.02 ? 3   DG  A OP1   1 
ATOM   83   O OP2   . DG  A 1 3  ? 2.906   12.374  -1.720  1.00 36.72 ? 3   DG  A OP2   1 
ATOM   84   O "O5'" . DG  A 1 3  ? 1.712   12.024  0.379   1.00 28.39 ? 3   DG  A "O5'" 1 
ATOM   85   C "C5'" . DG  A 1 3  ? 0.688   12.289  1.295   1.00 30.84 ? 3   DG  A "C5'" 1 
ATOM   86   C "C4'" . DG  A 1 3  ? 1.087   11.839  2.681   1.00 29.42 ? 3   DG  A "C4'" 1 
ATOM   87   O "O4'" . DG  A 1 3  ? 1.198   10.402  2.712   1.00 26.42 ? 3   DG  A "O4'" 1 
ATOM   88   C "C3'" . DG  A 1 3  ? 2.419   12.382  3.205   1.00 27.04 ? 3   DG  A "C3'" 1 
ATOM   89   O "O3'" . DG  A 1 3  ? 2.182   12.923  4.500   1.00 27.44 ? 3   DG  A "O3'" 1 
ATOM   90   C "C2'" . DG  A 1 3  ? 3.332   11.135  3.240   1.00 32.70 ? 3   DG  A "C2'" 1 
ATOM   91   C "C1'" . DG  A 1 3  ? 2.313   10.035  3.479   1.00 25.63 ? 3   DG  A "C1'" 1 
ATOM   92   N N9    . DG  A 1 3  ? 2.712   8.685   3.054   1.00 18.67 ? 3   DG  A N9    1 
ATOM   93   C C8    . DG  A 1 3  ? 3.138   8.292   1.812   1.00 16.32 ? 3   DG  A C8    1 
ATOM   94   N N7    . DG  A 1 3  ? 3.379   7.009   1.733   1.00 17.58 ? 3   DG  A N7    1 
ATOM   95   C C5    . DG  A 1 3  ? 3.080   6.524   3.006   1.00 18.83 ? 3   DG  A C5    1 
ATOM   96   C C6    . DG  A 1 3  ? 3.159   5.205   3.526   1.00 17.24 ? 3   DG  A C6    1 
ATOM   97   O O6    . DG  A 1 3  ? 3.509   4.174   2.942   1.00 17.40 ? 3   DG  A O6    1 
ATOM   98   N N1    . DG  A 1 3  ? 2.772   5.146   4.856   1.00 16.05 ? 3   DG  A N1    1 
ATOM   99   C C2    . DG  A 1 3  ? 2.374   6.228   5.601   1.00 14.57 ? 3   DG  A C2    1 
ATOM   100  N N2    . DG  A 1 3  ? 2.046   5.979   6.865   1.00 16.01 ? 3   DG  A N2    1 
ATOM   101  N N3    . DG  A 1 3  ? 2.298   7.476   5.122   1.00 17.28 ? 3   DG  A N3    1 
ATOM   102  C C4    . DG  A 1 3  ? 2.669   7.539   3.827   1.00 17.24 ? 3   DG  A C4    1 
ATOM   103  P P     . DG  A 1 4  ? 3.371   13.481  5.417   1.00 35.75 ? 4   DG  A P     1 
ATOM   104  O OP1   . DG  A 1 4  ? 2.785   14.596  6.194   1.00 37.24 ? 4   DG  A OP1   1 
ATOM   105  O OP2   . DG  A 1 4  ? 4.608   13.634  4.638   1.00 29.89 ? 4   DG  A OP2   1 
ATOM   106  O "O5'" . DG  A 1 4  ? 3.641   12.284  6.443   1.00 28.06 ? 4   DG  A "O5'" 1 
ATOM   107  C "C5'" . DG  A 1 4  ? 2.665   11.917  7.370   1.00 30.05 ? 4   DG  A "C5'" 1 
ATOM   108  C "C4'" . DG  A 1 4  ? 3.266   11.062  8.479   1.00 26.09 ? 4   DG  A "C4'" 1 
ATOM   109  O "O4'" . DG  A 1 4  ? 3.551   9.731   7.970   1.00 20.73 ? 4   DG  A "O4'" 1 
ATOM   110  C "C3'" . DG  A 1 4  ? 4.588   11.555  9.065   1.00 27.25 ? 4   DG  A "C3'" 1 
ATOM   111  O "O3'" . DG  A 1 4  ? 4.658   11.155  10.432  1.00 27.34 ? 4   DG  A "O3'" 1 
ATOM   112  C "C2'" . DG  A 1 4  ? 5.619   10.783  8.226   1.00 23.77 ? 4   DG  A "C2'" 1 
ATOM   113  C "C1'" . DG  A 1 4  ? 4.925   9.433   8.182   1.00 23.41 ? 4   DG  A "C1'" 1 
ATOM   114  N N9    . DG  A 1 4  ? 5.326   8.528   7.118   1.00 18.72 ? 4   DG  A N9    1 
ATOM   115  C C8    . DG  A 1 4  ? 5.558   8.826   5.794   1.00 20.93 ? 4   DG  A C8    1 
ATOM   116  N N7    . DG  A 1 4  ? 5.836   7.781   5.077   1.00 17.76 ? 4   DG  A N7    1 
ATOM   117  C C5    . DG  A 1 4  ? 5.744   6.717   5.980   1.00 17.45 ? 4   DG  A C5    1 
ATOM   118  C C6    . DG  A 1 4  ? 5.923   5.328   5.778   1.00 16.99 ? 4   DG  A C6    1 
ATOM   119  O O6    . DG  A 1 4  ? 6.212   4.736   4.712   1.00 19.19 ? 4   DG  A O6    1 
ATOM   120  N N1    . DG  A 1 4  ? 5.750   4.606   6.960   1.00 16.08 ? 4   DG  A N1    1 
ATOM   121  C C2    . DG  A 1 4  ? 5.421   5.166   8.183   1.00 17.89 ? 4   DG  A C2    1 
ATOM   122  N N2    . DG  A 1 4  ? 5.285   4.323   9.220   1.00 18.79 ? 4   DG  A N2    1 
ATOM   123  N N3    . DG  A 1 4  ? 5.246   6.460   8.367   1.00 19.06 ? 4   DG  A N3    1 
ATOM   124  C C4    . DG  A 1 4  ? 5.433   7.169   7.229   1.00 15.95 ? 4   DG  A C4    1 
ATOM   125  P P     . DC  A 1 5  ? 3.936   12.015  11.589  1.00 30.93 ? 5   DC  A P     1 
ATOM   126  O OP1   . DC  A 1 5  ? 4.052   13.448  11.258  1.00 31.95 ? 5   DC  A OP1   1 
ATOM   127  O OP2   . DC  A 1 5  ? 4.434   11.491  12.872  1.00 35.03 ? 5   DC  A OP2   1 
ATOM   128  O "O5'" . DC  A 1 5  ? 2.400   11.602  11.484  1.00 28.17 ? 5   DC  A "O5'" 1 
ATOM   129  C "C5'" . DC  A 1 5  ? 1.955   10.365  12.027  1.00 31.13 ? 5   DC  A "C5'" 1 
ATOM   130  C "C4'" . DC  A 1 5  ? 0.474   10.430  12.353  1.00 34.33 ? 5   DC  A "C4'" 1 
ATOM   131  O "O4'" . DC  A 1 5  ? 0.243   11.290  13.487  1.00 42.66 ? 5   DC  A "O4'" 1 
ATOM   132  C "C3'" . DC  A 1 5  ? -0.416  10.920  11.216  1.00 33.06 ? 5   DC  A "C3'" 1 
ATOM   133  O "O3'" . DC  A 1 5  ? -1.179  9.829   10.784  1.00 38.94 ? 5   DC  A "O3'" 1 
ATOM   134  C "C2'" . DC  A 1 5  ? -1.307  12.011  11.823  1.00 44.61 ? 5   DC  A "C2'" 1 
ATOM   135  C "C1'" . DC  A 1 5  ? -0.943  12.028  13.306  1.00 46.22 ? 5   DC  A "C1'" 1 
ATOM   136  N N1    . DC  A 1 5  ? -0.769  13.395  13.897  1.00 49.42 ? 5   DC  A N1    1 
ATOM   137  C C2    . DC  A 1 5  ? 0.241   14.246  13.420  1.00 54.95 ? 5   DC  A C2    1 
ATOM   138  O O2    . DC  A 1 5  ? 1.003   13.849  12.533  1.00 59.76 ? 5   DC  A O2    1 
ATOM   139  N N3    . DC  A 1 5  ? 0.378   15.475  13.972  1.00 58.89 ? 5   DC  A N3    1 
ATOM   140  C C4    . DC  A 1 5  ? -0.452  15.872  14.932  1.00 58.81 ? 5   DC  A C4    1 
ATOM   141  N N4    . DC  A 1 5  ? -0.281  17.099  15.434  1.00 56.30 ? 5   DC  A N4    1 
ATOM   142  C C5    . DC  A 1 5  ? -1.497  15.031  15.421  1.00 60.02 ? 5   DC  A C5    1 
ATOM   143  C C6    . DC  A 1 5  ? -1.621  13.814  14.877  1.00 52.15 ? 5   DC  A C6    1 
ATOM   144  P P     . DG  A 1 6  ? -1.706  9.701   9.280   1.00 29.07 ? 6   DG  A P     1 
ATOM   145  O OP1   . DG  A 1 6  ? -0.588  9.726   8.320   1.00 26.06 ? 6   DG  A OP1   1 
ATOM   146  O OP2   . DG  A 1 6  ? -2.845  10.628  9.122   1.00 39.14 ? 6   DG  A OP2   1 
ATOM   147  O "O5'" . DG  A 1 6  ? -2.304  8.231   9.260   1.00 29.75 ? 6   DG  A "O5'" 1 
ATOM   148  C "C5'" . DG  A 1 6  ? -3.345  7.881   10.139  1.00 23.55 ? 6   DG  A "C5'" 1 
ATOM   149  C "C4'" . DG  A 1 6  ? -3.248  6.414   10.477  1.00 20.53 ? 6   DG  A "C4'" 1 
ATOM   150  O "O4'" . DG  A 1 6  ? -3.130  5.661   9.229   1.00 18.53 ? 6   DG  A "O4'" 1 
ATOM   151  C "C3'" . DG  A 1 6  ? -2.038  6.017   11.319  1.00 22.16 ? 6   DG  A "C3'" 1 
ATOM   152  O "O3'" . DG  A 1 6  ? -2.462  4.969   12.209  1.00 24.97 ? 6   DG  A "O3'" 1 
ATOM   153  C "C2'" . DG  A 1 6  ? -1.050  5.502   10.254  1.00 22.06 ? 6   DG  A "C2'" 1 
ATOM   154  C "C1'" . DG  A 1 6  ? -2.012  4.807   9.302   1.00 23.20 ? 6   DG  A "C1'" 1 
ATOM   155  N N9    . DG  A 1 6  ? -1.521  4.578   7.936   1.00 18.15 ? 6   DG  A N9    1 
ATOM   156  C C8    . DG  A 1 6  ? -1.464  5.490   6.911   1.00 16.55 ? 6   DG  A C8    1 
ATOM   157  N N7    . DG  A 1 6  ? -1.014  4.982   5.786   1.00 15.69 ? 6   DG  A N7    1 
ATOM   158  C C5    . DG  A 1 6  ? -0.798  3.639   6.090   1.00 16.63 ? 6   DG  A C5    1 
ATOM   159  C C6    . DG  A 1 6  ? -0.314  2.599   5.283   1.00 16.47 ? 6   DG  A C6    1 
ATOM   160  O O6    . DG  A 1 6  ? 0.025   2.645   4.087   1.00 14.99 ? 6   DG  A O6    1 
ATOM   161  N N1    . DG  A 1 6  ? -0.231  1.387   5.983   1.00 14.38 ? 6   DG  A N1    1 
ATOM   162  C C2    . DG  A 1 6  ? -0.566  1.226   7.298   1.00 15.40 ? 6   DG  A C2    1 
ATOM   163  N N2    . DG  A 1 6  ? -0.414  -0.012  7.802   1.00 15.80 ? 6   DG  A N2    1 
ATOM   164  N N3    . DG  A 1 6  ? -1.013  2.196   8.069   1.00 15.20 ? 6   DG  A N3    1 
ATOM   165  C C4    . DG  A 1 6  ? -1.108  3.380   7.401   1.00 16.80 ? 6   DG  A C4    1 
ATOM   166  P P     . DG  A 1 7  ? -1.761  4.698   13.631  1.00 30.13 ? 7   DG  A P     1 
ATOM   167  O OP1   . DG  A 1 7  ? -2.685  3.819   14.377  1.00 35.01 ? 7   DG  A OP1   1 
ATOM   168  O OP2   . DG  A 1 7  ? -1.336  5.986   14.213  1.00 29.10 ? 7   DG  A OP2   1 
ATOM   169  O "O5'" . DG  A 1 7  ? -0.432  3.914   13.218  1.00 30.10 ? 7   DG  A "O5'" 1 
ATOM   170  C "C5'" . DG  A 1 7  ? -0.010  2.812   13.932  1.00 32.50 ? 7   DG  A "C5'" 1 
ATOM   171  C "C4'" . DG  A 1 7  ? 1.257   2.247   13.319  1.00 26.77 ? 7   DG  A "C4'" 1 
ATOM   172  O "O4'" . DG  A 1 7  ? 1.056   2.043   11.898  1.00 23.39 ? 7   DG  A "O4'" 1 
ATOM   173  C "C3'" . DG  A 1 7  ? 2.480   3.147   13.350  1.00 32.81 ? 7   DG  A "C3'" 1 
ATOM   174  O "O3'" . DG  A 1 7  ? 3.155   3.050   14.604  1.00 39.27 ? 7   DG  A "O3'" 1 
ATOM   175  C "C2'" . DG  A 1 7  ? 3.340   2.542   12.235  1.00 26.55 ? 7   DG  A "C2'" 1 
ATOM   176  C "C1'" . DG  A 1 7  ? 2.324   1.786   11.362  1.00 24.16 ? 7   DG  A "C1'" 1 
ATOM   177  N N9    . DG  A 1 7  ? 2.386   2.198   9.976   1.00 18.26 ? 7   DG  A N9    1 
ATOM   178  C C8    . DG  A 1 7  ? 2.207   3.466   9.476   1.00 20.11 ? 7   DG  A C8    1 
ATOM   179  N N7    . DG  A 1 7  ? 2.417   3.536   8.191   1.00 20.06 ? 7   DG  A N7    1 
ATOM   180  C C5    . DG  A 1 7  ? 2.729   2.230   7.820   1.00 16.09 ? 7   DG  A C5    1 
ATOM   181  C C6    . DG  A 1 7  ? 3.061   1.701   6.551   1.00 17.21 ? 7   DG  A C6    1 
ATOM   182  O O6    . DG  A 1 7  ? 3.119   2.299   5.471   1.00 16.80 ? 7   DG  A O6    1 
ATOM   183  N N1    . DG  A 1 7  ? 3.341   0.338   6.611   1.00 19.68 ? 7   DG  A N1    1 
ATOM   184  C C2    . DG  A 1 7  ? 3.333   -0.412  7.763   1.00 16.66 ? 7   DG  A C2    1 
ATOM   185  N N2    . DG  A 1 7  ? 3.633   -1.719  7.618   1.00 18.02 ? 7   DG  A N2    1 
ATOM   186  N N3    . DG  A 1 7  ? 3.031   0.084   8.968   1.00 15.24 ? 7   DG  A N3    1 
ATOM   187  C C4    . DG  A 1 7  ? 2.740   1.405   8.913   1.00 17.03 ? 7   DG  A C4    1 
ATOM   188  P P     . DT  A 1 8  ? 3.858   4.343   15.269  1.00 39.17 ? 8   DT  A P     1 
ATOM   189  O OP1   . DT  A 1 8  ? 4.560   3.841   16.468  1.00 44.12 ? 8   DT  A OP1   1 
ATOM   190  O OP2   . DT  A 1 8  ? 2.886   5.455   15.384  1.00 37.93 ? 8   DT  A OP2   1 
ATOM   191  O "O5'" . DT  A 1 8  ? 4.958   4.810   14.203  1.00 39.94 ? 8   DT  A "O5'" 1 
ATOM   192  C "C5'" . DT  A 1 8  ? 6.327   4.516   14.419  1.00 36.20 ? 8   DT  A "C5'" 1 
ATOM   193  C "C4'" . DT  A 1 8  ? 6.808   3.474   13.431  1.00 31.78 ? 8   DT  A "C4'" 1 
ATOM   194  O "O4'" . DT  A 1 8  ? 6.770   4.002   12.082  1.00 29.71 ? 8   DT  A "O4'" 1 
ATOM   195  C "C3'" . DT  A 1 8  ? 8.231   2.992   13.629  1.00 28.20 ? 8   DT  A "C3'" 1 
ATOM   196  O "O3'" . DT  A 1 8  ? 8.287   1.657   13.253  1.00 34.44 ? 8   DT  A "O3'" 1 
ATOM   197  C "C2'" . DT  A 1 8  ? 9.018   3.869   12.662  1.00 31.57 ? 8   DT  A "C2'" 1 
ATOM   198  C "C1'" . DT  A 1 8  ? 8.047   3.919   11.494  1.00 27.87 ? 8   DT  A "C1'" 1 
ATOM   199  N N1    . DT  A 1 8  ? 8.210   5.100   10.627  1.00 22.16 ? 8   DT  A N1    1 
ATOM   200  C C2    . DT  A 1 8  ? 8.500   4.933   9.294   1.00 19.00 ? 8   DT  A C2    1 
ATOM   201  O O2    . DT  A 1 8  ? 8.665   3.842   8.778   1.00 21.51 ? 8   DT  A O2    1 
ATOM   202  N N3    . DT  A 1 8  ? 8.599   6.102   8.583   1.00 22.05 ? 8   DT  A N3    1 
ATOM   203  C C4    . DT  A 1 8  ? 8.448   7.389   9.066   1.00 25.20 ? 8   DT  A C4    1 
ATOM   204  O O4    . DT  A 1 8  ? 8.551   8.374   8.356   1.00 23.11 ? 8   DT  A O4    1 
ATOM   205  C C5    . DT  A 1 8  ? 8.139   7.488   10.464  1.00 25.37 ? 8   DT  A C5    1 
ATOM   206  C C7    . DT  A 1 8  ? 7.937   8.834   11.098  1.00 30.88 ? 8   DT  A C7    1 
ATOM   207  C C6    . DT  A 1 8  ? 8.038   6.352   11.166  1.00 23.89 ? 8   DT  A C6    1 
ATOM   208  P P     . DG  A 1 9  ? 9.543   0.748   13.655  1.00 40.27 ? 9   DG  A P     1 
ATOM   209  O OP1   . DG  A 1 9  ? 9.913   1.082   15.048  1.00 41.99 ? 9   DG  A OP1   1 
ATOM   210  O OP2   . DG  A 1 9  ? 10.518  0.865   12.543  1.00 38.06 ? 9   DG  A OP2   1 
ATOM   211  O "O5'" . DG  A 1 9  ? 8.929   -0.723  13.684  1.00 37.54 ? 9   DG  A "O5'" 1 
ATOM   212  C "C5'" . DG  A 1 9  ? 7.702   -0.946  14.348  1.00 34.85 ? 9   DG  A "C5'" 1 
ATOM   213  C "C4'" . DG  A 1 9  ? 6.827   -1.894  13.559  1.00 27.43 ? 9   DG  A "C4'" 1 
ATOM   214  O "O4'" . DG  A 1 9  ? 6.099   -1.144  12.539  1.00 26.62 ? 9   DG  A "O4'" 1 
ATOM   215  C "C3'" . DG  A 1 9  ? 7.577   -2.987  12.810  1.00 25.23 ? 9   DG  A "C3'" 1 
ATOM   216  O "O3'" . DG  A 1 9  ? 6.780   -4.143  12.754  1.00 32.48 ? 9   DG  A "O3'" 1 
ATOM   217  C "C2'" . DG  A 1 9  ? 7.768   -2.369  11.422  1.00 26.68 ? 9   DG  A "C2'" 1 
ATOM   218  C "C1'" . DG  A 1 9  ? 6.439   -1.653  11.266  1.00 24.01 ? 9   DG  A "C1'" 1 
ATOM   219  N N9    . DG  A 1 9  ? 6.405   -0.559  10.289  1.00 18.14 ? 9   DG  A N9    1 
ATOM   220  C C8    . DG  A 1 9  ? 6.001   0.733   10.514  1.00 19.78 ? 9   DG  A C8    1 
ATOM   221  N N7    . DG  A 1 9  ? 6.022   1.478   9.448   1.00 17.40 ? 9   DG  A N7    1 
ATOM   222  C C5    . DG  A 1 9  ? 6.441   0.614   8.450   1.00 16.50 ? 9   DG  A C5    1 
ATOM   223  C C6    . DG  A 1 9  ? 6.632   0.842   7.070   1.00 17.66 ? 9   DG  A C6    1 
ATOM   224  O O6    . DG  A 1 9  ? 6.476   1.896   6.452   1.00 17.37 ? 9   DG  A O6    1 
ATOM   225  N N1    . DG  A 1 9  ? 7.058   -0.295  6.406   1.00 21.30 ? 9   DG  A N1    1 
ATOM   226  C C2    . DG  A 1 9  ? 7.290   -1.514  7.012   1.00 17.55 ? 9   DG  A C2    1 
ATOM   227  N N2    . DG  A 1 9  ? 7.719   -2.493  6.214   1.00 18.54 ? 9   DG  A N2    1 
ATOM   228  N N3    . DG  A 1 9  ? 7.100   -1.747  8.304   1.00 19.24 ? 9   DG  A N3    1 
ATOM   229  C C4    . DG  A 1 9  ? 6.683   -0.643  8.959   1.00 19.04 ? 9   DG  A C4    1 
ATOM   230  P P     . DT  A 1 10 ? 7.212   -5.482  13.539  1.00 36.55 ? 10  DT  A P     1 
ATOM   231  O OP1   . DT  A 1 10 ? 7.240   -5.186  14.986  1.00 39.74 ? 10  DT  A OP1   1 
ATOM   232  O OP2   . DT  A 1 10 ? 8.418   -6.027  12.879  1.00 38.74 ? 10  DT  A OP2   1 
ATOM   233  O "O5'" . DT  A 1 10 ? 5.988   -6.456  13.253  1.00 36.14 ? 10  DT  A "O5'" 1 
ATOM   234  C "C5'" . DT  A 1 10 ? 5.486   -6.587  11.921  1.00 35.36 ? 10  DT  A "C5'" 1 
ATOM   235  C "C4'" . DT  A 1 10 ? 4.098   -7.195  11.906  1.00 39.76 ? 10  DT  A "C4'" 1 
ATOM   236  O "O4'" . DT  A 1 10 ? 4.128   -8.520  12.505  1.00 42.21 ? 10  DT  A "O4'" 1 
ATOM   237  C "C3'" . DT  A 1 10 ? 3.033   -6.420  12.671  1.00 38.64 ? 10  DT  A "C3'" 1 
ATOM   238  O "O3'" . DT  A 1 10 ? 1.803   -6.573  12.022  1.00 43.16 ? 10  DT  A "O3'" 1 
ATOM   239  C "C2'" . DT  A 1 10 ? 3.015   -7.117  14.028  1.00 37.83 ? 10  DT  A "C2'" 1 
ATOM   240  C "C1'" . DT  A 1 10 ? 3.268   -8.564  13.627  1.00 42.10 ? 10  DT  A "C1'" 1 
ATOM   241  N N1    . DT  A 1 10 ? 3.933   -9.371  14.695  1.00 39.83 ? 10  DT  A N1    1 
ATOM   242  C C2    . DT  A 1 10 ? 3.444   -10.623 15.010  1.00 49.44 ? 10  DT  A C2    1 
ATOM   243  O O2    . DT  A 1 10 ? 2.478   -11.122 14.462  1.00 47.35 ? 10  DT  A O2    1 
ATOM   244  N N3    . DT  A 1 10 ? 4.132   -11.273 15.998  1.00 42.81 ? 10  DT  A N3    1 
ATOM   245  C C4    . DT  A 1 10 ? 5.239   -10.812 16.688  1.00 51.35 ? 10  DT  A C4    1 
ATOM   246  O O4    . DT  A 1 10 ? 5.791   -11.473 17.565  1.00 44.87 ? 10  DT  A O4    1 
ATOM   247  C C5    . DT  A 1 10 ? 5.698   -9.496  16.309  1.00 44.20 ? 10  DT  A C5    1 
ATOM   248  C C7    . DT  A 1 10 ? 6.891   -8.888  16.986  1.00 38.40 ? 10  DT  A C7    1 
ATOM   249  C C6    . DT  A 1 10 ? 5.034   -8.848  15.343  1.00 46.35 ? 10  DT  A C6    1 
ATOM   250  P P     . DG  A 1 11 ? 1.046   -5.302  11.410  1.00 34.15 ? 11  DG  A P     1 
ATOM   251  O OP1   . DG  A 1 11 ? 1.907   -4.099  11.476  1.00 35.80 ? 11  DG  A OP1   1 
ATOM   252  O OP2   . DG  A 1 11 ? -0.284  -5.287  12.047  1.00 41.30 ? 11  DG  A OP2   1 
ATOM   253  O "O5'" . DG  A 1 11 ? 0.856   -5.683  9.873   1.00 30.14 ? 11  DG  A "O5'" 1 
ATOM   254  C "C5'" . DG  A 1 11 ? 0.242   -6.911  9.502   1.00 28.63 ? 11  DG  A "C5'" 1 
ATOM   255  C "C4'" . DG  A 1 11 ? 0.733   -7.321  8.129   1.00 22.79 ? 11  DG  A "C4'" 1 
ATOM   256  O "O4'" . DG  A 1 11 ? 0.265   -6.353  7.144   1.00 22.11 ? 11  DG  A "O4'" 1 
ATOM   257  C "C3'" . DG  A 1 11 ? 2.249   -7.362  8.006   1.00 23.71 ? 11  DG  A "C3'" 1 
ATOM   258  O "O3'" . DG  A 1 11 ? 2.632   -8.502  7.319   1.00 28.41 ? 11  DG  A "O3'" 1 
ATOM   259  C "C2'" . DG  A 1 11 ? 2.598   -6.096  7.216   1.00 24.22 ? 11  DG  A "C2'" 1 
ATOM   260  C "C1'" . DG  A 1 11 ? 1.352   -5.886  6.376   1.00 22.21 ? 11  DG  A "C1'" 1 
ATOM   261  N N9    . DG  A 1 11 ? 1.108   -4.487  6.069   1.00 19.22 ? 11  DG  A N9    1 
ATOM   262  C C8    . DG  A 1 11 ? 0.645   -3.525  6.936   1.00 21.11 ? 11  DG  A C8    1 
ATOM   263  N N7    . DG  A 1 11 ? 0.526   -2.347  6.375   1.00 17.97 ? 11  DG  A N7    1 
ATOM   264  C C5    . DG  A 1 11 ? 0.920   -2.556  5.055   1.00 16.09 ? 11  DG  A C5    1 
ATOM   265  C C6    . DG  A 1 11 ? 1.007   -1.644  3.973   1.00 15.54 ? 11  DG  A C6    1 
ATOM   266  O O6    . DG  A 1 11 ? 0.713   -0.433  3.959   1.00 16.97 ? 11  DG  A O6    1 
ATOM   267  N N1    . DG  A 1 11 ? 1.469   -2.261  2.814   1.00 13.88 ? 11  DG  A N1    1 
ATOM   268  C C2    . DG  A 1 11 ? 1.812   -3.599  2.728   1.00 15.43 ? 11  DG  A C2    1 
ATOM   269  N N2    . DG  A 1 11 ? 2.234   -4.032  1.537   1.00 15.85 ? 11  DG  A N2    1 
ATOM   270  N N3    . DG  A 1 11 ? 1.727   -4.447  3.731   1.00 17.85 ? 11  DG  A N3    1 
ATOM   271  C C4    . DG  A 1 11 ? 1.287   -3.861  4.859   1.00 16.25 ? 11  DG  A C4    1 
ATOM   272  P P     . DG  A 1 12 ? 4.173   -8.940  7.339   1.00 34.70 ? 12  DG  A P     1 
ATOM   273  O OP1   . DG  A 1 12 ? 4.158   -10.409 7.136   1.00 36.88 ? 12  DG  A OP1   1 
ATOM   274  O OP2   . DG  A 1 12 ? 4.853   -8.312  8.500   1.00 31.81 ? 12  DG  A OP2   1 
ATOM   275  O "O5'" . DG  A 1 12 ? 4.794   -8.221  6.074   1.00 25.43 ? 12  DG  A "O5'" 1 
ATOM   276  C "C5'" . DG  A 1 12 ? 4.836   -8.903  4.864   1.00 24.80 ? 12  DG  A "C5'" 1 
ATOM   277  C "C4'" . DG  A 1 12 ? 5.636   -8.123  3.863   1.00 20.50 ? 12  DG  A "C4'" 1 
ATOM   278  O "O4'" . DG  A 1 12 ? 5.018   -6.812  3.662   1.00 23.06 ? 12  DG  A "O4'" 1 
ATOM   279  C "C3'" . DG  A 1 12 ? 7.087   -7.861  4.280   1.00 25.31 ? 12  DG  A "C3'" 1 
ATOM   280  O "O3'" . DG  A 1 12 ? 7.951   -8.215  3.200   1.00 25.65 ? 12  DG  A "O3'" 1 
ATOM   281  C "C2'" . DG  A 1 12 ? 7.106   -6.358  4.578   1.00 24.14 ? 12  DG  A "C2'" 1 
ATOM   282  C "C1'" . DG  A 1 12 ? 6.041   -5.852  3.618   1.00 24.40 ? 12  DG  A "C1'" 1 
ATOM   283  N N9    . DG  A 1 12 ? 5.483   -4.543  3.968   1.00 17.80 ? 12  DG  A N9    1 
ATOM   284  C C8    . DG  A 1 12 ? 4.979   -4.136  5.177   1.00 19.87 ? 12  DG  A C8    1 
ATOM   285  N N7    . DG  A 1 12 ? 4.557   -2.892  5.167   1.00 16.43 ? 12  DG  A N7    1 
ATOM   286  C C5    . DG  A 1 12 ? 4.793   -2.467  3.879   1.00 17.30 ? 12  DG  A C5    1 
ATOM   287  C C6    . DG  A 1 12 ? 4.533   -1.199  3.275   1.00 15.56 ? 12  DG  A C6    1 
ATOM   288  O O6    . DG  A 1 12 ? 4.026   -0.202  3.794   1.00 16.00 ? 12  DG  A O6    1 
ATOM   289  N N1    . DG  A 1 12 ? 4.913   -1.172  1.948   1.00 17.10 ? 12  DG  A N1    1 
ATOM   290  C C2    . DG  A 1 12 ? 5.497   -2.238  1.271   1.00 20.58 ? 12  DG  A C2    1 
ATOM   291  N N2    . DG  A 1 12 ? 5.807   -2.020  -0.008  1.00 18.82 ? 12  DG  A N2    1 
ATOM   292  N N3    . DG  A 1 12 ? 5.726   -3.437  1.817   1.00 16.21 ? 12  DG  A N3    1 
ATOM   293  C C4    . DG  A 1 12 ? 5.350   -3.468  3.124   1.00 15.02 ? 12  DG  A C4    1 
ATOM   294  P P     . DG  A 1 13 ? 9.548   -8.164  3.374   1.00 30.29 ? 13  DG  A P     1 
ATOM   295  O OP1   . DG  A 1 13 ? 10.068  -9.515  3.038   1.00 35.07 ? 13  DG  A OP1   1 
ATOM   296  O OP2   . DG  A 1 13 ? 9.886   -7.527  4.668   1.00 34.88 ? 13  DG  A OP2   1 
ATOM   297  O "O5'" . DG  A 1 13 ? 9.979   -7.171  2.223   1.00 33.16 ? 13  DG  A "O5'" 1 
ATOM   298  C "C5'" . DG  A 1 13 ? 9.419   -7.302  0.939   1.00 30.02 ? 13  DG  A "C5'" 1 
ATOM   299  C "C4'" . DG  A 1 13 ? 10.033  -6.290  -0.005  1.00 28.98 ? 13  DG  A "C4'" 1 
ATOM   300  O "O4'" . DG  A 1 13 ? 9.357   -5.011  0.144   1.00 29.23 ? 13  DG  A "O4'" 1 
ATOM   301  C "C3'" . DG  A 1 13 ? 11.516  -6.011  0.237   1.00 23.66 ? 13  DG  A "C3'" 1 
ATOM   302  O "O3'" . DG  A 1 13 ? 12.155  -5.760  -0.985  1.00 32.52 ? 13  DG  A "O3'" 1 
ATOM   303  C "C2'" . DG  A 1 13 ? 11.488  -4.765  1.119   1.00 25.60 ? 13  DG  A "C2'" 1 
ATOM   304  C "C1'" . DG  A 1 13 ? 10.276  -4.024  0.564   1.00 25.54 ? 13  DG  A "C1'" 1 
ATOM   305  N N9    . DG  A 1 13 ? 9.594   -3.187  1.542   1.00 19.66 ? 13  DG  A N9    1 
ATOM   306  C C8    . DG  A 1 13 ? 9.196   -3.534  2.805   1.00 19.74 ? 13  DG  A C8    1 
ATOM   307  N N7    . DG  A 1 13 ? 8.578   -2.573  3.433   1.00 19.11 ? 13  DG  A N7    1 
ATOM   308  C C5    . DG  A 1 13 ? 8.546   -1.535  2.517   1.00 18.04 ? 13  DG  A C5    1 
ATOM   309  C C6    . DG  A 1 13 ? 7.987   -0.242  2.619   1.00 17.77 ? 13  DG  A C6    1 
ATOM   310  O O6    . DG  A 1 13 ? 7.399   0.263   3.586   1.00 15.88 ? 13  DG  A O6    1 
ATOM   311  N N1    . DG  A 1 13 ? 8.192   0.497   1.464   1.00 18.77 ? 13  DG  A N1    1 
ATOM   312  C C2    . DG  A 1 13 ? 8.822   0.038   0.322   1.00 18.20 ? 13  DG  A C2    1 
ATOM   313  N N2    . DG  A 1 13 ? 8.911   0.903   -0.707  1.00 23.38 ? 13  DG  A N2    1 
ATOM   314  N N3    . DG  A 1 13 ? 9.333   -1.174  0.209   1.00 18.49 ? 13  DG  A N3    1 
ATOM   315  C C4    . DG  A 1 13 ? 9.157   -1.902  1.342   1.00 19.83 ? 13  DG  A C4    1 
ATOM   316  P P     . DA  A 1 14 ? 13.670  -6.246  -1.217  1.00 31.31 ? 14  DA  A P     1 
ATOM   317  O OP1   . DA  A 1 14 ? 14.517  -5.740  -0.110  1.00 37.23 ? 14  DA  A OP1   1 
ATOM   318  O OP2   . DA  A 1 14 ? 14.008  -5.887  -2.612  1.00 33.02 ? 14  DA  A OP2   1 
ATOM   319  O "O5'" . DA  A 1 14 ? 13.584  -7.821  -1.060  1.00 30.41 ? 14  DA  A "O5'" 1 
ATOM   320  C "C5'" . DA  A 1 14 ? 12.923  -8.587  -2.042  1.00 34.20 ? 14  DA  A "C5'" 1 
ATOM   321  C "C4'" . DA  A 1 14 ? 13.935  -9.354  -2.869  1.00 32.77 ? 14  DA  A "C4'" 1 
ATOM   322  O "O4'" . DA  A 1 14 ? 14.822  -10.082 -1.991  1.00 31.06 ? 14  DA  A "O4'" 1 
ATOM   323  C "C3'" . DA  A 1 14 ? 13.340  -10.388 -3.793  1.00 32.61 ? 14  DA  A "C3'" 1 
ATOM   324  O "O3'" . DA  A 1 14 ? 14.173  -10.545 -4.930  1.00 36.21 ? 14  DA  A "O3'" 1 
ATOM   325  C "C2'" . DA  A 1 14 ? 13.306  -11.649 -2.927  1.00 35.02 ? 14  DA  A "C2'" 1 
ATOM   326  C "C1'" . DA  A 1 14 ? 14.474  -11.450 -1.953  1.00 30.97 ? 14  DA  A "C1'" 1 
ATOM   327  N N9    . DA  A 1 14 ? 14.127  -11.776 -0.577  1.00 26.17 ? 14  DA  A N9    1 
ATOM   328  C C8    . DA  A 1 14 ? 13.804  -10.889 0.414   1.00 28.91 ? 14  DA  A C8    1 
ATOM   329  N N7    . DA  A 1 14 ? 13.508  -11.452 1.556   1.00 30.78 ? 14  DA  A N7    1 
ATOM   330  C C5    . DA  A 1 14 ? 13.636  -12.804 1.295   1.00 23.65 ? 14  DA  A C5    1 
ATOM   331  C C6    . DA  A 1 14 ? 13.461  -13.947 2.108   1.00 29.14 ? 14  DA  A C6    1 
ATOM   332  N N6    . DA  A 1 14 ? 13.089  -13.886 3.392   1.00 29.03 ? 14  DA  A N6    1 
ATOM   333  N N1    . DA  A 1 14 ? 13.659  -15.154 1.538   1.00 27.87 ? 14  DA  A N1    1 
ATOM   334  C C2    . DA  A 1 14 ? 14.023  -15.203 0.251   1.00 25.80 ? 14  DA  A C2    1 
ATOM   335  N N3    . DA  A 1 14 ? 14.218  -14.199 -0.612  1.00 29.86 ? 14  DA  A N3    1 
ATOM   336  C C4    . DA  A 1 14 ? 14.015  -13.019 -0.018  1.00 24.91 ? 14  DA  A C4    1 
ATOM   337  P P     . DA  A 1 15 ? 13.562  -10.355 -6.399  1.00 43.08 ? 15  DA  A P     1 
ATOM   338  O OP1   . DA  A 1 15 ? 14.699  -10.311 -7.340  1.00 50.08 ? 15  DA  A OP1   1 
ATOM   339  O OP2   . DA  A 1 15 ? 12.579  -9.251  -6.375  1.00 40.60 ? 15  DA  A OP2   1 
ATOM   340  O "O5'" . DA  A 1 15 ? 12.755  -11.714 -6.654  1.00 46.78 ? 15  DA  A "O5'" 1 
ATOM   341  C "C5'" . DA  A 1 15 ? 13.416  -12.957 -6.509  1.00 44.43 ? 15  DA  A "C5'" 1 
ATOM   342  C "C4'" . DA  A 1 15 ? 12.426  -14.110 -6.508  1.00 46.57 ? 15  DA  A "C4'" 1 
ATOM   343  O "O4'" . DA  A 1 15 ? 12.044  -14.424 -5.145  1.00 41.77 ? 15  DA  A "O4'" 1 
ATOM   344  C "C3'" . DA  A 1 15 ? 11.120  -13.871 -7.266  1.00 40.35 ? 15  DA  A "C3'" 1 
ATOM   345  O "O3'" . DA  A 1 15 ? 10.710  -15.079 -7.904  1.00 48.66 ? 15  DA  A "O3'" 1 
ATOM   346  C "C2'" . DA  A 1 15 ? 10.150  -13.468 -6.156  1.00 36.88 ? 15  DA  A "C2'" 1 
ATOM   347  C "C1'" . DA  A 1 15 ? 10.639  -14.323 -5.000  1.00 33.73 ? 15  DA  A "C1'" 1 
ATOM   348  N N9    . DA  A 1 15 ? 10.363  -13.758 -3.681  1.00 29.53 ? 15  DA  A N9    1 
ATOM   349  C C8    . DA  A 1 15 ? 9.948   -12.490 -3.387  1.00 33.06 ? 15  DA  A C8    1 
ATOM   350  N N7    . DA  A 1 15 ? 9.789   -12.270 -2.103  1.00 26.90 ? 15  DA  A N7    1 
ATOM   351  C C5    . DA  A 1 15 ? 10.124  -13.478 -1.521  1.00 27.61 ? 15  DA  A C5    1 
ATOM   352  C C6    . DA  A 1 15 ? 10.159  -13.912 -0.179  1.00 27.45 ? 15  DA  A C6    1 
ATOM   353  N N6    . DA  A 1 15 ? 9.841   -13.127 0.858   1.00 30.77 ? 15  DA  A N6    1 
ATOM   354  N N1    . DA  A 1 15 ? 10.533  -15.187 0.057   1.00 29.09 ? 15  DA  A N1    1 
ATOM   355  C C2    . DA  A 1 15 ? 10.848  -15.970 -0.982  1.00 29.89 ? 15  DA  A C2    1 
ATOM   356  N N3    . DA  A 1 15 ? 10.855  -15.680 -2.282  1.00 29.77 ? 15  DA  A N3    1 
ATOM   357  C C4    . DA  A 1 15 ? 10.480  -14.403 -2.481  1.00 30.12 ? 15  DA  A C4    1 
ATOM   358  P P     . DT  A 1 16 ? 10.316  -15.094 -9.464  1.00 52.12 ? 16  DT  A P     1 
ATOM   359  O OP1   . DT  A 1 16 ? 10.235  -16.510 -9.891  1.00 52.95 ? 16  DT  A OP1   1 
ATOM   360  O OP2   . DT  A 1 16 ? 11.214  -14.145 -10.166 1.00 52.31 ? 16  DT  A OP2   1 
ATOM   361  O "O5'" . DT  A 1 16 ? 8.850   -14.461 -9.467  1.00 50.96 ? 16  DT  A "O5'" 1 
ATOM   362  C "C5'" . DT  A 1 16 ? 8.092   -14.339 -10.656 1.00 49.84 ? 16  DT  A "C5'" 1 
ATOM   363  C "C4'" . DT  A 1 16 ? 7.010   -13.310 -10.429 1.00 46.74 ? 16  DT  A "C4'" 1 
ATOM   364  O "O4'" . DT  A 1 16 ? 5.689   -13.933 -10.494 1.00 46.94 ? 16  DT  A "O4'" 1 
ATOM   365  C "C3'" . DT  A 1 16 ? 7.073   -12.658 -9.057  1.00 42.96 ? 16  DT  A "C3'" 1 
ATOM   366  O "O3'" . DT  A 1 16 ? 6.628   -11.330 -9.138  1.00 38.96 ? 16  DT  A "O3'" 1 
ATOM   367  C "C2'" . DT  A 1 16 ? 6.144   -13.513 -8.216  1.00 44.71 ? 16  DT  A "C2'" 1 
ATOM   368  C "C1'" . DT  A 1 16 ? 5.059   -13.820 -9.223  1.00 51.23 ? 16  DT  A "C1'" 1 
ATOM   369  N N1    . DT  A 1 16 ? 4.255   -15.045 -8.905  1.00 55.49 ? 16  DT  A N1    1 
ATOM   370  C C2    . DT  A 1 16 ? 4.692   -16.291 -9.304  1.00 63.95 ? 16  DT  A C2    1 
ATOM   371  O O2    . DT  A 1 16 ? 5.672   -16.470 -10.007 1.00 62.94 ? 16  DT  A O2    1 
ATOM   372  N N3    . DT  A 1 16 ? 3.880   -17.330 -8.919  1.00 65.92 ? 16  DT  A N3    1 
ATOM   373  C C4    . DT  A 1 16 ? 2.734   -17.257 -8.142  1.00 60.68 ? 16  DT  A C4    1 
ATOM   374  O O4    . DT  A 1 16 ? 2.082   -18.250 -7.837  1.00 63.49 ? 16  DT  A O4    1 
ATOM   375  C C5    . DT  A 1 16 ? 2.364   -15.930 -7.712  1.00 55.72 ? 16  DT  A C5    1 
ATOM   376  C C7    . DT  A 1 16 ? 1.143   -15.722 -6.862  1.00 53.12 ? 16  DT  A C7    1 
ATOM   377  C C6    . DT  A 1 16 ? 3.144   -14.905 -8.093  1.00 60.13 ? 16  DT  A C6    1 
ATOM   378  P P     . DA  A 1 17 ? 7.299   -10.218 -8.207  1.00 41.80 ? 17  DA  A P     1 
ATOM   379  O OP1   . DA  A 1 17 ? 7.011   -8.876  -8.764  1.00 46.88 ? 17  DA  A OP1   1 
ATOM   380  O OP2   . DA  A 1 17 ? 8.700   -10.636 -7.964  1.00 41.39 ? 17  DA  A OP2   1 
ATOM   381  O "O5'" . DA  A 1 17 ? 6.495   -10.408 -6.845  1.00 38.17 ? 17  DA  A "O5'" 1 
ATOM   382  C "C5'" . DA  A 1 17 ? 5.105   -10.123 -6.818  1.00 33.77 ? 17  DA  A "C5'" 1 
ATOM   383  C "C4'" . DA  A 1 17 ? 4.641   -9.820  -5.413  1.00 32.69 ? 17  DA  A "C4'" 1 
ATOM   384  O "O4'" . DA  A 1 17 ? 4.542   -11.061 -4.665  1.00 31.44 ? 17  DA  A "O4'" 1 
ATOM   385  C "C3'" . DA  A 1 17 ? 5.574   -8.928  -4.615  1.00 33.14 ? 17  DA  A "C3'" 1 
ATOM   386  O "O3'" . DA  A 1 17 ? 4.828   -8.108  -3.754  1.00 34.35 ? 17  DA  A "O3'" 1 
ATOM   387  C "C2'" . DA  A 1 17 ? 6.422   -9.922  -3.830  1.00 32.62 ? 17  DA  A "C2'" 1 
ATOM   388  C "C1'" . DA  A 1 17 ? 5.432   -11.045 -3.567  1.00 33.52 ? 17  DA  A "C1'" 1 
ATOM   389  N N9    . DA  A 1 17 ? 6.055   -12.360 -3.473  1.00 24.58 ? 17  DA  A N9    1 
ATOM   390  C C8    . DA  A 1 17 ? 6.572   -13.095 -4.503  1.00 29.26 ? 17  DA  A C8    1 
ATOM   391  N N7    . DA  A 1 17 ? 7.052   -14.260 -4.130  1.00 28.82 ? 17  DA  A N7    1 
ATOM   392  C C5    . DA  A 1 17 ? 6.840   -14.285 -2.767  1.00 25.98 ? 17  DA  A C5    1 
ATOM   393  C C6    . DA  A 1 17 ? 7.127   -15.247 -1.784  1.00 25.86 ? 17  DA  A C6    1 
ATOM   394  N N6    . DA  A 1 17 ? 7.719   -16.407 -2.051  1.00 30.62 ? 17  DA  A N6    1 
ATOM   395  N N1    . DA  A 1 17 ? 6.778   -14.966 -0.509  1.00 26.89 ? 17  DA  A N1    1 
ATOM   396  C C2    . DA  A 1 17 ? 6.181   -13.800 -0.247  1.00 30.74 ? 17  DA  A C2    1 
ATOM   397  N N3    . DA  A 1 17 ? 5.858   -12.815 -1.089  1.00 28.14 ? 17  DA  A N3    1 
ATOM   398  C C4    . DA  A 1 17 ? 6.218   -13.124 -2.344  1.00 24.90 ? 17  DA  A C4    1 
ATOM   399  P P     . DG  A 1 18 ? 5.374   -6.642  -3.412  1.00 44.44 ? 18  DG  A P     1 
ATOM   400  O OP1   . DG  A 1 18 ? 6.545   -6.387  -4.280  1.00 45.91 ? 18  DG  A OP1   1 
ATOM   401  O OP2   . DG  A 1 18 ? 5.516   -6.531  -1.945  1.00 48.56 ? 18  DG  A OP2   1 
ATOM   402  O "O5'" . DG  A 1 18 ? 4.224   -5.688  -3.927  1.00 37.58 ? 18  DG  A "O5'" 1 
ATOM   403  C "C5'" . DG  A 1 18 ? 3.885   -5.646  -5.308  1.00 28.23 ? 18  DG  A "C5'" 1 
ATOM   404  C "C4'" . DG  A 1 18 ? 3.719   -4.205  -5.746  1.00 24.94 ? 18  DG  A "C4'" 1 
ATOM   405  O "O4'" . DG  A 1 18 ? 2.887   -3.506  -4.771  1.00 20.89 ? 18  DG  A "O4'" 1 
ATOM   406  C "C3'" . DG  A 1 18 ? 5.014   -3.401  -5.833  1.00 21.85 ? 18  DG  A "C3'" 1 
ATOM   407  O "O3'" . DG  A 1 18 ? 4.961   -2.557  -6.961  1.00 28.73 ? 18  DG  A "O3'" 1 
ATOM   408  C "C2'" . DG  A 1 18 ? 5.012   -2.596  -4.522  1.00 22.44 ? 18  DG  A "C2'" 1 
ATOM   409  C "C1'" . DG  A 1 18 ? 3.536   -2.323  -4.344  1.00 20.32 ? 18  DG  A "C1'" 1 
ATOM   410  N N9    . DG  A 1 18 ? 3.136   -2.061  -2.956  1.00 16.54 ? 18  DG  A N9    1 
ATOM   411  C C8    . DG  A 1 18 ? 3.087   -2.969  -1.922  1.00 16.46 ? 18  DG  A C8    1 
ATOM   412  N N7    . DG  A 1 18 ? 2.666   -2.454  -0.801  1.00 16.94 ? 18  DG  A N7    1 
ATOM   413  C C5    . DG  A 1 18 ? 2.382   -1.138  -1.114  1.00 14.40 ? 18  DG  A C5    1 
ATOM   414  C C6    . DG  A 1 18 ? 1.912   -0.093  -0.295  1.00 14.85 ? 18  DG  A C6    1 
ATOM   415  O O6    . DG  A 1 18 ? 1.605   -0.139  0.905   1.00 16.26 ? 18  DG  A O6    1 
ATOM   416  N N1    . DG  A 1 18 ? 1.785   1.108   -1.002  1.00 16.47 ? 18  DG  A N1    1 
ATOM   417  C C2    . DG  A 1 18 ? 2.087   1.264   -2.332  1.00 14.94 ? 18  DG  A C2    1 
ATOM   418  N N2    . DG  A 1 18 ? 1.919   2.493   -2.845  1.00 17.57 ? 18  DG  A N2    1 
ATOM   419  N N3    . DG  A 1 18 ? 2.538   0.287   -3.110  1.00 14.38 ? 18  DG  A N3    1 
ATOM   420  C C4    . DG  A 1 18 ? 2.694   -0.871  -2.432  1.00 13.35 ? 18  DG  A C4    1 
ATOM   421  P P     . DG  A 1 19 ? 6.304   -1.865  -7.508  1.00 38.72 ? 19  DG  A P     1 
ATOM   422  O OP1   . DG  A 1 19 ? 6.203   -1.780  -8.977  1.00 37.11 ? 19  DG  A OP1   1 
ATOM   423  O OP2   . DG  A 1 19 ? 7.434   -2.541  -6.841  1.00 37.48 ? 19  DG  A OP2   1 
ATOM   424  O "O5'" . DG  A 1 19 ? 6.264   -0.397  -6.899  1.00 33.87 ? 19  DG  A "O5'" 1 
ATOM   425  C "C5'" . DG  A 1 19 ? 5.201   0.443   -7.221  1.00 26.91 ? 19  DG  A "C5'" 1 
ATOM   426  C "C4'" . DG  A 1 19 ? 5.429   1.833   -6.674  1.00 27.46 ? 19  DG  A "C4'" 1 
ATOM   427  O "O4'" . DG  A 1 19 ? 4.952   1.923   -5.309  1.00 29.02 ? 19  DG  A "O4'" 1 
ATOM   428  C "C3'" . DG  A 1 19 ? 6.874   2.306   -6.649  1.00 25.14 ? 19  DG  A "C3'" 1 
ATOM   429  O "O3'" . DG  A 1 19 ? 6.871   3.642   -7.115  1.00 29.13 ? 19  DG  A "O3'" 1 
ATOM   430  C "C2'" . DG  A 1 19 ? 7.261   2.187   -5.158  1.00 22.57 ? 19  DG  A "C2'" 1 
ATOM   431  C "C1'" . DG  A 1 19 ? 5.934   2.520   -4.495  1.00 24.73 ? 19  DG  A "C1'" 1 
ATOM   432  N N9    . DG  A 1 19 ? 5.729   2.005   -3.136  1.00 19.09 ? 19  DG  A N9    1 
ATOM   433  C C8    . DG  A 1 19 ? 5.868   0.706   -2.693  1.00 17.09 ? 19  DG  A C8    1 
ATOM   434  N N7    . DG  A 1 19 ? 5.572   0.557   -1.431  1.00 20.26 ? 19  DG  A N7    1 
ATOM   435  C C5    . DG  A 1 19 ? 5.157   1.823   -1.031  1.00 15.95 ? 19  DG  A C5    1 
ATOM   436  C C6    . DG  A 1 19 ? 4.697   2.276   0.220   1.00 17.68 ? 19  DG  A C6    1 
ATOM   437  O O6    . DG  A 1 19 ? 4.524   1.615   1.252   1.00 16.84 ? 19  DG  A O6    1 
ATOM   438  N N1    . DG  A 1 19 ? 4.411   3.640   0.204   1.00 18.29 ? 19  DG  A N1    1 
ATOM   439  C C2    . DG  A 1 19 ? 4.530   4.456   -0.895  1.00 17.97 ? 19  DG  A C2    1 
ATOM   440  N N2    . DG  A 1 19 ? 4.225   5.741   -0.720  1.00 17.23 ? 19  DG  A N2    1 
ATOM   441  N N3    . DG  A 1 19 ? 4.959   4.038   -2.069  1.00 19.66 ? 19  DG  A N3    1 
ATOM   442  C C4    . DG  A 1 19 ? 5.242   2.720   -2.067  1.00 16.47 ? 19  DG  A C4    1 
ATOM   443  P P     . DG  A 1 20 ? 8.224   4.483   -7.237  1.00 30.64 ? 20  DG  A P     1 
ATOM   444  O OP1   . DG  A 1 20 ? 8.077   5.315   -8.453  1.00 34.53 ? 20  DG  A OP1   1 
ATOM   445  O OP2   . DG  A 1 20 ? 9.375   3.586   -7.081  1.00 29.64 ? 20  DG  A OP2   1 
ATOM   446  O "O5'" . DG  A 1 20 ? 8.173   5.408   -5.951  1.00 26.99 ? 20  DG  A "O5'" 1 
ATOM   447  C "C5'" . DG  A 1 20 ? 7.256   6.465   -5.874  1.00 26.64 ? 20  DG  A "C5'" 1 
ATOM   448  C "C4'" . DG  A 1 20 ? 7.686   7.438   -4.799  1.00 22.67 ? 20  DG  A "C4'" 1 
ATOM   449  O "O4'" . DG  A 1 20 ? 7.295   6.925   -3.499  1.00 23.90 ? 20  DG  A "O4'" 1 
ATOM   450  C "C3'" . DG  A 1 20 ? 9.192   7.679   -4.708  1.00 24.75 ? 20  DG  A "C3'" 1 
ATOM   451  O "O3'" . DG  A 1 20 ? 9.412   9.027   -4.450  1.00 26.52 ? 20  DG  A "O3'" 1 
ATOM   452  C "C2'" . DG  A 1 20 ? 9.618   6.805   -3.521  1.00 21.04 ? 20  DG  A "C2'" 1 
ATOM   453  C "C1'" . DG  A 1 20 ? 8.400   6.929   -2.626  1.00 21.42 ? 20  DG  A "C1'" 1 
ATOM   454  N N9    . DG  A 1 20 ? 8.227   5.825   -1.706  1.00 19.40 ? 20  DG  A N9    1 
ATOM   455  C C8    . DG  A 1 20 ? 8.455   4.503   -1.957  1.00 22.09 ? 20  DG  A C8    1 
ATOM   456  N N7    . DG  A 1 20 ? 8.193   3.732   -0.943  1.00 20.60 ? 20  DG  A N7    1 
ATOM   457  C C5    . DG  A 1 20 ? 7.751   4.595   0.045   1.00 18.64 ? 20  DG  A C5    1 
ATOM   458  C C6    . DG  A 1 20 ? 7.310   4.323   1.367   1.00 19.64 ? 20  DG  A C6    1 
ATOM   459  O O6    . DG  A 1 20 ? 7.222   3.217   1.932   1.00 17.87 ? 20  DG  A O6    1 
ATOM   460  N N1    . DG  A 1 20 ? 6.928   5.477   2.034   1.00 19.09 ? 20  DG  A N1    1 
ATOM   461  C C2    . DG  A 1 20 ? 6.983   6.749   1.488   1.00 19.68 ? 20  DG  A C2    1 
ATOM   462  N N2    . DG  A 1 20 ? 6.608   7.746   2.292   1.00 20.52 ? 20  DG  A N2    1 
ATOM   463  N N3    . DG  A 1 20 ? 7.399   7.019   0.241   1.00 19.09 ? 20  DG  A N3    1 
ATOM   464  C C4    . DG  A 1 20 ? 7.759   5.898   -0.417  1.00 16.27 ? 20  DG  A C4    1 
ATOM   465  P P     . DA  A 1 21 ? 10.229  9.919   -5.503  1.00 35.29 ? 21  DA  A P     1 
ATOM   466  O OP1   . DA  A 1 21 ? 10.549  11.191  -4.827  1.00 43.92 ? 21  DA  A OP1   1 
ATOM   467  O OP2   . DA  A 1 21 ? 9.508   9.917   -6.792  1.00 39.24 ? 21  DA  A OP2   1 
ATOM   468  O "O5'" . DA  A 1 21 ? 11.557  9.076   -5.742  1.00 38.10 ? 21  DA  A "O5'" 1 
ATOM   469  C "C5'" . DA  A 1 21 ? 12.774  9.520   -5.228  1.00 47.30 ? 21  DA  A "C5'" 1 
ATOM   470  C "C4'" . DA  A 1 21 ? 13.814  8.442   -5.392  1.00 38.04 ? 21  DA  A "C4'" 1 
ATOM   471  O "O4'" . DA  A 1 21 ? 14.957  8.991   -6.061  1.00 41.49 ? 21  DA  A "O4'" 1 
ATOM   472  C "C3'" . DA  A 1 21 ? 14.328  7.845   -4.094  1.00 34.28 ? 21  DA  A "C3'" 1 
ATOM   473  O "O3'" . DA  A 1 21 ? 14.685  6.492   -4.306  1.00 32.95 ? 21  DA  A "O3'" 1 
ATOM   474  C "C2'" . DA  A 1 21 ? 15.552  8.714   -3.760  1.00 35.64 ? 21  DA  A "C2'" 1 
ATOM   475  C "C1'" . DA  A 1 21 ? 15.946  9.334   -5.116  1.00 31.36 ? 21  DA  A "C1'" 1 
ATOM   476  N N9    . DA  A 1 21 ? 16.117  10.794  -5.112  1.00 29.33 ? 21  DA  A N9    1 
ATOM   477  C C8    . DA  A 1 21 ? 16.761  11.529  -6.065  1.00 23.55 ? 21  DA  A C8    1 
ATOM   478  N N7    . DA  A 1 21 ? 16.794  12.812  -5.817  1.00 26.39 ? 21  DA  A N7    1 
ATOM   479  C C5    . DA  A 1 21 ? 16.103  12.941  -4.631  1.00 24.91 ? 21  DA  A C5    1 
ATOM   480  C C6    . DA  A 1 21 ? 15.780  14.063  -3.842  1.00 22.35 ? 21  DA  A C6    1 
ATOM   481  N N6    . DA  A 1 21 ? 16.126  15.321  -4.152  1.00 29.15 ? 21  DA  A N6    1 
ATOM   482  N N1    . DA  A 1 21 ? 15.085  13.846  -2.708  1.00 30.85 ? 21  DA  A N1    1 
ATOM   483  C C2    . DA  A 1 21 ? 14.739  12.598  -2.397  1.00 23.08 ? 21  DA  A C2    1 
ATOM   484  N N3    . DA  A 1 21 ? 14.976  11.470  -3.051  1.00 29.34 ? 21  DA  A N3    1 
ATOM   485  C C4    . DA  A 1 21 ? 15.681  11.708  -4.176  1.00 23.99 ? 21  DA  A C4    1 
ATOM   486  P P     . DA  A 1 22 ? 13.790  5.313   -3.681  1.00 33.59 ? 22  DA  A P     1 
ATOM   487  O OP1   . DA  A 1 22 ? 14.596  4.072   -3.720  1.00 49.31 ? 22  DA  A OP1   1 
ATOM   488  O OP2   . DA  A 1 22 ? 12.481  5.343   -4.364  1.00 35.05 ? 22  DA  A OP2   1 
ATOM   489  O "O5'" . DA  A 1 22 ? 13.689  5.706   -2.140  1.00 40.03 ? 22  DA  A "O5'" 1 
ATOM   490  C "C5'" . DA  A 1 22 ? 12.466  5.640   -1.485  1.00 31.28 ? 22  DA  A "C5'" 1 
ATOM   491  C "C4'" . DA  A 1 22 ? 12.189  6.930   -0.754  1.00 30.39 ? 22  DA  A "C4'" 1 
ATOM   492  O "O4'" . DA  A 1 22 ? 10.863  6.870   -0.198  1.00 29.74 ? 22  DA  A "O4'" 1 
ATOM   493  C "C3'" . DA  A 1 22 ? 13.112  7.217   0.412   1.00 27.30 ? 22  DA  A "C3'" 1 
ATOM   494  O "O3'" . DA  A 1 22 ? 14.208  8.009   -0.037  1.00 34.42 ? 22  DA  A "O3'" 1 
ATOM   495  C "C2'" . DA  A 1 22 ? 12.216  8.014   1.363   1.00 27.82 ? 22  DA  A "C2'" 1 
ATOM   496  C "C1'" . DA  A 1 22 ? 10.847  7.376   1.117   1.00 24.89 ? 22  DA  A "C1'" 1 
ATOM   497  N N9    . DA  A 1 22 ? 10.528  6.287   2.035   1.00 23.89 ? 22  DA  A N9    1 
ATOM   498  C C8    . DA  A 1 22 ? 10.665  4.945   1.812   1.00 24.54 ? 22  DA  A C8    1 
ATOM   499  N N7    . DA  A 1 22 ? 10.300  4.196   2.831   1.00 23.10 ? 22  DA  A N7    1 
ATOM   500  C C5    . DA  A 1 22 ? 9.893   5.117   3.786   1.00 19.78 ? 22  DA  A C5    1 
ATOM   501  C C6    . DA  A 1 22 ? 9.398   4.971   5.103   1.00 20.45 ? 22  DA  A C6    1 
ATOM   502  N N6    . DA  A 1 22 ? 9.230   3.786   5.700   1.00 20.57 ? 22  DA  A N6    1 
ATOM   503  N N1    . DA  A 1 22 ? 9.099   6.091   5.784   1.00 21.95 ? 22  DA  A N1    1 
ATOM   504  C C2    . DA  A 1 22 ? 9.270   7.271   5.193   1.00 25.44 ? 22  DA  A C2    1 
ATOM   505  N N3    . DA  A 1 22 ? 9.729   7.537   3.965   1.00 25.70 ? 22  DA  A N3    1 
ATOM   506  C C4    . DA  A 1 22 ? 10.015  6.405   3.310   1.00 21.15 ? 22  DA  A C4    1 
ATOM   507  O "O5'" A DA  B 1 1  ? 0.857   -9.240  -3.094  0.60 36.77 ? 1   DA  B "O5'" 1 
ATOM   508  O "O5'" B DA  B 1 1  ? -0.104  -9.898  -0.438  0.40 29.30 ? 1   DA  B "O5'" 1 
ATOM   509  C "C5'" A DA  B 1 1  ? 1.231   -10.609 -2.984  0.60 35.20 ? 1   DA  B "C5'" 1 
ATOM   510  C "C5'" B DA  B 1 1  ? 0.221   -11.143 -1.054  0.40 29.57 ? 1   DA  B "C5'" 1 
ATOM   511  C "C4'" A DA  B 1 1  ? 0.479   -11.295 -1.852  0.60 31.73 ? 1   DA  B "C4'" 1 
ATOM   512  C "C4'" B DA  B 1 1  ? 0.647   -12.160 -0.014  0.40 29.77 ? 1   DA  B "C4'" 1 
ATOM   513  O "O4'" A DA  B 1 1  ? 0.552   -12.725 -2.040  0.60 32.08 ? 1   DA  B "O4'" 1 
ATOM   514  O "O4'" B DA  B 1 1  ? 0.975   -13.418 -0.657  0.40 29.90 ? 1   DA  B "O4'" 1 
ATOM   515  C "C3'" A DA  B 1 1  ? 1.077   -11.099 -0.476  0.60 31.49 ? 1   DA  B "C3'" 1 
ATOM   516  C "C3'" B DA  B 1 1  ? 1.882   -11.767 0.798   0.40 29.27 ? 1   DA  B "C3'" 1 
ATOM   517  O "O3'" A DA  B 1 1  ? 0.168   -11.589 0.509   0.60 28.46 ? 1   DA  B "O3'" 1 
ATOM   518  O "O3'" B DA  B 1 1  ? 1.649   -12.015 2.164   0.40 31.60 ? 1   DA  B "O3'" 1 
ATOM   519  C "C2'" A DA  B 1 1  ? 2.274   -12.034 -0.583  0.60 29.60 ? 1   DA  B "C2'" 1 
ATOM   520  C "C2'" B DA  B 1 1  ? 2.973   -12.680 0.250   0.40 29.73 ? 1   DA  B "C2'" 1 
ATOM   521  C "C1'" A DA  B 1 1  ? 1.597   -13.243 -1.235  0.60 28.16 ? 1   DA  B "C1'" 1 
ATOM   522  C "C1'" B DA  B 1 1  ? 2.166   -13.911 -0.102  0.40 27.66 ? 1   DA  B "C1'" 1 
ATOM   523  N N9    A DA  B 1 1  ? 2.455   -14.041 -2.099  0.60 27.16 ? 1   DA  B N9    1 
ATOM   524  N N9    B DA  B 1 1  ? 2.806   -14.783 -1.080  0.40 25.64 ? 1   DA  B N9    1 
ATOM   525  C C8    A DA  B 1 1  ? 2.731   -13.812 -3.416  0.60 26.24 ? 1   DA  B C8    1 
ATOM   526  C C8    B DA  B 1 1  ? 2.880   -14.597 -2.433  0.40 26.33 ? 1   DA  B C8    1 
ATOM   527  N N7    A DA  B 1 1  ? 3.503   -14.720 -3.959  0.60 28.38 ? 1   DA  B N7    1 
ATOM   528  N N7    B DA  B 1 1  ? 3.508   -15.560 -3.064  0.40 25.73 ? 1   DA  B N7    1 
ATOM   529  C C5    A DA  B 1 1  ? 3.729   -15.614 -2.934  0.60 25.98 ? 1   DA  B C5    1 
ATOM   530  C C5    B DA  B 1 1  ? 3.867   -16.437 -2.052  0.40 24.80 ? 1   DA  B C5    1 
ATOM   531  C C6    A DA  B 1 1  ? 4.471   -16.801 -2.867  0.60 25.65 ? 1   DA  B C6    1 
ATOM   532  C C6    B DA  B 1 1  ? 4.560   -17.661 -2.059  0.40 27.13 ? 1   DA  B C6    1 
ATOM   533  N N6    A DA  B 1 1  ? 5.150   -17.300 -3.902  0.60 29.98 ? 1   DA  B N6    1 
ATOM   534  N N6    B DA  B 1 1  ? 5.032   -18.230 -3.171  0.40 25.26 ? 1   DA  B N6    1 
ATOM   535  N N1    A DA  B 1 1  ? 4.492   -17.459 -1.687  0.60 27.38 ? 1   DA  B N1    1 
ATOM   536  N N1    B DA  B 1 1  ? 4.756   -18.278 -0.874  0.40 27.86 ? 1   DA  B N1    1 
ATOM   537  C C2    A DA  B 1 1  ? 3.818   -16.952 -0.652  0.60 25.58 ? 1   DA  B C2    1 
ATOM   538  C C2    B DA  B 1 1  ? 4.284   -17.703 0.237   0.40 25.92 ? 1   DA  B C2    1 
ATOM   539  N N3    A DA  B 1 1  ? 3.086   -15.840 -0.593  0.60 25.81 ? 1   DA  B N3    1 
ATOM   540  N N3    B DA  B 1 1  ? 3.615   -16.559 0.369   0.40 26.05 ? 1   DA  B N3    1 
ATOM   541  C C4    A DA  B 1 1  ? 3.087   -15.214 -1.780  0.60 24.47 ? 1   DA  B C4    1 
ATOM   542  C C4    B DA  B 1 1  ? 3.441   -15.969 -0.825  0.40 26.29 ? 1   DA  B C4    1 
ATOM   543  P P     A DG  B 1 2  ? -1.094  -10.727 1.016   0.60 31.41 ? 2   DG  B P     1 
ATOM   544  P P     B DG  B 1 2  ? 2.298   -11.047 3.263   0.40 30.05 ? 2   DG  B P     1 
ATOM   545  O OP1   A DG  B 1 2  ? -1.856  -11.672 1.867   0.60 28.01 ? 2   DG  B OP1   1 
ATOM   546  O OP1   B DG  B 1 2  ? 3.709   -10.864 2.853   0.40 31.76 ? 2   DG  B OP1   1 
ATOM   547  O OP2   A DG  B 1 2  ? -1.780  -10.049 -0.109  0.60 26.49 ? 2   DG  B OP2   1 
ATOM   548  O OP2   B DG  B 1 2  ? 1.967   -11.584 4.607   0.40 29.38 ? 2   DG  B OP2   1 
ATOM   549  O "O5'" A DG  B 1 2  ? -0.450  -9.623  1.963   0.60 27.12 ? 2   DG  B "O5'" 1 
ATOM   550  O "O5'" B DG  B 1 2  ? 1.521   -9.667  3.059   0.40 28.70 ? 2   DG  B "O5'" 1 
ATOM   551  C "C5'" A DG  B 1 2  ? 0.195   -10.015 3.163   0.60 26.09 ? 2   DG  B "C5'" 1 
ATOM   552  C "C5'" B DG  B 1 2  ? 0.120   -9.658  3.046   0.40 25.84 ? 2   DG  B "C5'" 1 
ATOM   553  C "C4'" A DG  B 1 2  ? -0.329  -9.210  4.324   0.60 25.17 ? 2   DG  B "C4'" 1 
ATOM   554  C "C4'" B DG  B 1 2  ? -0.406  -9.079  4.332   0.40 25.30 ? 2   DG  B "C4'" 1 
ATOM   555  O "O4'" A DG  B 1 2  ? -0.128  -7.801  4.040   0.60 20.10 ? 2   DG  B "O4'" 1 
ATOM   556  O "O4'" B DG  B 1 2  ? -0.279  -7.635  4.285   0.40 20.69 ? 2   DG  B "O4'" 1 
ATOM   557  C "C3'" A DG  B 1 2  ? -1.822  -9.373  4.602   0.60 26.81 ? 2   DG  B "C3'" 1 
ATOM   558  C "C3'" B DG  B 1 2  ? -1.869  -9.353  4.606   0.40 26.80 ? 2   DG  B "C3'" 1 
ATOM   559  O "O3'" A DG  B 1 2  ? -2.042  -9.474  6.000   0.60 28.84 ? 2   DG  B "O3'" 1 
ATOM   560  O "O3'" B DG  B 1 2  ? -2.055  -9.472  5.990   0.40 28.83 ? 2   DG  B "O3'" 1 
ATOM   561  C "C2'" A DG  B 1 2  ? -2.432  -8.091  4.029   0.60 25.01 ? 2   DG  B "C2'" 1 
ATOM   562  C "C2'" B DG  B 1 2  ? -2.552  -8.102  4.060   0.40 24.92 ? 2   DG  B "C2'" 1 
ATOM   563  C "C1'" A DG  B 1 2  ? -1.313  -7.102  4.299   0.60 19.70 ? 2   DG  B "C1'" 1 
ATOM   564  C "C1'" B DG  B 1 2  ? -1.541  -7.039  4.450   0.40 20.20 ? 2   DG  B "C1'" 1 
ATOM   565  N N9    A DG  B 1 2  ? -1.335  -5.930  3.433   0.60 16.02 ? 2   DG  B N9    1 
ATOM   566  N N9    B DG  B 1 2  ? -1.589  -5.845  3.616   0.40 16.93 ? 2   DG  B N9    1 
ATOM   567  C C8    A DG  B 1 2  ? -0.921  -5.869  2.131   0.60 18.20 ? 2   DG  B C8    1 
ATOM   568  C C8    B DG  B 1 2  ? -1.313  -5.762  2.276   0.40 18.76 ? 2   DG  B C8    1 
ATOM   569  N N7    A DG  B 1 2  ? -1.057  -4.684  1.599   0.60 15.91 ? 2   DG  B N7    1 
ATOM   570  N N7    B DG  B 1 2  ? -1.440  -4.555  1.795   0.40 16.33 ? 2   DG  B N7    1 
ATOM   571  C C5    A DG  B 1 2  ? -1.587  -3.913  2.628   0.60 16.98 ? 2   DG  B C5    1 
ATOM   572  C C5    B DG  B 1 2  ? -1.817  -3.793  2.894   0.40 16.55 ? 2   DG  B C5    1 
ATOM   573  C C6    A DG  B 1 2  ? -1.957  -2.552  2.644   0.60 13.88 ? 2   DG  B C6    1 
ATOM   574  C C6    B DG  B 1 2  ? -2.104  -2.415  2.995   0.40 13.99 ? 2   DG  B C6    1 
ATOM   575  O O6    A DG  B 1 2  ? -1.842  -1.721  1.735   0.60 16.02 ? 2   DG  B O6    1 
ATOM   576  O O6    B DG  B 1 2  ? -2.058  -1.558  2.103   0.40 15.99 ? 2   DG  B O6    1 
ATOM   577  N N1    A DG  B 1 2  ? -2.449  -2.163  3.885   0.60 14.37 ? 2   DG  B N1    1 
ATOM   578  N N1    B DG  B 1 2  ? -2.445  -2.053  4.295   0.40 15.63 ? 2   DG  B N1    1 
ATOM   579  C C2    A DG  B 1 2  ? -2.579  -2.996  4.975   0.60 15.17 ? 2   DG  B C2    1 
ATOM   580  C C2    B DG  B 1 2  ? -2.506  -2.918  5.362   0.40 15.35 ? 2   DG  B C2    1 
ATOM   581  N N2    A DG  B 1 2  ? -3.092  -2.451  6.094   0.60 17.04 ? 2   DG  B N2    1 
ATOM   582  N N2    B DG  B 1 2  ? -2.864  -2.391  6.545   0.40 15.75 ? 2   DG  B N2    1 
ATOM   583  N N3    A DG  B 1 2  ? -2.253  -4.280  4.962   0.60 17.14 ? 2   DG  B N3    1 
ATOM   584  N N3    B DG  B 1 2  ? -2.249  -4.210  5.275   0.40 17.73 ? 2   DG  B N3    1 
ATOM   585  C C4    A DG  B 1 2  ? -1.765  -4.667  3.761   0.60 17.49 ? 2   DG  B C4    1 
ATOM   586  C C4    B DG  B 1 2  ? -1.911  -4.577  4.019   0.40 17.51 ? 2   DG  B C4    1 
ATOM   587  P P     . DG  B 1 3  ? -3.397  -10.143 6.543   1.00 37.02 ? 3   DG  B P     1 
ATOM   588  O OP1   . DG  B 1 3  ? -3.055  -10.874 7.785   1.00 42.55 ? 3   DG  B OP1   1 
ATOM   589  O OP2   . DG  B 1 3  ? -4.067  -10.816 5.407   1.00 39.64 ? 3   DG  B OP2   1 
ATOM   590  O "O5'" . DG  B 1 3  ? -4.341  -8.898  6.895   1.00 31.99 ? 3   DG  B "O5'" 1 
ATOM   591  C "C5'" . DG  B 1 3  ? -4.200  -8.260  8.125   1.00 31.03 ? 3   DG  B "C5'" 1 
ATOM   592  C "C4'" . DG  B 1 3  ? -5.233  -7.168  8.288   1.00 29.86 ? 3   DG  B "C4'" 1 
ATOM   593  O "O4'" . DG  B 1 3  ? -4.981  -6.113  7.332   1.00 29.19 ? 3   DG  B "O4'" 1 
ATOM   594  C "C3'" . DG  B 1 3  ? -6.690  -7.589  8.084   1.00 28.53 ? 3   DG  B "C3'" 1 
ATOM   595  O "O3'" . DG  B 1 3  ? -7.437  -7.129  9.212   1.00 30.69 ? 3   DG  B "O3'" 1 
ATOM   596  C "C2'" . DG  B 1 3  ? -7.095  -6.873  6.775   1.00 31.73 ? 3   DG  B "C2'" 1 
ATOM   597  C "C1'" . DG  B 1 3  ? -6.193  -5.651  6.812   1.00 26.14 ? 3   DG  B "C1'" 1 
ATOM   598  N N9    . DG  B 1 3  ? -5.917  -5.032  5.506   1.00 18.25 ? 3   DG  B N9    1 
ATOM   599  C C8    . DG  B 1 3  ? -5.423  -5.639  4.380   1.00 18.42 ? 3   DG  B C8    1 
ATOM   600  N N7    . DG  B 1 3  ? -5.265  -4.815  3.377   1.00 19.56 ? 3   DG  B N7    1 
ATOM   601  C C5    . DG  B 1 3  ? -5.677  -3.588  3.877   1.00 18.20 ? 3   DG  B C5    1 
ATOM   602  C C6    . DG  B 1 3  ? -5.735  -2.324  3.244   1.00 19.16 ? 3   DG  B C6    1 
ATOM   603  O O6    . DG  B 1 3  ? -5.407  -2.032  2.085   1.00 18.42 ? 3   DG  B O6    1 
ATOM   604  N N1    . DG  B 1 3  ? -6.207  -1.343  4.099   1.00 16.01 ? 3   DG  B N1    1 
ATOM   605  C C2    . DG  B 1 3  ? -6.599  -1.557  5.393   1.00 16.60 ? 3   DG  B C2    1 
ATOM   606  N N2    . DG  B 1 3  ? -7.033  -0.491  6.059   1.00 15.11 ? 3   DG  B N2    1 
ATOM   607  N N3    . DG  B 1 3  ? -6.543  -2.741  6.001   1.00 18.49 ? 3   DG  B N3    1 
ATOM   608  C C4    . DG  B 1 3  ? -6.081  -3.701  5.178   1.00 17.10 ? 3   DG  B C4    1 
ATOM   609  P P     . DG  B 1 4  ? -9.034  -7.273  9.281   1.00 34.02 ? 4   DG  B P     1 
ATOM   610  O OP1   . DG  B 1 4  ? -9.380  -7.498  10.702  1.00 40.67 ? 4   DG  B OP1   1 
ATOM   611  O OP2   . DG  B 1 4  ? -9.524  -8.174  8.229   1.00 31.27 ? 4   DG  B OP2   1 
ATOM   612  O "O5'" . DG  B 1 4  ? -9.537  -5.804  8.890   1.00 27.22 ? 4   DG  B "O5'" 1 
ATOM   613  C "C5'" . DG  B 1 4  ? -9.233  -4.712  9.723   1.00 26.39 ? 4   DG  B "C5'" 1 
ATOM   614  C "C4'" . DG  B 1 4  ? -10.142 -3.528  9.424   1.00 26.13 ? 4   DG  B "C4'" 1 
ATOM   615  O "O4'" . DG  B 1 4  ? -9.760  -2.911  8.167   1.00 20.77 ? 4   DG  B "O4'" 1 
ATOM   616  C "C3'" . DG  B 1 4  ? -11.624 -3.852  9.273   1.00 27.37 ? 4   DG  B "C3'" 1 
ATOM   617  O "O3'" . DG  B 1 4  ? -12.386 -2.725  9.689   1.00 29.83 ? 4   DG  B "O3'" 1 
ATOM   618  C "C2'" . DG  B 1 4  ? -11.748 -4.049  7.756   1.00 23.02 ? 4   DG  B "C2'" 1 
ATOM   619  C "C1'" . DG  B 1 4  ? -10.875 -2.898  7.293   1.00 20.30 ? 4   DG  B "C1'" 1 
ATOM   620  N N9    . DG  B 1 4  ? -10.339 -3.000  5.947   1.00 18.09 ? 4   DG  B N9    1 
ATOM   621  C C8    . DG  B 1 4  ? -9.812  -4.111  5.325   1.00 22.63 ? 4   DG  B C8    1 
ATOM   622  N N7    . DG  B 1 4  ? -9.349  -3.862  4.136   1.00 19.51 ? 4   DG  B N7    1 
ATOM   623  C C5    . DG  B 1 4  ? -9.563  -2.494  3.971   1.00 17.65 ? 4   DG  B C5    1 
ATOM   624  C C6    . DG  B 1 4  ? -9.251  -1.644  2.889   1.00 17.95 ? 4   DG  B C6    1 
ATOM   625  O O6    . DG  B 1 4  ? -8.709  -1.936  1.808   1.00 18.84 ? 4   DG  B O6    1 
ATOM   626  N N1    . DG  B 1 4  ? -9.647  -0.334  3.140   1.00 15.61 ? 4   DG  B N1    1 
ATOM   627  C C2    . DG  B 1 4  ? -10.247 0.101   4.303   1.00 17.11 ? 4   DG  B C2    1 
ATOM   628  N N2    . DG  B 1 4  ? -10.548 1.406   4.374   1.00 19.72 ? 4   DG  B N2    1 
ATOM   629  N N3    . DG  B 1 4  ? -10.525 -0.682  5.320   1.00 19.02 ? 4   DG  B N3    1 
ATOM   630  C C4    . DG  B 1 4  ? -10.173 -1.963  5.079   1.00 15.87 ? 4   DG  B C4    1 
ATOM   631  P P     . DC  B 1 5  ? -12.692 -2.440  11.246  1.00 33.17 ? 5   DC  B P     1 
ATOM   632  O OP1   . DC  B 1 5  ? -12.824 -3.734  11.941  1.00 34.03 ? 5   DC  B OP1   1 
ATOM   633  O OP2   . DC  B 1 5  ? -13.746 -1.412  11.279  1.00 32.74 ? 5   DC  B OP2   1 
ATOM   634  O "O5'" . DC  B 1 5  ? -11.354 -1.760  11.794  1.00 30.61 ? 5   DC  B "O5'" 1 
ATOM   635  C "C5'" . DC  B 1 5  ? -11.093 -0.402  11.497  1.00 30.18 ? 5   DC  B "C5'" 1 
ATOM   636  C "C4'" . DC  B 1 5  ? -10.226 0.209   12.576  1.00 33.06 ? 5   DC  B "C4'" 1 
ATOM   637  O "O4'" . DC  B 1 5  ? -11.007 0.286   13.778  1.00 38.28 ? 5   DC  B "O4'" 1 
ATOM   638  C "C3'" . DC  B 1 5  ? -8.981  -0.601  12.905  1.00 32.87 ? 5   DC  B "C3'" 1 
ATOM   639  O "O3'" . DC  B 1 5  ? -7.856  0.072   12.397  1.00 35.95 ? 5   DC  B "O3'" 1 
ATOM   640  C "C2'" . DC  B 1 5  ? -8.939  -0.674  14.444  1.00 41.97 ? 5   DC  B "C2'" 1 
ATOM   641  C "C1'" . DC  B 1 5  ? -10.223 0.024   14.909  1.00 44.40 ? 5   DC  B "C1'" 1 
ATOM   642  N N1    . DC  B 1 5  ? -11.068 -0.804  15.846  1.00 46.53 ? 5   DC  B N1    1 
ATOM   643  C C2    . DC  B 1 5  ? -11.490 -2.097  15.475  1.00 50.87 ? 5   DC  B C2    1 
ATOM   644  O O2    . DC  B 1 5  ? -11.118 -2.583  14.402  1.00 57.96 ? 5   DC  B O2    1 
ATOM   645  N N3    . DC  B 1 5  ? -12.268 -2.799  16.324  1.00 53.67 ? 5   DC  B N3    1 
ATOM   646  C C4    . DC  B 1 5  ? -12.657 -2.263  17.473  1.00 54.07 ? 5   DC  B C4    1 
ATOM   647  N N4    . DC  B 1 5  ? -13.434 -3.002  18.268  1.00 55.10 ? 5   DC  B N4    1 
ATOM   648  C C5    . DC  B 1 5  ? -12.272 -0.944  17.858  1.00 55.36 ? 5   DC  B C5    1 
ATOM   649  C C6    . DC  B 1 5  ? -11.495 -0.254  17.018  1.00 51.17 ? 5   DC  B C6    1 
ATOM   650  P P     . DG  B 1 6  ? -6.564  -0.733  11.896  1.00 29.72 ? 6   DG  B P     1 
ATOM   651  O OP1   . DG  B 1 6  ? -6.935  -1.656  10.802  1.00 25.63 ? 6   DG  B OP1   1 
ATOM   652  O OP2   . DG  B 1 6  ? -5.883  -1.262  13.101  1.00 38.08 ? 6   DG  B OP2   1 
ATOM   653  O "O5'" . DG  B 1 6  ? -5.662  0.419   11.275  1.00 30.82 ? 6   DG  B "O5'" 1 
ATOM   654  C "C5'" . DG  B 1 6  ? -5.236  1.483   12.097  1.00 24.46 ? 6   DG  B "C5'" 1 
ATOM   655  C "C4'" . DG  B 1 6  ? -5.131  2.744   11.282  1.00 21.18 ? 6   DG  B "C4'" 1 
ATOM   656  O "O4'" . DG  B 1 6  ? -4.319  2.474   10.107  1.00 18.59 ? 6   DG  B "O4'" 1 
ATOM   657  C "C3'" . DG  B 1 6  ? -6.457  3.294   10.759  1.00 21.92 ? 6   DG  B "C3'" 1 
ATOM   658  O "O3'" . DG  B 1 6  ? -6.372  4.718   10.791  1.00 24.99 ? 6   DG  B "O3'" 1 
ATOM   659  C "C2'" . DG  B 1 6  ? -6.491  2.754   9.316   1.00 22.15 ? 6   DG  B "C2'" 1 
ATOM   660  C "C1'" . DG  B 1 6  ? -5.019  2.878   8.949   1.00 21.18 ? 6   DG  B "C1'" 1 
ATOM   661  N N9    . DG  B 1 6  ? -4.548  2.056   7.818   1.00 18.18 ? 6   DG  B N9    1 
ATOM   662  C C8    . DG  B 1 6  ? -4.216  0.715   7.828   1.00 17.47 ? 6   DG  B C8    1 
ATOM   663  N N7    . DG  B 1 6  ? -3.781  0.278   6.665   1.00 15.13 ? 6   DG  B N7    1 
ATOM   664  C C5    . DG  B 1 6  ? -3.803  1.402   5.858   1.00 17.96 ? 6   DG  B C5    1 
ATOM   665  C C6    . DG  B 1 6  ? -3.441  1.558   4.505   1.00 18.04 ? 6   DG  B C6    1 
ATOM   666  O O6    . DG  B 1 6  ? -2.996  0.698   3.724   1.00 15.27 ? 6   DG  B O6    1 
ATOM   667  N N1    . DG  B 1 6  ? -3.601  2.882   4.071   1.00 15.04 ? 6   DG  B N1    1 
ATOM   668  C C2    . DG  B 1 6  ? -4.085  3.899   4.849   1.00 14.37 ? 6   DG  B C2    1 
ATOM   669  N N2    . DG  B 1 6  ? -4.198  5.084   4.259   1.00 15.48 ? 6   DG  B N2    1 
ATOM   670  N N3    . DG  B 1 6  ? -4.435  3.766   6.108   1.00 14.58 ? 6   DG  B N3    1 
ATOM   671  C C4    . DG  B 1 6  ? -4.269  2.498   6.555   1.00 15.28 ? 6   DG  B C4    1 
ATOM   672  P P     . DG  B 1 7  ? -7.678  5.644   10.919  1.00 29.91 ? 7   DG  B P     1 
ATOM   673  O OP1   . DG  B 1 7  ? -7.202  7.001   11.262  1.00 32.11 ? 7   DG  B OP1   1 
ATOM   674  O OP2   . DG  B 1 7  ? -8.661  4.952   11.771  1.00 28.68 ? 7   DG  B OP2   1 
ATOM   675  O "O5'" . DG  B 1 7  ? -8.271  5.644   9.444   1.00 29.64 ? 7   DG  B "O5'" 1 
ATOM   676  C "C5'" . DG  B 1 7  ? -8.777  6.807   8.891   1.00 31.40 ? 7   DG  B "C5'" 1 
ATOM   677  C "C4'" . DG  B 1 7  ? -9.270  6.542   7.488   1.00 27.32 ? 7   DG  B "C4'" 1 
ATOM   678  O "O4'" . DG  B 1 7  ? -8.223  5.891   6.734   1.00 22.13 ? 7   DG  B "O4'" 1 
ATOM   679  C "C3'" . DG  B 1 7  ? -10.426 5.568   7.360   1.00 30.23 ? 7   DG  B "C3'" 1 
ATOM   680  O "O3'" . DG  B 1 7  ? -11.672 6.237   7.582   1.00 37.11 ? 7   DG  B "O3'" 1 
ATOM   681  C "C2'" . DG  B 1 7  ? -10.295 5.126   5.895   1.00 24.76 ? 7   DG  B "C2'" 1 
ATOM   682  C "C1'" . DG  B 1 7  ? -8.821  5.423   5.555   1.00 21.20 ? 7   DG  B "C1'" 1 
ATOM   683  N N9    . DG  B 1 7  ? -8.140  4.227   5.079   1.00 19.54 ? 7   DG  B N9    1 
ATOM   684  C C8    . DG  B 1 7  ? -8.018  3.030   5.737   1.00 20.45 ? 7   DG  B C8    1 
ATOM   685  N N7    . DG  B 1 7  ? -7.431  2.114   5.017   1.00 18.41 ? 7   DG  B N7    1 
ATOM   686  C C5    . DG  B 1 7  ? -7.158  2.746   3.802   1.00 17.69 ? 7   DG  B C5    1 
ATOM   687  C C6    . DG  B 1 7  ? -6.565  2.240   2.622   1.00 17.61 ? 7   DG  B C6    1 
ATOM   688  O O6    . DG  B 1 7  ? -6.111  1.115   2.421   1.00 15.61 ? 7   DG  B O6    1 
ATOM   689  N N1    . DG  B 1 7  ? -6.496  3.202   1.621   1.00 18.71 ? 7   DG  B N1    1 
ATOM   690  C C2    . DG  B 1 7  ? -6.990  4.481   1.720   1.00 14.15 ? 7   DG  B C2    1 
ATOM   691  N N2    . DG  B 1 7  ? -6.828  5.264   0.633   1.00 19.29 ? 7   DG  B N2    1 
ATOM   692  N N3    . DG  B 1 7  ? -7.556  4.964   2.819   1.00 15.72 ? 7   DG  B N3    1 
ATOM   693  C C4    . DG  B 1 7  ? -7.610  4.033   3.813   1.00 16.65 ? 7   DG  B C4    1 
ATOM   694  P P     . DT  B 1 8  ? -12.899 5.504   8.332   1.00 36.68 ? 8   DT  B P     1 
ATOM   695  O OP1   . DT  B 1 8  ? -14.016 6.473   8.334   1.00 43.43 ? 8   DT  B OP1   1 
ATOM   696  O OP2   . DT  B 1 8  ? -12.392 4.931   9.597   1.00 34.46 ? 8   DT  B OP2   1 
ATOM   697  O "O5'" . DT  B 1 8  ? -13.268 4.251   7.402   1.00 41.48 ? 8   DT  B "O5'" 1 
ATOM   698  C "C5'" . DT  B 1 8  ? -14.401 4.296   6.543   1.00 39.69 ? 8   DT  B "C5'" 1 
ATOM   699  C "C4'" . DT  B 1 8  ? -13.967 4.339   5.090   1.00 32.16 ? 8   DT  B "C4'" 1 
ATOM   700  O "O4'" . DT  B 1 8  ? -13.273 3.113   4.736   1.00 28.67 ? 8   DT  B "O4'" 1 
ATOM   701  C "C3'" . DT  B 1 8  ? -15.085 4.479   4.070   1.00 27.72 ? 8   DT  B "C3'" 1 
ATOM   702  O "O3'" . DT  B 1 8  ? -14.591 5.223   3.006   1.00 32.71 ? 8   DT  B "O3'" 1 
ATOM   703  C "C2'" . DT  B 1 8  ? -15.342 3.026   3.665   1.00 24.43 ? 8   DT  B "C2'" 1 
ATOM   704  C "C1'" . DT  B 1 8  ? -13.910 2.489   3.645   1.00 26.09 ? 8   DT  B "C1'" 1 
ATOM   705  N N1    . DT  B 1 8  ? -13.792 1.010   3.842   1.00 21.38 ? 8   DT  B N1    1 
ATOM   706  C C2    . DT  B 1 8  ? -13.206 0.239   2.871   1.00 17.61 ? 8   DT  B C2    1 
ATOM   707  O O2    . DT  B 1 8  ? -12.782 0.682   1.830   1.00 21.19 ? 8   DT  B O2    1 
ATOM   708  N N3    . DT  B 1 8  ? -13.119 -1.094  3.178   1.00 19.89 ? 8   DT  B N3    1 
ATOM   709  C C4    . DT  B 1 8  ? -13.559 -1.724  4.331   1.00 24.15 ? 8   DT  B C4    1 
ATOM   710  O O4    . DT  B 1 8  ? -13.437 -2.939  4.517   1.00 27.03 ? 8   DT  B O4    1 
ATOM   711  C C5    . DT  B 1 8  ? -14.158 -0.861  5.307   1.00 25.34 ? 8   DT  B C5    1 
ATOM   712  C C7    . DT  B 1 8  ? -14.666 -1.432  6.599   1.00 30.42 ? 8   DT  B C7    1 
ATOM   713  C C6    . DT  B 1 8  ? -14.241 0.450   5.021   1.00 26.21 ? 8   DT  B C6    1 
ATOM   714  P P     . DG  B 1 9  ? -15.578 5.885   1.932   1.00 46.36 ? 9   DG  B P     1 
ATOM   715  O OP1   . DG  B 1 9  ? -16.749 6.425   2.669   1.00 46.37 ? 9   DG  B OP1   1 
ATOM   716  O OP2   . DG  B 1 9  ? -15.744 4.901   0.834   1.00 43.02 ? 9   DG  B OP2   1 
ATOM   717  O "O5'" . DG  B 1 9  ? -14.741 7.127   1.374   1.00 39.72 ? 9   DG  B "O5'" 1 
ATOM   718  C "C5'" . DG  B 1 9  ? -14.071 7.993   2.283   1.00 37.86 ? 9   DG  B "C5'" 1 
ATOM   719  C "C4'" . DG  B 1 9  ? -12.703 8.386   1.756   1.00 29.94 ? 9   DG  B "C4'" 1 
ATOM   720  O "O4'" . DG  B 1 9  ? -11.719 7.373   2.115   1.00 27.74 ? 9   DG  B "O4'" 1 
ATOM   721  C "C3'" . DG  B 1 9  ? -12.601 8.532   0.244   1.00 28.30 ? 9   DG  B "C3'" 1 
ATOM   722  O "O3'" . DG  B 1 9  ? -11.642 9.519   -0.055  1.00 37.08 ? 9   DG  B "O3'" 1 
ATOM   723  C "C2'" . DG  B 1 9  ? -12.113 7.144   -0.183  1.00 32.26 ? 9   DG  B "C2'" 1 
ATOM   724  C "C1'" . DG  B 1 9  ? -11.140 6.847   0.939   1.00 26.80 ? 9   DG  B "C1'" 1 
ATOM   725  N N9    . DG  B 1 9  ? -10.814 5.426   1.158   1.00 17.91 ? 9   DG  B N9    1 
ATOM   726  C C8    . DG  B 1 9  ? -10.939 4.725   2.334   1.00 22.48 ? 9   DG  B C8    1 
ATOM   727  N N7    . DG  B 1 9  ? -10.515 3.490   2.255   1.00 17.87 ? 9   DG  B N7    1 
ATOM   728  C C5    . DG  B 1 9  ? -10.039 3.383   0.953   1.00 15.38 ? 9   DG  B C5    1 
ATOM   729  C C6    . DG  B 1 9  ? -9.443  2.289   0.287   1.00 19.40 ? 9   DG  B C6    1 
ATOM   730  O O6    . DG  B 1 9  ? -9.217  1.166   0.735   1.00 16.29 ? 9   DG  B O6    1 
ATOM   731  N N1    . DG  B 1 9  ? -9.099  2.599   -1.020  1.00 20.10 ? 9   DG  B N1    1 
ATOM   732  C C2    . DG  B 1 9  ? -9.332  3.815   -1.628  1.00 16.43 ? 9   DG  B C2    1 
ATOM   733  N N2    . DG  B 1 9  ? -8.948  3.916   -2.910  1.00 18.76 ? 9   DG  B N2    1 
ATOM   734  N N3    . DG  B 1 9  ? -9.884  4.855   -1.014  1.00 18.94 ? 9   DG  B N3    1 
ATOM   735  C C4    . DG  B 1 9  ? -10.217 4.569   0.266   1.00 17.09 ? 9   DG  B C4    1 
ATOM   736  P P     . DT  B 1 10 ? -12.076 10.890  -0.769  1.00 39.88 ? 10  DT  B P     1 
ATOM   737  O OP1   . DT  B 1 10 ? -13.046 11.586  0.101   1.00 39.27 ? 10  DT  B OP1   1 
ATOM   738  O OP2   . DT  B 1 10 ? -12.439 10.552  -2.156  1.00 36.73 ? 10  DT  B OP2   1 
ATOM   739  O "O5'" . DT  B 1 10 ? -10.719 11.718  -0.804  1.00 39.47 ? 10  DT  B "O5'" 1 
ATOM   740  C "C5'" . DT  B 1 10 ? -9.518  11.082  -1.246  1.00 35.38 ? 10  DT  B "C5'" 1 
ATOM   741  C "C4'" . DT  B 1 10 ? -8.296  11.862  -0.814  1.00 38.11 ? 10  DT  B "C4'" 1 
ATOM   742  O "O4'" . DT  B 1 10 ? -8.340  13.201  -1.372  1.00 42.28 ? 10  DT  B "O4'" 1 
ATOM   743  C "C3'" . DT  B 1 10 ? -8.134  12.042  0.687   1.00 40.47 ? 10  DT  B "C3'" 1 
ATOM   744  O "O3'" . DT  B 1 10 ? -6.776  12.058  0.982   1.00 41.45 ? 10  DT  B "O3'" 1 
ATOM   745  C "C2'" . DT  B 1 10 ? -8.758  13.414  0.930   1.00 37.57 ? 10  DT  B "C2'" 1 
ATOM   746  C "C1'" . DT  B 1 10 ? -8.354  14.159  -0.335  1.00 41.03 ? 10  DT  B "C1'" 1 
ATOM   747  N N1    . DT  B 1 10 ? -9.311  15.239  -0.722  1.00 43.77 ? 10  DT  B N1    1 
ATOM   748  C C2    . DT  B 1 10 ? -8.828  16.482  -1.070  1.00 52.83 ? 10  DT  B C2    1 
ATOM   749  O O2    . DT  B 1 10 ? -7.643  16.764  -1.070  1.00 54.16 ? 10  DT  B O2    1 
ATOM   750  N N3    . DT  B 1 10 ? -9.792  17.395  -1.417  1.00 45.95 ? 10  DT  B N3    1 
ATOM   751  C C4    . DT  B 1 10 ? -11.161 17.191  -1.454  1.00 55.00 ? 10  DT  B C4    1 
ATOM   752  O O4    . DT  B 1 10 ? -11.949 18.077  -1.779  1.00 54.23 ? 10  DT  B O4    1 
ATOM   753  C C5    . DT  B 1 10 ? -11.599 15.866  -1.081  1.00 50.89 ? 10  DT  B C5    1 
ATOM   754  C C7    . DT  B 1 10 ? -13.061 15.529  -1.084  1.00 41.68 ? 10  DT  B C7    1 
ATOM   755  C C6    . DT  B 1 10 ? -10.666 14.964  -0.740  1.00 47.43 ? 10  DT  B C6    1 
ATOM   756  P P     . DG  B 1 11 ? -6.130  10.924  1.907   1.00 35.54 ? 11  DG  B P     1 
ATOM   757  O OP1   . DG  B 1 11 ? -7.118  9.864   2.203   1.00 33.43 ? 11  DG  B OP1   1 
ATOM   758  O OP2   . DG  B 1 11 ? -5.474  11.659  3.005   1.00 44.82 ? 11  DG  B OP2   1 
ATOM   759  O "O5'" . DG  B 1 11 ? -5.001  10.294  0.978   1.00 33.06 ? 11  DG  B "O5'" 1 
ATOM   760  C "C5'" . DG  B 1 11 ? -4.027  11.124  0.351   1.00 28.50 ? 11  DG  B "C5'" 1 
ATOM   761  C "C4'" . DG  B 1 11 ? -3.504  10.443  -0.899  1.00 21.79 ? 11  DG  B "C4'" 1 
ATOM   762  O "O4'" . DG  B 1 11 ? -2.788  9.226   -0.509  1.00 21.41 ? 11  DG  B "O4'" 1 
ATOM   763  C "C3'" . DG  B 1 11 ? -4.590  10.011  -1.877  1.00 25.26 ? 11  DG  B "C3'" 1 
ATOM   764  O "O3'" . DG  B 1 11 ? -4.218  10.321  -3.185  1.00 29.22 ? 11  DG  B "O3'" 1 
ATOM   765  C "C2'" . DG  B 1 11 ? -4.697  8.500   -1.681  1.00 22.08 ? 11  DG  B "C2'" 1 
ATOM   766  C "C1'" . DG  B 1 11 ? -3.286  8.124   -1.241  1.00 22.15 ? 11  DG  B "C1'" 1 
ATOM   767  N N9    . DG  B 1 11 ? -3.265  6.950   -0.372  1.00 19.21 ? 11  DG  B N9    1 
ATOM   768  C C8    . DG  B 1 11 ? -3.651  6.894   0.944   1.00 20.83 ? 11  DG  B C8    1 
ATOM   769  N N7    . DG  B 1 11 ? -3.516  5.704   1.471   1.00 18.62 ? 11  DG  B N7    1 
ATOM   770  C C5    . DG  B 1 11 ? -3.011  4.930   0.437   1.00 15.46 ? 11  DG  B C5    1 
ATOM   771  C C6    . DG  B 1 11 ? -2.687  3.564   0.413   1.00 16.25 ? 11  DG  B C6    1 
ATOM   772  O O6    . DG  B 1 11 ? -2.772  2.749   1.336   1.00 17.33 ? 11  DG  B O6    1 
ATOM   773  N N1    . DG  B 1 11 ? -2.235  3.163   -0.834  1.00 13.58 ? 11  DG  B N1    1 
ATOM   774  C C2    . DG  B 1 11 ? -2.097  4.005   -1.922  1.00 17.40 ? 11  DG  B C2    1 
ATOM   775  N N2    . DG  B 1 11 ? -1.634  3.454   -3.054  1.00 15.69 ? 11  DG  B N2    1 
ATOM   776  N N3    . DG  B 1 11 ? -2.399  5.294   -1.901  1.00 16.64 ? 11  DG  B N3    1 
ATOM   777  C C4    . DG  B 1 11 ? -2.863  5.679   -0.707  1.00 16.60 ? 11  DG  B C4    1 
ATOM   778  P P     . DG  B 1 12 ? -5.317  10.234  -4.346  1.00 35.04 ? 12  DG  B P     1 
ATOM   779  O OP1   . DG  B 1 12 ? -4.900  11.207  -5.387  1.00 35.25 ? 12  DG  B OP1   1 
ATOM   780  O OP2   . DG  B 1 12 ? -6.666  10.277  -3.739  1.00 31.84 ? 12  DG  B OP2   1 
ATOM   781  O "O5'" . DG  B 1 12 ? -5.197  8.755   -4.898  1.00 27.34 ? 12  DG  B "O5'" 1 
ATOM   782  C "C5'" . DG  B 1 12 ? -4.361  8.495   -5.973  1.00 25.14 ? 12  DG  B "C5'" 1 
ATOM   783  C "C4'" . DG  B 1 12 ? -4.590  7.096   -6.464  1.00 21.82 ? 12  DG  B "C4'" 1 
ATOM   784  O "O4'" . DG  B 1 12 ? -4.319  6.150   -5.376  1.00 23.00 ? 12  DG  B "O4'" 1 
ATOM   785  C "C3'" . DG  B 1 12 ? -6.015  6.811   -6.937  1.00 23.29 ? 12  DG  B "C3'" 1 
ATOM   786  O "O3'" . DG  B 1 12 ? -5.957  6.173   -8.219  1.00 29.04 ? 12  DG  B "O3'" 1 
ATOM   787  C "C2'" . DG  B 1 12 ? -6.575  5.891   -5.852  1.00 24.65 ? 12  DG  B "C2'" 1 
ATOM   788  C "C1'" . DG  B 1 12 ? -5.323  5.168   -5.402  1.00 24.58 ? 12  DG  B "C1'" 1 
ATOM   789  N N9    . DG  B 1 12 ? -5.422  4.565   -4.076  1.00 17.33 ? 12  DG  B N9    1 
ATOM   790  C C8    . DG  B 1 12 ? -5.838  5.160   -2.911  1.00 20.52 ? 12  DG  B C8    1 
ATOM   791  N N7    . DG  B 1 12 ? -5.811  4.351   -1.879  1.00 16.11 ? 12  DG  B N7    1 
ATOM   792  C C5    . DG  B 1 12 ? -5.346  3.162   -2.404  1.00 15.31 ? 12  DG  B C5    1 
ATOM   793  C C6    . DG  B 1 12 ? -5.085  1.929   -1.751  1.00 17.00 ? 12  DG  B C6    1 
ATOM   794  O O6    . DG  B 1 12 ? -5.256  1.655   -0.574  1.00 16.37 ? 12  DG  B O6    1 
ATOM   795  N N1    . DG  B 1 12 ? -4.611  0.971   -2.621  1.00 17.40 ? 12  DG  B N1    1 
ATOM   796  C C2    . DG  B 1 12 ? -4.405  1.167   -3.974  1.00 20.42 ? 12  DG  B C2    1 
ATOM   797  N N2    . DG  B 1 12 ? -3.943  0.113   -4.657  1.00 20.26 ? 12  DG  B N2    1 
ATOM   798  N N3    . DG  B 1 12 ? -4.607  2.332   -4.598  1.00 17.51 ? 12  DG  B N3    1 
ATOM   799  C C4    . DG  B 1 12 ? -5.086  3.277   -3.743  1.00 15.15 ? 12  DG  B C4    1 
ATOM   800  P P     . DG  B 1 13 ? -7.292  5.841   -9.053  1.00 29.99 ? 13  DG  B P     1 
ATOM   801  O OP1   . DG  B 1 13 ? -7.117  6.515   -10.361 1.00 34.07 ? 13  DG  B OP1   1 
ATOM   802  O OP2   . DG  B 1 13 ? -8.501  6.073   -8.225  1.00 36.58 ? 13  DG  B OP2   1 
ATOM   803  O "O5'" . DG  B 1 13 ? -7.202  4.270   -9.253  1.00 34.08 ? 13  DG  B "O5'" 1 
ATOM   804  C "C5'" . DG  B 1 13 ? -5.988  3.675   -9.636  1.00 29.69 ? 13  DG  B "C5'" 1 
ATOM   805  C "C4'" . DG  B 1 13 ? -6.172  2.183   -9.814  1.00 25.83 ? 13  DG  B "C4'" 1 
ATOM   806  O "O4'" . DG  B 1 13 ? -6.058  1.517   -8.524  1.00 29.57 ? 13  DG  B "O4'" 1 
ATOM   807  C "C3'" . DG  B 1 13 ? -7.535  1.777   -10.374 1.00 23.75 ? 13  DG  B "C3'" 1 
ATOM   808  O "O3'" . DG  B 1 13 ? -7.396  0.644   -11.198 1.00 31.41 ? 13  DG  B "O3'" 1 
ATOM   809  C "C2'" . DG  B 1 13 ? -8.340  1.453   -9.115  1.00 28.08 ? 13  DG  B "C2'" 1 
ATOM   810  C "C1'" . DG  B 1 13 ? -7.268  0.842   -8.218  1.00 24.93 ? 13  DG  B "C1'" 1 
ATOM   811  N N9    . DG  B 1 13 ? -7.515  1.007   -6.791  1.00 21.66 ? 13  DG  B N9    1 
ATOM   812  C C8    . DG  B 1 13 ? -7.843  2.164   -6.137  1.00 19.90 ? 13  DG  B C8    1 
ATOM   813  N N7    . DG  B 1 13 ? -7.968  2.017   -4.853  1.00 20.17 ? 13  DG  B N7    1 
ATOM   814  C C5    . DG  B 1 13 ? -7.690  0.673   -4.637  1.00 19.02 ? 13  DG  B C5    1 
ATOM   815  C C6    . DG  B 1 13 ? -7.658  -0.065  -3.436  1.00 16.75 ? 13  DG  B C6    1 
ATOM   816  O O6    . DG  B 1 13 ? -7.884  0.336   -2.283  1.00 15.75 ? 13  DG  B O6    1 
ATOM   817  N N1    . DG  B 1 13 ? -7.351  -1.403  -3.665  1.00 18.68 ? 13  DG  B N1    1 
ATOM   818  C C2    . DG  B 1 13 ? -7.065  -1.952  -4.894  1.00 18.00 ? 13  DG  B C2    1 
ATOM   819  N N2    . DG  B 1 13 ? -6.760  -3.268  -4.906  1.00 23.07 ? 13  DG  B N2    1 
ATOM   820  N N3    . DG  B 1 13 ? -7.079  -1.263  -6.026  1.00 18.22 ? 13  DG  B N3    1 
ATOM   821  C C4    . DG  B 1 13 ? -7.392  0.040   -5.820  1.00 20.91 ? 13  DG  B C4    1 
ATOM   822  P P     . DA  B 1 14 ? -8.339  0.478   -12.489 1.00 30.39 ? 14  DA  B P     1 
ATOM   823  O OP1   . DA  B 1 14 ? -9.749  0.624   -12.062 1.00 35.03 ? 14  DA  B OP1   1 
ATOM   824  O OP2   . DA  B 1 14 ? -7.895  -0.748  -13.189 1.00 33.48 ? 14  DA  B OP2   1 
ATOM   825  O "O5'" . DA  B 1 14 ? -7.974  1.750   -13.372 1.00 30.47 ? 14  DA  B "O5'" 1 
ATOM   826  C "C5'" . DA  B 1 14 ? -6.707  1.839   -13.994 1.00 36.94 ? 14  DA  B "C5'" 1 
ATOM   827  C "C4'" . DA  B 1 14 ? -6.844  1.648   -15.491 1.00 35.46 ? 14  DA  B "C4'" 1 
ATOM   828  O "O4'" . DA  B 1 14 ? -7.849  2.553   -15.999 1.00 31.72 ? 14  DA  B "O4'" 1 
ATOM   829  C "C3'" . DA  B 1 14 ? -5.592  1.951   -16.290 1.00 32.18 ? 14  DA  B "C3'" 1 
ATOM   830  O "O3'" . DA  B 1 14 ? -5.574  1.158   -17.464 1.00 39.51 ? 14  DA  B "O3'" 1 
ATOM   831  C "C2'" . DA  B 1 14 ? -5.733  3.440   -16.607 1.00 32.34 ? 14  DA  B "C2'" 1 
ATOM   832  C "C1'" . DA  B 1 14 ? -7.247  3.658   -16.646 1.00 30.97 ? 14  DA  B "C1'" 1 
ATOM   833  N N9    . DA  B 1 14 ? -7.674  4.867   -15.954 1.00 25.40 ? 14  DA  B N9    1 
ATOM   834  C C8    . DA  B 1 14 ? -8.202  4.944   -14.697 1.00 29.88 ? 14  DA  B C8    1 
ATOM   835  N N7    . DA  B 1 14 ? -8.486  6.162   -14.315 1.00 30.75 ? 14  DA  B N7    1 
ATOM   836  C C5    . DA  B 1 14 ? -8.116  6.940   -15.392 1.00 23.63 ? 14  DA  B C5    1 
ATOM   837  C C6    . DA  B 1 14 ? -8.177  8.333   -15.621 1.00 23.23 ? 14  DA  B C6    1 
ATOM   838  N N6    . DA  B 1 14 ? -8.636  9.207   -14.716 1.00 27.95 ? 14  DA  B N6    1 
ATOM   839  N N1    . DA  B 1 14 ? -7.717  8.791   -16.804 1.00 30.37 ? 14  DA  B N1    1 
ATOM   840  C C2    . DA  B 1 14 ? -7.243  7.910   -17.695 1.00 22.32 ? 14  DA  B C2    1 
ATOM   841  N N3    . DA  B 1 14 ? -7.145  6.582   -17.592 1.00 27.54 ? 14  DA  B N3    1 
ATOM   842  C C4    . DA  B 1 14 ? -7.612  6.159   -16.411 1.00 24.82 ? 14  DA  B C4    1 
ATOM   843  P P     . DA  B 1 15 ? -4.303  0.234   -17.785 1.00 40.48 ? 15  DA  B P     1 
ATOM   844  O OP1   . DA  B 1 15 ? -4.698  -0.683  -18.876 1.00 52.55 ? 15  DA  B OP1   1 
ATOM   845  O OP2   . DA  B 1 15 ? -3.781  -0.294  -16.508 1.00 42.24 ? 15  DA  B OP2   1 
ATOM   846  O "O5'" . DA  B 1 15 ? -3.219  1.258   -18.350 1.00 44.17 ? 15  DA  B "O5'" 1 
ATOM   847  C "C5'" . DA  B 1 15 ? -3.547  2.107   -19.436 1.00 42.55 ? 15  DA  B "C5'" 1 
ATOM   848  C "C4'" . DA  B 1 15 ? -2.476  3.164   -19.632 1.00 44.20 ? 15  DA  B "C4'" 1 
ATOM   849  O "O4'" . DA  B 1 15 ? -2.836  4.365   -18.904 1.00 38.80 ? 15  DA  B "O4'" 1 
ATOM   850  C "C3'" . DA  B 1 15 ? -1.087  2.767   -19.139 1.00 39.35 ? 15  DA  B "C3'" 1 
ATOM   851  O "O3'" . DA  B 1 15 ? -0.102  3.266   -20.024 1.00 53.80 ? 15  DA  B "O3'" 1 
ATOM   852  C "C2'" . DA  B 1 15 ? -1.000  3.433   -17.767 1.00 37.08 ? 15  DA  B "C2'" 1 
ATOM   853  C "C1'" . DA  B 1 15 ? -1.815  4.698   -17.982 1.00 32.78 ? 15  DA  B "C1'" 1 
ATOM   854  N N9    . DA  B 1 15 ? -2.473  5.181   -16.773 1.00 27.90 ? 15  DA  B N9    1 
ATOM   855  C C8    . DA  B 1 15 ? -2.607  4.524   -15.582 1.00 27.90 ? 15  DA  B C8    1 
ATOM   856  N N7    . DA  B 1 15 ? -3.271  5.206   -14.679 1.00 25.25 ? 15  DA  B N7    1 
ATOM   857  C C5    . DA  B 1 15 ? -3.594  6.385   -15.329 1.00 26.97 ? 15  DA  B C5    1 
ATOM   858  C C6    . DA  B 1 15 ? -4.295  7.543   -14.921 1.00 27.13 ? 15  DA  B C6    1 
ATOM   859  N N6    . DA  B 1 15 ? -4.820  7.694   -13.706 1.00 27.91 ? 15  DA  B N6    1 
ATOM   860  N N1    . DA  B 1 15 ? -4.422  8.546   -15.814 1.00 28.34 ? 15  DA  B N1    1 
ATOM   861  C C2    . DA  B 1 15 ? -3.896  8.394   -17.031 1.00 28.19 ? 15  DA  B C2    1 
ATOM   862  N N3    . DA  B 1 15 ? -3.222  7.361   -17.530 1.00 29.69 ? 15  DA  B N3    1 
ATOM   863  C C4    . DA  B 1 15 ? -3.108  6.382   -16.618 1.00 29.43 ? 15  DA  B C4    1 
ATOM   864  P P     . DT  B 1 16 ? 1.000   2.260   -20.615 1.00 59.01 ? 16  DT  B P     1 
ATOM   865  O OP1   . DT  B 1 16 ? 1.709   2.978   -21.701 1.00 60.75 ? 16  DT  B OP1   1 
ATOM   866  O OP2   . DT  B 1 16 ? 0.340   0.957   -20.866 1.00 54.93 ? 16  DT  B OP2   1 
ATOM   867  O "O5'" . DT  B 1 16 ? 2.016   2.066   -19.409 1.00 49.68 ? 16  DT  B "O5'" 1 
ATOM   868  C "C5'" . DT  B 1 16 ? 3.124   1.222   -19.563 1.00 52.14 ? 16  DT  B "C5'" 1 
ATOM   869  C "C4'" . DT  B 1 16 ? 3.722   0.895   -18.216 1.00 53.29 ? 16  DT  B "C4'" 1 
ATOM   870  O "O4'" . DT  B 1 16 ? 5.082   1.372   -18.179 1.00 61.29 ? 16  DT  B "O4'" 1 
ATOM   871  C "C3'" . DT  B 1 16 ? 3.009   1.542   -17.033 1.00 49.61 ? 16  DT  B "C3'" 1 
ATOM   872  O "O3'" . DT  B 1 16 ? 3.057   0.671   -15.915 1.00 52.61 ? 16  DT  B "O3'" 1 
ATOM   873  C "C2'" . DT  B 1 16 ? 3.837   2.810   -16.800 1.00 54.49 ? 16  DT  B "C2'" 1 
ATOM   874  C "C1'" . DT  B 1 16 ? 5.247   2.342   -17.172 1.00 61.31 ? 16  DT  B "C1'" 1 
ATOM   875  N N1    . DT  B 1 16 ? 6.125   3.430   -17.735 1.00 68.73 ? 16  DT  B N1    1 
ATOM   876  C C2    . DT  B 1 16 ? 5.827   3.983   -18.967 1.00 66.32 ? 16  DT  B C2    1 
ATOM   877  O O2    . DT  B 1 16 ? 4.819   3.724   -19.594 1.00 64.03 ? 16  DT  B O2    1 
ATOM   878  N N3    . DT  B 1 16 ? 6.714   4.933   -19.399 1.00 74.84 ? 16  DT  B N3    1 
ATOM   879  C C4    . DT  B 1 16 ? 7.880   5.337   -18.776 1.00 76.76 ? 16  DT  B C4    1 
ATOM   880  O O4    . DT  B 1 16 ? 8.618   6.192   -19.260 1.00 74.46 ? 16  DT  B O4    1 
ATOM   881  C C5    . DT  B 1 16 ? 8.168   4.681   -17.518 1.00 73.08 ? 16  DT  B C5    1 
ATOM   882  C C7    . DT  B 1 16 ? 9.407   5.037   -16.747 1.00 71.46 ? 16  DT  B C7    1 
ATOM   883  C C6    . DT  B 1 16 ? 7.296   3.757   -17.072 1.00 69.05 ? 16  DT  B C6    1 
ATOM   884  P P     . DA  B 1 17 ? 1.737   0.433   -15.026 1.00 46.09 ? 17  DA  B P     1 
ATOM   885  O OP1   . DA  B 1 17 ? 1.955   -0.791  -14.224 1.00 52.58 ? 17  DA  B OP1   1 
ATOM   886  O OP2   . DA  B 1 17 ? 0.569   0.508   -15.935 1.00 44.14 ? 17  DA  B OP2   1 
ATOM   887  O "O5'" . DA  B 1 17 ? 1.687   1.673   -14.016 1.00 44.96 ? 17  DA  B "O5'" 1 
ATOM   888  C "C5'" . DA  B 1 17 ? 2.660   1.824   -12.984 1.00 36.09 ? 17  DA  B "C5'" 1 
ATOM   889  C "C4'" . DA  B 1 17 ? 2.070   2.616   -11.824 1.00 34.85 ? 17  DA  B "C4'" 1 
ATOM   890  O "O4'" . DA  B 1 17 ? 2.014   4.018   -12.171 1.00 33.45 ? 17  DA  B "O4'" 1 
ATOM   891  C "C3'" . DA  B 1 17 ? 0.643   2.230   -11.455 1.00 34.91 ? 17  DA  B "C3'" 1 
ATOM   892  O "O3'" . DA  B 1 17 ? 0.427   2.373   -10.069 1.00 37.14 ? 17  DA  B "O3'" 1 
ATOM   893  C "C2'" . DA  B 1 17 ? -0.200  3.220   -12.242 1.00 33.87 ? 17  DA  B "C2'" 1 
ATOM   894  C "C1'" . DA  B 1 17 ? 0.669   4.464   -12.204 1.00 32.71 ? 17  DA  B "C1'" 1 
ATOM   895  N N9    . DA  B 1 17 ? 0.513   5.302   -13.381 1.00 26.27 ? 17  DA  B N9    1 
ATOM   896  C C8    . DA  B 1 17 ? 0.972   5.035   -14.642 1.00 30.66 ? 17  DA  B C8    1 
ATOM   897  N N7    . DA  B 1 17 ? 0.698   5.979   -15.518 1.00 26.96 ? 17  DA  B N7    1 
ATOM   898  C C5    . DA  B 1 17 ? 0.010   6.920   -14.777 1.00 27.09 ? 17  DA  B C5    1 
ATOM   899  C C6    . DA  B 1 17 ? -0.553  8.152   -15.124 1.00 25.90 ? 17  DA  B C6    1 
ATOM   900  N N6    . DA  B 1 17 ? -0.500  8.654   -16.358 1.00 28.71 ? 17  DA  B N6    1 
ATOM   901  N N1    . DA  B 1 17 ? -1.163  8.860   -14.150 1.00 25.10 ? 17  DA  B N1    1 
ATOM   902  C C2    . DA  B 1 17 ? -1.217  8.350   -12.917 1.00 26.92 ? 17  DA  B C2    1 
ATOM   903  N N3    . DA  B 1 17 ? -0.715  7.198   -12.462 1.00 29.75 ? 17  DA  B N3    1 
ATOM   904  C C4    . DA  B 1 17 ? -0.115  6.521   -13.457 1.00 24.46 ? 17  DA  B C4    1 
ATOM   905  P P     . DG  B 1 18 ? -0.598  1.376   -9.334  1.00 42.51 ? 18  DG  B P     1 
ATOM   906  O OP1   . DG  B 1 18 ? -0.953  0.329   -10.321 1.00 43.42 ? 18  DG  B OP1   1 
ATOM   907  O OP2   . DG  B 1 18 ? -1.687  2.151   -8.700  1.00 39.12 ? 18  DG  B OP2   1 
ATOM   908  O "O5'" . DG  B 1 18 ? 0.308   0.670   -8.244  1.00 34.77 ? 18  DG  B "O5'" 1 
ATOM   909  C "C5'" . DG  B 1 18 ? 1.391   -0.143  -8.657  1.00 28.07 ? 18  DG  B "C5'" 1 
ATOM   910  C "C4'" . DG  B 1 18 ? 1.428   -1.410  -7.833  1.00 23.12 ? 18  DG  B "C4'" 1 
ATOM   911  O "O4'" . DG  B 1 18 ? 1.370   -1.072  -6.416  1.00 20.96 ? 18  DG  B "O4'" 1 
ATOM   912  C "C3'" . DG  B 1 18 ? 0.260   -2.361  -8.086  1.00 23.49 ? 18  DG  B "C3'" 1 
ATOM   913  O "O3'" . DG  B 1 18 ? 0.730   -3.688  -8.096  1.00 33.89 ? 18  DG  B "O3'" 1 
ATOM   914  C "C2'" . DG  B 1 18 ? -0.669  -2.096  -6.894  1.00 22.98 ? 18  DG  B "C2'" 1 
ATOM   915  C "C1'" . DG  B 1 18 ? 0.334   -1.812  -5.792  1.00 21.23 ? 18  DG  B "C1'" 1 
ATOM   916  N N9    . DG  B 1 18 ? -0.201  -1.017  -4.678  1.00 16.56 ? 18  DG  B N9    1 
ATOM   917  C C8    . DG  B 1 18 ? -0.523  0.316   -4.691  1.00 16.85 ? 18  DG  B C8    1 
ATOM   918  N N7    . DG  B 1 18 ? -0.969  0.754   -3.545  1.00 15.92 ? 18  DG  B N7    1 
ATOM   919  C C5    . DG  B 1 18 ? -0.883  -0.345  -2.707  1.00 13.49 ? 18  DG  B C5    1 
ATOM   920  C C6    . DG  B 1 18 ? -1.231  -0.486  -1.346  1.00 15.01 ? 18  DG  B C6    1 
ATOM   921  O O6    . DG  B 1 18 ? -1.656  0.378   -0.572  1.00 16.13 ? 18  DG  B O6    1 
ATOM   922  N N1    . DG  B 1 18 ? -1.010  -1.788  -0.881  1.00 16.02 ? 18  DG  B N1    1 
ATOM   923  C C2    . DG  B 1 18 ? -0.533  -2.817  -1.647  1.00 15.57 ? 18  DG  B C2    1 
ATOM   924  N N2    . DG  B 1 18 ? -0.400  -4.007  -1.031  1.00 17.06 ? 18  DG  B N2    1 
ATOM   925  N N3    . DG  B 1 18 ? -0.214  -2.701  -2.922  1.00 14.80 ? 18  DG  B N3    1 
ATOM   926  C C4    . DG  B 1 18 ? -0.432  -1.446  -3.395  1.00 14.05 ? 18  DG  B C4    1 
ATOM   927  P P     . DG  B 1 19 ? -0.202  -4.852  -8.694  1.00 37.22 ? 19  DG  B P     1 
ATOM   928  O OP1   . DG  B 1 19 ? 0.698   -5.857  -9.306  1.00 37.00 ? 19  DG  B OP1   1 
ATOM   929  O OP2   . DG  B 1 19 ? -1.279  -4.207  -9.466  1.00 37.73 ? 19  DG  B OP2   1 
ATOM   930  O "O5'" . DG  B 1 19 ? -0.846  -5.528  -7.415  1.00 32.15 ? 19  DG  B "O5'" 1 
ATOM   931  C "C5'" . DG  B 1 19 ? 0.002   -6.099  -6.471  1.00 27.64 ? 19  DG  B "C5'" 1 
ATOM   932  C "C4'" . DG  B 1 19 ? -0.786  -6.840  -5.431  1.00 27.44 ? 19  DG  B "C4'" 1 
ATOM   933  O "O4'" . DG  B 1 19 ? -1.219  -5.915  -4.410  1.00 29.33 ? 19  DG  B "O4'" 1 
ATOM   934  C "C3'" . DG  B 1 19 ? -2.039  -7.538  -5.938  1.00 24.45 ? 19  DG  B "C3'" 1 
ATOM   935  O "O3'" . DG  B 1 19 ? -2.066  -8.821  -5.334  1.00 26.84 ? 19  DG  B "O3'" 1 
ATOM   936  C "C2'" . DG  B 1 19 ? -3.180  -6.612  -5.454  1.00 25.10 ? 19  DG  B "C2'" 1 
ATOM   937  C "C1'" . DG  B 1 19 ? -2.590  -6.091  -4.155  1.00 23.77 ? 19  DG  B "C1'" 1 
ATOM   938  N N9    . DG  B 1 19 ? -3.091  -4.802  -3.667  1.00 17.91 ? 19  DG  B N9    1 
ATOM   939  C C8    . DG  B 1 19 ? -3.149  -3.605  -4.352  1.00 17.53 ? 19  DG  B C8    1 
ATOM   940  N N7    . DG  B 1 19 ? -3.604  -2.624  -3.631  1.00 18.74 ? 19  DG  B N7    1 
ATOM   941  C C5    . DG  B 1 19 ? -3.819  -3.187  -2.386  1.00 16.81 ? 19  DG  B C5    1 
ATOM   942  C C6    . DG  B 1 19 ? -4.304  -2.603  -1.196  1.00 16.68 ? 19  DG  B C6    1 
ATOM   943  O O6    . DG  B 1 19 ? -4.598  -1.417  -1.001  1.00 15.99 ? 19  DG  B O6    1 
ATOM   944  N N1    . DG  B 1 19 ? -4.392  -3.525  -0.161  1.00 18.52 ? 19  DG  B N1    1 
ATOM   945  C C2    . DG  B 1 19 ? -4.057  -4.856  -0.268  1.00 19.63 ? 19  DG  B C2    1 
ATOM   946  N N2    . DG  B 1 19 ? -4.219  -5.604  0.828   1.00 17.86 ? 19  DG  B N2    1 
ATOM   947  N N3    . DG  B 1 19 ? -3.597  -5.408  -1.381  1.00 18.09 ? 19  DG  B N3    1 
ATOM   948  C C4    . DG  B 1 19 ? -3.503  -4.527  -2.388  1.00 17.40 ? 19  DG  B C4    1 
ATOM   949  P P     . DG  B 1 20 ? -3.239  -9.860  -5.650  1.00 30.50 ? 20  DG  B P     1 
ATOM   950  O OP1   . DG  B 1 20 ? -2.646  -11.215 -5.610  1.00 36.31 ? 20  DG  B OP1   1 
ATOM   951  O OP2   . DG  B 1 20 ? -3.951  -9.391  -6.852  1.00 32.70 ? 20  DG  B OP2   1 
ATOM   952  O "O5'" . DG  B 1 20 ? -4.172  -9.702  -4.389  1.00 25.36 ? 20  DG  B "O5'" 1 
ATOM   953  C "C5'" . DG  B 1 20 ? -3.749  -10.196 -3.135  1.00 23.61 ? 20  DG  B "C5'" 1 
ATOM   954  C "C4'" . DG  B 1 20 ? -4.935  -10.328 -2.204  1.00 25.32 ? 20  DG  B "C4'" 1 
ATOM   955  O "O4'" . DG  B 1 20 ? -5.250  -9.037  -1.623  1.00 25.12 ? 20  DG  B "O4'" 1 
ATOM   956  C "C3'" . DG  B 1 20 ? -6.225  -10.806 -2.869  1.00 25.41 ? 20  DG  B "C3'" 1 
ATOM   957  O "O3'" . DG  B 1 20 ? -6.886  -11.678 -2.004  1.00 26.68 ? 20  DG  B "O3'" 1 
ATOM   958  C "C2'" . DG  B 1 20 ? -7.015  -9.509  -3.064  1.00 21.26 ? 20  DG  B "C2'" 1 
ATOM   959  C "C1'" . DG  B 1 20 ? -6.619  -8.743  -1.821  1.00 23.54 ? 20  DG  B "C1'" 1 
ATOM   960  N N9    . DG  B 1 20 ? -6.742  -7.302  -1.947  1.00 20.06 ? 20  DG  B N9    1 
ATOM   961  C C8    . DG  B 1 20 ? -6.435  -6.540  -3.039  1.00 21.21 ? 20  DG  B C8    1 
ATOM   962  N N7    . DG  B 1 20 ? -6.631  -5.268  -2.854  1.00 20.40 ? 20  DG  B N7    1 
ATOM   963  C C5    . DG  B 1 20 ? -7.101  -5.180  -1.554  1.00 18.20 ? 20  DG  B C5    1 
ATOM   964  C C6    . DG  B 1 20 ? -7.482  -4.043  -0.796  1.00 18.87 ? 20  DG  B C6    1 
ATOM   965  O O6    . DG  B 1 20 ? -7.455  -2.855  -1.147  1.00 16.62 ? 20  DG  B O6    1 
ATOM   966  N N1    . DG  B 1 20 ? -7.893  -4.382  0.483   1.00 18.53 ? 20  DG  B N1    1 
ATOM   967  C C2    . DG  B 1 20 ? -7.947  -5.678  0.964   1.00 17.94 ? 20  DG  B C2    1 
ATOM   968  N N2    . DG  B 1 20 ? -8.387  -5.822  2.216   1.00 19.29 ? 20  DG  B N2    1 
ATOM   969  N N3    . DG  B 1 20 ? -7.581  -6.750  0.260   1.00 17.86 ? 20  DG  B N3    1 
ATOM   970  C C4    . DG  B 1 20 ? -7.176  -6.426  -0.979  1.00 17.72 ? 20  DG  B C4    1 
ATOM   971  P P     . DA  B 1 21 ? -7.133  -13.199 -2.440  1.00 33.37 ? 21  DA  B P     1 
ATOM   972  O OP1   . DA  B 1 21 ? -8.075  -13.764 -1.454  1.00 40.39 ? 21  DA  B OP1   1 
ATOM   973  O OP2   . DA  B 1 21 ? -5.817  -13.834 -2.656  1.00 39.79 ? 21  DA  B OP2   1 
ATOM   974  O "O5'" . DA  B 1 21 ? -7.796  -13.069 -3.885  1.00 37.86 ? 21  DA  B "O5'" 1 
ATOM   975  C "C5'" . DA  B 1 21 ? -9.151  -13.363 -4.081  1.00 45.38 ? 21  DA  B "C5'" 1 
ATOM   976  C "C4'" . DA  B 1 21 ? -9.561  -12.947 -5.473  1.00 36.10 ? 21  DA  B "C4'" 1 
ATOM   977  O "O4'" . DA  B 1 21 ? -10.177 -14.059 -6.136  1.00 41.84 ? 21  DA  B "O4'" 1 
ATOM   978  C "C3'" . DA  B 1 21 ? -10.566 -11.808 -5.530  1.00 34.40 ? 21  DA  B "C3'" 1 
ATOM   979  O "O3'" . DA  B 1 21 ? -10.355 -11.047 -6.690  1.00 35.50 ? 21  DA  B "O3'" 1 
ATOM   980  C "C2'" . DA  B 1 21 ? -11.923 -12.527 -5.568  1.00 34.07 ? 21  DA  B "C2'" 1 
ATOM   981  C "C1'" . DA  B 1 21 ? -11.579 -13.945 -6.057  1.00 35.93 ? 21  DA  B "C1'" 1 
ATOM   982  N N9    . DA  B 1 21 ? -12.087 -15.034 -5.214  1.00 29.73 ? 21  DA  B N9    1 
ATOM   983  C C8    . DA  B 1 21 ? -12.228 -16.341 -5.583  1.00 22.70 ? 21  DA  B C8    1 
ATOM   984  N N7    . DA  B 1 21 ? -12.697 -17.111 -4.644  1.00 25.60 ? 21  DA  B N7    1 
ATOM   985  C C5    . DA  B 1 21 ? -12.867 -16.262 -3.568  1.00 25.31 ? 21  DA  B C5    1 
ATOM   986  C C6    . DA  B 1 21 ? -13.330 -16.483 -2.258  1.00 24.98 ? 21  DA  B C6    1 
ATOM   987  N N6    . DA  B 1 21 ? -13.731 -17.679 -1.804  1.00 31.25 ? 21  DA  B N6    1 
ATOM   988  N N1    . DA  B 1 21 ? -13.373 -15.421 -1.426  1.00 30.55 ? 21  DA  B N1    1 
ATOM   989  C C2    . DA  B 1 21 ? -12.970 -14.232 -1.881  1.00 25.12 ? 21  DA  B C2    1 
ATOM   990  N N3    . DA  B 1 21 ? -12.515 -13.900 -3.080  1.00 29.10 ? 21  DA  B N3    1 
ATOM   991  C C4    . DA  B 1 21 ? -12.490 -14.977 -3.895  1.00 24.85 ? 21  DA  B C4    1 
ATOM   992  P P     . DA  B 1 22 ? -9.737  -9.571  -6.568  1.00 36.20 ? 22  DA  B P     1 
ATOM   993  O OP1   . DA  B 1 22 ? -9.956  -8.897  -7.867  1.00 54.24 ? 22  DA  B OP1   1 
ATOM   994  O OP2   . DA  B 1 22 ? -8.358  -9.709  -6.057  1.00 37.65 ? 22  DA  B OP2   1 
ATOM   995  O "O5'" . DA  B 1 22 ? -10.667 -8.858  -5.492  1.00 40.97 ? 22  DA  B "O5'" 1 
ATOM   996  C "C5'" . DA  B 1 22 ? -10.089 -8.094  -4.480  1.00 32.69 ? 22  DA  B "C5'" 1 
ATOM   997  C "C4'" . DA  B 1 22 ? -10.615 -8.503  -3.124  1.00 31.99 ? 22  DA  B "C4'" 1 
ATOM   998  O "O4'" . DA  B 1 22 ? -9.898  -7.760  -2.114  1.00 31.32 ? 22  DA  B "O4'" 1 
ATOM   999  C "C3'" . DA  B 1 22 ? -12.078 -8.206  -2.887  1.00 30.44 ? 22  DA  B "C3'" 1 
ATOM   1000 O "O3'" . DA  B 1 22 ? -12.853 -9.345  -3.230  1.00 36.29 ? 22  DA  B "O3'" 1 
ATOM   1001 C "C2'" . DA  B 1 22 ? -12.129 -7.942  -1.380  1.00 31.02 ? 22  DA  B "C2'" 1 
ATOM   1002 C "C1'" . DA  B 1 22 ? -10.775 -7.277  -1.126  1.00 24.64 ? 22  DA  B "C1'" 1 
ATOM   1003 N N9    . DA  B 1 22 ? -10.811 -5.807  -1.192  1.00 26.27 ? 22  DA  B N9    1 
ATOM   1004 C C8    . DA  B 1 22 ? -10.480 -4.999  -2.250  1.00 23.23 ? 22  DA  B C8    1 
ATOM   1005 N N7    . DA  B 1 22 ? -10.618 -3.710  -1.996  1.00 21.60 ? 22  DA  B N7    1 
ATOM   1006 C C5    . DA  B 1 22 ? -11.065 -3.680  -0.683  1.00 19.61 ? 22  DA  B C5    1 
ATOM   1007 C C6    . DA  B 1 22 ? -11.409 -2.618  0.199   1.00 19.91 ? 22  DA  B C6    1 
ATOM   1008 N N6    . DA  B 1 22 ? -11.371 -1.326  -0.137  1.00 19.69 ? 22  DA  B N6    1 
ATOM   1009 N N1    . DA  B 1 22 ? -11.832 -2.948  1.429   1.00 21.98 ? 22  DA  B N1    1 
ATOM   1010 C C2    . DA  B 1 22 ? -11.888 -4.235  1.771   1.00 26.66 ? 22  DA  B C2    1 
ATOM   1011 N N3    . DA  B 1 22 ? -11.590 -5.310  1.043   1.00 23.56 ? 22  DA  B N3    1 
ATOM   1012 C C4    . DA  B 1 22 ? -11.180 -4.961  -0.178  1.00 20.89 ? 22  DA  B C4    1 
HETATM 1013 K K     . K   C 2 .  ? -0.770  0.879   2.018   1.00 14.63 ? 101 K   A K     1 
HETATM 1014 K K     . K   D 2 .  ? 2.368   1.667   2.943   1.00 15.60 ? 102 K   A K     1 
HETATM 1015 K K     . K   E 2 .  ? 5.600   2.299   3.882   1.00 16.14 ? 103 K   A K     1 
HETATM 1016 K K     . K   F 2 .  ? -3.920  0.118   1.152   1.00 15.56 ? 101 K   B K     1 
HETATM 1017 K K     . K   G 2 .  ? -7.126  -0.549  0.164   1.00 16.16 ? 102 K   B K     1 
HETATM 1018 O O     . HOH H 3 .  ? -1.900  5.813   -6.808  1.00 30.11 ? 201 HOH A O     1 
HETATM 1019 O O     . HOH H 3 .  ? 0.809   7.119   13.487  1.00 36.47 ? 202 HOH A O     1 
HETATM 1020 O O     . HOH H 3 .  ? 8.987   10.864  8.574   1.00 37.34 ? 203 HOH A O     1 
HETATM 1021 O O     . HOH H 3 .  ? 9.869   10.017  3.210   1.00 27.52 ? 204 HOH A O     1 
HETATM 1022 O O     . HOH H 3 .  ? -0.927  -4.609  14.520  1.00 48.21 ? 205 HOH A O     1 
HETATM 1023 O O     . HOH H 3 .  ? 9.857   -10.102 -5.634  1.00 39.39 ? 206 HOH A O     1 
HETATM 1024 O O     . HOH H 3 .  ? 3.747   5.287   -4.356  1.00 30.56 ? 207 HOH A O     1 
HETATM 1025 O O     . HOH H 3 .  ? -0.160  8.882   5.808   1.00 27.78 ? 208 HOH A O     1 
HETATM 1026 O O     . HOH H 3 .  ? -1.242  6.203   -4.559  1.00 24.74 ? 209 HOH A O     1 
HETATM 1027 O O     . HOH H 3 .  ? 5.504   -5.707  8.621   1.00 28.94 ? 210 HOH A O     1 
HETATM 1028 O O     . HOH H 3 .  ? 4.271   -5.858  0.399   1.00 31.30 ? 211 HOH A O     1 
HETATM 1029 O O     . HOH H 3 .  ? 4.735   6.786   11.038  1.00 27.04 ? 212 HOH A O     1 
HETATM 1030 O O     . HOH H 3 .  ? 10.432  3.474   -4.552  1.00 30.13 ? 213 HOH A O     1 
HETATM 1031 O O     . HOH H 3 .  ? 3.985   -3.711  9.717   1.00 28.25 ? 214 HOH A O     1 
HETATM 1032 O O     . HOH H 3 .  ? 1.538   8.066   8.897   1.00 23.16 ? 215 HOH A O     1 
HETATM 1033 O O     . HOH H 3 .  ? 6.495   11.615  4.669   1.00 32.02 ? 216 HOH A O     1 
HETATM 1034 O O     . HOH H 3 .  ? 7.226   -4.255  -1.453  1.00 25.92 ? 217 HOH A O     1 
HETATM 1035 O O     . HOH H 3 .  ? 1.029   -1.645  10.336  1.00 30.43 ? 218 HOH A O     1 
HETATM 1036 O O     . HOH H 3 .  ? -1.604  0.968   10.585  1.00 31.27 ? 219 HOH A O     1 
HETATM 1037 O O     . HOH H 3 .  ? -3.421  8.544   -9.597  1.00 37.37 ? 220 HOH A O     1 
HETATM 1038 O O     . HOH H 3 .  ? 2.145   1.746   -5.925  1.00 31.26 ? 221 HOH A O     1 
HETATM 1039 O O     . HOH H 3 .  ? 4.713   10.341  -0.599  1.00 37.97 ? 222 HOH A O     1 
HETATM 1040 O O     . HOH H 3 .  ? -1.568  9.337   2.535   1.00 30.52 ? 223 HOH A O     1 
HETATM 1041 O O     . HOH H 3 .  ? 6.963   9.271   -8.202  1.00 33.14 ? 224 HOH A O     1 
HETATM 1042 O O     . HOH H 3 .  ? 7.172   10.705  2.036   1.00 37.97 ? 225 HOH A O     1 
HETATM 1043 O O     . HOH H 3 .  ? 4.461   0.384   15.627  1.00 42.56 ? 226 HOH A O     1 
HETATM 1044 O O     . HOH H 3 .  ? 4.431   -11.185 10.588  1.00 40.79 ? 227 HOH A O     1 
HETATM 1045 O O     . HOH H 3 .  ? 8.166   -5.226  8.011   1.00 32.90 ? 228 HOH A O     1 
HETATM 1046 O O     . HOH H 3 .  ? -2.026  0.327   14.614  1.00 41.97 ? 229 HOH A O     1 
HETATM 1047 O O     . HOH H 3 .  ? -1.373  -0.733  12.733  1.00 38.49 ? 230 HOH A O     1 
HETATM 1048 O O     . HOH H 3 .  ? 17.633  -3.938  -1.716  1.00 51.43 ? 231 HOH A O     1 
HETATM 1049 O O     . HOH H 3 .  ? -5.821  9.236   6.698   1.00 38.51 ? 232 HOH A O     1 
HETATM 1050 O O     . HOH H 3 .  ? 1.957   6.492   11.075  1.00 21.78 ? 233 HOH A O     1 
HETATM 1051 O O     . HOH I 3 .  ? 5.952   -11.543 2.694   1.00 37.19 ? 201 HOH B O     1 
HETATM 1052 O O     . HOH I 3 .  ? -12.111 20.461  -2.665  1.00 44.05 ? 202 HOH B O     1 
HETATM 1053 O O     . HOH I 3 .  ? -7.795  8.297   -2.464  1.00 28.76 ? 203 HOH B O     1 
HETATM 1054 O O     . HOH I 3 .  ? -10.512 -7.205  5.998   1.00 35.37 ? 204 HOH B O     1 
HETATM 1055 O O     . HOH I 3 .  ? -4.367  3.826   -12.726 1.00 37.94 ? 205 HOH B O     1 
HETATM 1056 O O     . HOH I 3 .  ? -1.789  1.272   -14.967 1.00 39.34 ? 206 HOH B O     1 
HETATM 1057 O O     . HOH I 3 .  ? -4.043  -8.463  0.713   1.00 30.10 ? 207 HOH B O     1 
HETATM 1058 O O     . HOH I 3 .  ? -5.514  -2.750  8.781   1.00 28.91 ? 208 HOH B O     1 
HETATM 1059 O O     . HOH I 3 .  ? -12.018 -7.662  2.355   1.00 31.29 ? 209 HOH B O     1 
HETATM 1060 O O     . HOH I 3 .  ? -10.397 3.159   10.642  1.00 35.17 ? 210 HOH B O     1 
HETATM 1061 O O     . HOH I 3 .  ? -8.414  -0.546  8.777   1.00 22.72 ? 211 HOH B O     1 
HETATM 1062 O O     . HOH I 3 .  ? -14.465 -5.097  5.868   1.00 36.68 ? 212 HOH B O     1 
HETATM 1063 O O     . HOH I 3 .  ? -3.641  0.526   -7.646  1.00 26.74 ? 213 HOH B O     1 
HETATM 1064 O O     . HOH I 3 .  ? -6.278  -7.914  -6.232  1.00 28.85 ? 214 HOH B O     1 
HETATM 1065 O O     . HOH I 3 .  ? 2.231   -7.071  2.458   1.00 25.20 ? 215 HOH B O     1 
HETATM 1066 O O     . HOH I 3 .  ? -11.703 0.807   7.339   1.00 27.21 ? 216 HOH B O     1 
HETATM 1067 O O     . HOH I 3 .  ? -2.530  -4.961  8.091   1.00 27.22 ? 217 HOH B O     1 
HETATM 1068 O O     . HOH I 3 .  ? -1.568  -7.396  -1.028  1.00 30.05 ? 218 HOH B O     1 
HETATM 1069 O O     . HOH I 3 .  ? 1.288   -5.577  -3.163  1.00 30.39 ? 219 HOH B O     1 
HETATM 1070 O O     . HOH I 3 .  ? -3.079  -13.696 -1.957  1.00 36.67 ? 220 HOH B O     1 
HETATM 1071 O O     . HOH I 3 .  ? -7.804  7.929   0.251   1.00 26.46 ? 221 HOH B O     1 
HETATM 1072 O O     . HOH I 3 .  ? -6.184  7.583   3.701   1.00 31.56 ? 222 HOH B O     1 
HETATM 1073 O O     . HOH I 3 .  ? -5.356  6.366   7.058   1.00 26.19 ? 223 HOH B O     1 
HETATM 1074 O O     . HOH I 3 .  ? -3.726  -3.920  -7.870  1.00 32.88 ? 224 HOH B O     1 
HETATM 1075 O O     . HOH I 3 .  ? -2.123  3.438   -6.003  1.00 27.87 ? 225 HOH B O     1 
HETATM 1076 O O     . HOH I 3 .  ? -9.445  -8.231  3.709   1.00 36.09 ? 226 HOH B O     1 
HETATM 1077 O O     . HOH I 3 .  ? -6.323  -5.328  -7.259  1.00 35.81 ? 227 HOH B O     1 
HETATM 1078 O O     . HOH I 3 .  ? -5.542  -9.003  3.188   1.00 32.74 ? 228 HOH B O     1 
HETATM 1079 O O     . HOH I 3 .  ? -9.670  6.832   -4.160  1.00 34.03 ? 229 HOH B O     1 
HETATM 1080 O O     . HOH I 3 .  ? -5.455  0.027   -22.393 1.00 41.42 ? 230 HOH B O     1 
HETATM 1081 O O     . HOH I 3 .  ? -9.581  1.863   8.606   1.00 23.49 ? 231 HOH B O     1 
# 
loop_
_pdbx_poly_seq_scheme.asym_id 
_pdbx_poly_seq_scheme.entity_id 
_pdbx_poly_seq_scheme.seq_id 
_pdbx_poly_seq_scheme.mon_id 
_pdbx_poly_seq_scheme.ndb_seq_num 
_pdbx_poly_seq_scheme.pdb_seq_num 
_pdbx_poly_seq_scheme.auth_seq_num 
_pdbx_poly_seq_scheme.pdb_mon_id 
_pdbx_poly_seq_scheme.auth_mon_id 
_pdbx_poly_seq_scheme.pdb_strand_id 
_pdbx_poly_seq_scheme.pdb_ins_code 
_pdbx_poly_seq_scheme.hetero 
A 1 1  DA 1  1  1  DA DA A . n 
A 1 2  DG 2  2  2  DG DG A . n 
A 1 3  DG 3  3  3  DG DG A . n 
A 1 4  DG 4  4  4  DG DG A . n 
A 1 5  DC 5  5  5  DC DC A . n 
A 1 6  DG 6  6  6  DG DG A . n 
A 1 7  DG 7  7  7  DG DG A . n 
A 1 8  DT 8  8  8  DT DT A . n 
A 1 9  DG 9  9  9  DG DG A . n 
A 1 10 DT 10 10 10 DT DT A . n 
A 1 11 DG 11 11 11 DG DG A . n 
A 1 12 DG 12 12 12 DG DG A . n 
A 1 13 DG 13 13 13 DG DG A . n 
A 1 14 DA 14 14 14 DA DA A . n 
A 1 15 DA 15 15 15 DA DA A . n 
A 1 16 DT 16 16 16 DT DT A . n 
A 1 17 DA 17 17 17 DA DA A . n 
A 1 18 DG 18 18 18 DG DG A . n 
A 1 19 DG 19 19 19 DG DG A . n 
A 1 20 DG 20 20 20 DG DG A . n 
A 1 21 DA 21 21 21 DA DA A . n 
A 1 22 DA 22 22 22 DA DA A . n 
B 1 1  DA 1  1  1  DA DA B . n 
B 1 2  DG 2  2  2  DG DG B . n 
B 1 3  DG 3  3  3  DG DG B . n 
B 1 4  DG 4  4  4  DG DG B . n 
B 1 5  DC 5  5  5  DC DC B . n 
B 1 6  DG 6  6  6  DG DG B . n 
B 1 7  DG 7  7  7  DG DG B . n 
B 1 8  DT 8  8  8  DT DT B . n 
B 1 9  DG 9  9  9  DG DG B . n 
B 1 10 DT 10 10 10 DT DT B . n 
B 1 11 DG 11 11 11 DG DG B . n 
B 1 12 DG 12 12 12 DG DG B . n 
B 1 13 DG 13 13 13 DG DG B . n 
B 1 14 DA 14 14 14 DA DA B . n 
B 1 15 DA 15 15 15 DA DA B . n 
B 1 16 DT 16 16 16 DT DT B . n 
B 1 17 DA 17 17 17 DA DA B . n 
B 1 18 DG 18 18 18 DG DG B . n 
B 1 19 DG 19 19 19 DG DG B . n 
B 1 20 DG 20 20 20 DG DG B . n 
B 1 21 DA 21 21 21 DA DA B . n 
B 1 22 DA 22 22 22 DA DA B . n 
# 
loop_
_pdbx_nonpoly_scheme.asym_id 
_pdbx_nonpoly_scheme.entity_id 
_pdbx_nonpoly_scheme.mon_id 
_pdbx_nonpoly_scheme.ndb_seq_num 
_pdbx_nonpoly_scheme.pdb_seq_num 
_pdbx_nonpoly_scheme.auth_seq_num 
_pdbx_nonpoly_scheme.pdb_mon_id 
_pdbx_nonpoly_scheme.auth_mon_id 
_pdbx_nonpoly_scheme.pdb_strand_id 
_pdbx_nonpoly_scheme.pdb_ins_code 
C 2 K   1  101 1  K   K   A . 
D 2 K   1  102 4  K   K   A . 
E 2 K   1  103 5  K   K   A . 
F 2 K   1  101 2  K   K   B . 
G 2 K   1  102 3  K   K   B . 
H 3 HOH 1  201 22 HOH HOH A . 
H 3 HOH 2  202 47 HOH HOH A . 
H 3 HOH 3  203 44 HOH HOH A . 
H 3 HOH 4  204 15 HOH HOH A . 
H 3 HOH 5  205 55 HOH HOH A . 
H 3 HOH 6  206 59 HOH HOH A . 
H 3 HOH 7  207 18 HOH HOH A . 
H 3 HOH 8  208 7  HOH HOH A . 
H 3 HOH 9  209 4  HOH HOH A . 
H 3 HOH 10 210 51 HOH HOH A . 
H 3 HOH 11 211 28 HOH HOH A . 
H 3 HOH 12 212 46 HOH HOH A . 
H 3 HOH 13 213 40 HOH HOH A . 
H 3 HOH 14 214 3  HOH HOH A . 
H 3 HOH 15 215 2  HOH HOH A . 
H 3 HOH 16 216 43 HOH HOH A . 
H 3 HOH 17 217 6  HOH HOH A . 
H 3 HOH 18 218 50 HOH HOH A . 
H 3 HOH 19 219 16 HOH HOH A . 
H 3 HOH 20 220 19 HOH HOH A . 
H 3 HOH 21 221 20 HOH HOH A . 
H 3 HOH 22 222 41 HOH HOH A . 
H 3 HOH 23 223 45 HOH HOH A . 
H 3 HOH 24 224 39 HOH HOH A . 
H 3 HOH 25 225 42 HOH HOH A . 
H 3 HOH 26 226 54 HOH HOH A . 
H 3 HOH 27 227 57 HOH HOH A . 
H 3 HOH 28 228 52 HOH HOH A . 
H 3 HOH 29 229 53 HOH HOH A . 
H 3 HOH 30 230 49 HOH HOH A . 
H 3 HOH 31 231 58 HOH HOH A . 
H 3 HOH 32 232 48 HOH HOH A . 
H 3 HOH 33 233 11 HOH HOH A . 
I 3 HOH 1  201 56 HOH HOH B . 
I 3 HOH 2  202 36 HOH HOH B . 
I 3 HOH 3  203 60 HOH HOH B . 
I 3 HOH 4  204 34 HOH HOH B . 
I 3 HOH 5  205 63 HOH HOH B . 
I 3 HOH 6  206 62 HOH HOH B . 
I 3 HOH 7  207 30 HOH HOH B . 
I 3 HOH 8  208 12 HOH HOH B . 
I 3 HOH 9  209 33 HOH HOH B . 
I 3 HOH 10 210 14 HOH HOH B . 
I 3 HOH 11 211 8  HOH HOH B . 
I 3 HOH 12 212 35 HOH HOH B . 
I 3 HOH 13 213 23 HOH HOH B . 
I 3 HOH 14 214 26 HOH HOH B . 
I 3 HOH 15 215 1  HOH HOH B . 
I 3 HOH 16 216 38 HOH HOH B . 
I 3 HOH 17 217 9  HOH HOH B . 
I 3 HOH 18 218 10 HOH HOH B . 
I 3 HOH 19 219 27 HOH HOH B . 
I 3 HOH 20 220 29 HOH HOH B . 
I 3 HOH 21 221 5  HOH HOH B . 
I 3 HOH 22 222 64 HOH HOH B . 
I 3 HOH 23 223 13 HOH HOH B . 
I 3 HOH 24 224 24 HOH HOH B . 
I 3 HOH 25 225 21 HOH HOH B . 
I 3 HOH 26 226 32 HOH HOH B . 
I 3 HOH 27 227 25 HOH HOH B . 
I 3 HOH 28 228 31 HOH HOH B . 
I 3 HOH 29 229 61 HOH HOH B . 
I 3 HOH 30 230 37 HOH HOH B . 
I 3 HOH 31 231 17 HOH HOH B . 
# 
_pdbx_struct_assembly.id                   1 
_pdbx_struct_assembly.details              author_defined_assembly 
_pdbx_struct_assembly.method_details       ? 
_pdbx_struct_assembly.oligomeric_details   dimeric 
_pdbx_struct_assembly.oligomeric_count     2 
# 
_pdbx_struct_assembly_gen.assembly_id       1 
_pdbx_struct_assembly_gen.oper_expression   1 
_pdbx_struct_assembly_gen.asym_id_list      A,B,C,D,E,F,G,H,I 
# 
_pdbx_struct_oper_list.id                   1 
_pdbx_struct_oper_list.type                 'identity operation' 
_pdbx_struct_oper_list.name                 1_555 
_pdbx_struct_oper_list.symmetry_operation   x,y,z 
_pdbx_struct_oper_list.matrix[1][1]         1.0000000000 
_pdbx_struct_oper_list.matrix[1][2]         0.0000000000 
_pdbx_struct_oper_list.matrix[1][3]         0.0000000000 
_pdbx_struct_oper_list.vector[1]            0.0000000000 
_pdbx_struct_oper_list.matrix[2][1]         0.0000000000 
_pdbx_struct_oper_list.matrix[2][2]         1.0000000000 
_pdbx_struct_oper_list.matrix[2][3]         0.0000000000 
_pdbx_struct_oper_list.vector[2]            0.0000000000 
_pdbx_struct_oper_list.matrix[3][1]         0.0000000000 
_pdbx_struct_oper_list.matrix[3][2]         0.0000000000 
_pdbx_struct_oper_list.matrix[3][3]         1.0000000000 
_pdbx_struct_oper_list.vector[3]            0.0000000000 
# 
loop_
_pdbx_struct_conn_angle.id 
_pdbx_struct_conn_angle.ptnr1_label_atom_id 
_pdbx_struct_conn_angle.ptnr1_label_alt_id 
_pdbx_struct_conn_angle.ptnr1_label_asym_id 
_pdbx_struct_conn_angle.ptnr1_label_comp_id 
_pdbx_struct_conn_angle.ptnr1_label_seq_id 
_pdbx_struct_conn_angle.ptnr1_auth_atom_id 
_pdbx_struct_conn_angle.ptnr1_auth_asym_id 
_pdbx_struct_conn_angle.ptnr1_auth_comp_id 
_pdbx_struct_conn_angle.ptnr1_auth_seq_id 
_pdbx_struct_conn_angle.ptnr1_PDB_ins_code 
_pdbx_struct_conn_angle.ptnr1_symmetry 
_pdbx_struct_conn_angle.ptnr2_label_atom_id 
_pdbx_struct_conn_angle.ptnr2_label_alt_id 
_pdbx_struct_conn_angle.ptnr2_label_asym_id 
_pdbx_struct_conn_angle.ptnr2_label_comp_id 
_pdbx_struct_conn_angle.ptnr2_label_seq_id 
_pdbx_struct_conn_angle.ptnr2_auth_atom_id 
_pdbx_struct_conn_angle.ptnr2_auth_asym_id 
_pdbx_struct_conn_angle.ptnr2_auth_comp_id 
_pdbx_struct_conn_angle.ptnr2_auth_seq_id 
_pdbx_struct_conn_angle.ptnr2_PDB_ins_code 
_pdbx_struct_conn_angle.ptnr2_symmetry 
_pdbx_struct_conn_angle.ptnr3_label_atom_id 
_pdbx_struct_conn_angle.ptnr3_label_alt_id 
_pdbx_struct_conn_angle.ptnr3_label_asym_id 
_pdbx_struct_conn_angle.ptnr3_label_comp_id 
_pdbx_struct_conn_angle.ptnr3_label_seq_id 
_pdbx_struct_conn_angle.ptnr3_auth_atom_id 
_pdbx_struct_conn_angle.ptnr3_auth_asym_id 
_pdbx_struct_conn_angle.ptnr3_auth_comp_id 
_pdbx_struct_conn_angle.ptnr3_auth_seq_id 
_pdbx_struct_conn_angle.ptnr3_PDB_ins_code 
_pdbx_struct_conn_angle.ptnr3_symmetry 
_pdbx_struct_conn_angle.value 
_pdbx_struct_conn_angle.value_esd 
1   O6 A A DG 2  ? A DG 2  ? 1_555 K ? C K . ? A K 101 ? 1_555 O6 B A DG 2  ? A DG 2  ? 1_555 3.7   ? 
2   O6 A A DG 2  ? A DG 2  ? 1_555 K ? C K . ? A K 101 ? 1_555 O6 ? A DG 6  ? A DG 6  ? 1_555 69.0  ? 
3   O6 B A DG 2  ? A DG 2  ? 1_555 K ? C K . ? A K 101 ? 1_555 O6 ? A DG 6  ? A DG 6  ? 1_555 68.8  ? 
4   O6 A A DG 2  ? A DG 2  ? 1_555 K ? C K . ? A K 101 ? 1_555 O6 ? A DG 11 ? A DG 11 ? 1_555 108.9 ? 
5   O6 B A DG 2  ? A DG 2  ? 1_555 K ? C K . ? A K 101 ? 1_555 O6 ? A DG 11 ? A DG 11 ? 1_555 105.6 ? 
6   O6 ? A DG 6  ? A DG 6  ? 1_555 K ? C K . ? A K 101 ? 1_555 O6 ? A DG 11 ? A DG 11 ? 1_555 68.5  ? 
7   O6 A A DG 2  ? A DG 2  ? 1_555 K ? C K . ? A K 101 ? 1_555 O6 ? A DG 18 ? A DG 18 ? 1_555 70.9  ? 
8   O6 B A DG 2  ? A DG 2  ? 1_555 K ? C K . ? A K 101 ? 1_555 O6 ? A DG 18 ? A DG 18 ? 1_555 67.7  ? 
9   O6 ? A DG 6  ? A DG 6  ? 1_555 K ? C K . ? A K 101 ? 1_555 O6 ? A DG 18 ? A DG 18 ? 1_555 106.1 ? 
10  O6 ? A DG 11 ? A DG 11 ? 1_555 K ? C K . ? A K 101 ? 1_555 O6 ? A DG 18 ? A DG 18 ? 1_555 69.8  ? 
11  O6 A A DG 2  ? A DG 2  ? 1_555 K ? C K . ? A K 101 ? 1_555 O6 A B DG 2  ? B DG 2  ? 1_555 150.0 ? 
12  O6 B A DG 2  ? A DG 2  ? 1_555 K ? C K . ? A K 101 ? 1_555 O6 A B DG 2  ? B DG 2  ? 1_555 148.9 ? 
13  O6 ? A DG 6  ? A DG 6  ? 1_555 K ? C K . ? A K 101 ? 1_555 O6 A B DG 2  ? B DG 2  ? 1_555 138.8 ? 
14  O6 ? A DG 11 ? A DG 11 ? 1_555 K ? C K . ? A K 101 ? 1_555 O6 A B DG 2  ? B DG 2  ? 1_555 80.7  ? 
15  O6 ? A DG 18 ? A DG 18 ? 1_555 K ? C K . ? A K 101 ? 1_555 O6 A B DG 2  ? B DG 2  ? 1_555 87.0  ? 
16  O6 A A DG 2  ? A DG 2  ? 1_555 K ? C K . ? A K 101 ? 1_555 O6 B B DG 2  ? B DG 2  ? 1_555 159.1 ? 
17  O6 B A DG 2  ? A DG 2  ? 1_555 K ? C K . ? A K 101 ? 1_555 O6 B B DG 2  ? B DG 2  ? 1_555 158.1 ? 
18  O6 ? A DG 6  ? A DG 6  ? 1_555 K ? C K . ? A K 101 ? 1_555 O6 B B DG 2  ? B DG 2  ? 1_555 131.2 ? 
19  O6 ? A DG 11 ? A DG 11 ? 1_555 K ? C K . ? A K 101 ? 1_555 O6 B B DG 2  ? B DG 2  ? 1_555 79.0  ? 
20  O6 ? A DG 18 ? A DG 18 ? 1_555 K ? C K . ? A K 101 ? 1_555 O6 B B DG 2  ? B DG 2  ? 1_555 95.0  ? 
21  O6 A B DG 2  ? B DG 2  ? 1_555 K ? C K . ? A K 101 ? 1_555 O6 B B DG 2  ? B DG 2  ? 1_555 9.3   ? 
22  O6 A A DG 2  ? A DG 2  ? 1_555 K ? C K . ? A K 101 ? 1_555 O6 ? B DG 6  ? B DG 6  ? 1_555 134.3 ? 
23  O6 B A DG 2  ? A DG 2  ? 1_555 K ? C K . ? A K 101 ? 1_555 O6 ? B DG 6  ? B DG 6  ? 1_555 137.0 ? 
24  O6 ? A DG 6  ? A DG 6  ? 1_555 K ? C K . ? A K 101 ? 1_555 O6 ? B DG 6  ? B DG 6  ? 1_555 79.6  ? 
25  O6 ? A DG 11 ? A DG 11 ? 1_555 K ? C K . ? A K 101 ? 1_555 O6 ? B DG 6  ? B DG 6  ? 1_555 88.2  ? 
26  O6 ? A DG 18 ? A DG 18 ? 1_555 K ? C K . ? A K 101 ? 1_555 O6 ? B DG 6  ? B DG 6  ? 1_555 152.3 ? 
27  O6 A B DG 2  ? B DG 2  ? 1_555 K ? C K . ? A K 101 ? 1_555 O6 ? B DG 6  ? B DG 6  ? 1_555 72.6  ? 
28  O6 B B DG 2  ? B DG 2  ? 1_555 K ? C K . ? A K 101 ? 1_555 O6 ? B DG 6  ? B DG 6  ? 1_555 63.5  ? 
29  O6 A A DG 2  ? A DG 2  ? 1_555 K ? C K . ? A K 101 ? 1_555 O6 ? B DG 11 ? B DG 11 ? 1_555 78.2  ? 
30  O6 B A DG 2  ? A DG 2  ? 1_555 K ? C K . ? A K 101 ? 1_555 O6 ? B DG 11 ? B DG 11 ? 1_555 81.9  ? 
31  O6 ? A DG 6  ? A DG 6  ? 1_555 K ? C K . ? A K 101 ? 1_555 O6 ? B DG 11 ? B DG 11 ? 1_555 87.8  ? 
32  O6 ? A DG 11 ? A DG 11 ? 1_555 K ? C K . ? A K 101 ? 1_555 O6 ? B DG 11 ? B DG 11 ? 1_555 149.5 ? 
33  O6 ? A DG 18 ? A DG 18 ? 1_555 K ? C K . ? A K 101 ? 1_555 O6 ? B DG 11 ? B DG 11 ? 1_555 138.0 ? 
34  O6 A B DG 2  ? B DG 2  ? 1_555 K ? C K . ? A K 101 ? 1_555 O6 ? B DG 11 ? B DG 11 ? 1_555 108.4 ? 
35  O6 B B DG 2  ? B DG 2  ? 1_555 K ? C K . ? A K 101 ? 1_555 O6 ? B DG 11 ? B DG 11 ? 1_555 105.2 ? 
36  O6 ? B DG 6  ? B DG 6  ? 1_555 K ? C K . ? A K 101 ? 1_555 O6 ? B DG 11 ? B DG 11 ? 1_555 68.1  ? 
37  O6 A A DG 2  ? A DG 2  ? 1_555 K ? C K . ? A K 101 ? 1_555 O6 ? B DG 18 ? B DG 18 ? 1_555 88.3  ? 
38  O6 B A DG 2  ? A DG 2  ? 1_555 K ? C K . ? A K 101 ? 1_555 O6 ? B DG 18 ? B DG 18 ? 1_555 89.6  ? 
39  O6 ? A DG 6  ? A DG 6  ? 1_555 K ? C K . ? A K 101 ? 1_555 O6 ? B DG 18 ? B DG 18 ? 1_555 151.8 ? 
40  O6 ? A DG 11 ? A DG 11 ? 1_555 K ? C K . ? A K 101 ? 1_555 O6 ? B DG 18 ? B DG 18 ? 1_555 137.5 ? 
41  O6 ? A DG 18 ? A DG 18 ? 1_555 K ? C K . ? A K 101 ? 1_555 O6 ? B DG 18 ? B DG 18 ? 1_555 80.5  ? 
42  O6 A B DG 2  ? B DG 2  ? 1_555 K ? C K . ? A K 101 ? 1_555 O6 ? B DG 18 ? B DG 18 ? 1_555 67.7  ? 
43  O6 B B DG 2  ? B DG 2  ? 1_555 K ? C K . ? A K 101 ? 1_555 O6 ? B DG 18 ? B DG 18 ? 1_555 73.8  ? 
44  O6 ? B DG 6  ? B DG 6  ? 1_555 K ? C K . ? A K 101 ? 1_555 O6 ? B DG 18 ? B DG 18 ? 1_555 107.5 ? 
45  O6 ? B DG 11 ? B DG 11 ? 1_555 K ? C K . ? A K 101 ? 1_555 O6 ? B DG 18 ? B DG 18 ? 1_555 70.7  ? 
46  O6 A A DG 2  ? A DG 2  ? 1_555 K ? D K . ? A K 102 ? 1_555 O6 B A DG 2  ? A DG 2  ? 1_555 3.2   ? 
47  O6 A A DG 2  ? A DG 2  ? 1_555 K ? D K . ? A K 102 ? 1_555 O6 ? A DG 3  ? A DG 3  ? 1_555 80.2  ? 
48  O6 B A DG 2  ? A DG 2  ? 1_555 K ? D K . ? A K 102 ? 1_555 O6 ? A DG 3  ? A DG 3  ? 1_555 78.6  ? 
49  O6 A A DG 2  ? A DG 2  ? 1_555 K ? D K . ? A K 102 ? 1_555 O6 ? A DG 6  ? A DG 6  ? 1_555 68.2  ? 
50  O6 B A DG 2  ? A DG 2  ? 1_555 K ? D K . ? A K 102 ? 1_555 O6 ? A DG 6  ? A DG 6  ? 1_555 71.1  ? 
51  O6 ? A DG 3  ? A DG 3  ? 1_555 K ? D K . ? A K 102 ? 1_555 O6 ? A DG 6  ? A DG 6  ? 1_555 91.7  ? 
52  O6 A A DG 2  ? A DG 2  ? 1_555 K ? D K . ? A K 102 ? 1_555 O6 ? A DG 7  ? A DG 7  ? 1_555 133.3 ? 
53  O6 B A DG 2  ? A DG 2  ? 1_555 K ? D K . ? A K 102 ? 1_555 O6 ? A DG 7  ? A DG 7  ? 1_555 134.4 ? 
54  O6 ? A DG 3  ? A DG 3  ? 1_555 K ? D K . ? A K 102 ? 1_555 O6 ? A DG 7  ? A DG 7  ? 1_555 71.0  ? 
55  O6 ? A DG 6  ? A DG 6  ? 1_555 K ? D K . ? A K 102 ? 1_555 O6 ? A DG 7  ? A DG 7  ? 1_555 76.6  ? 
56  O6 A A DG 2  ? A DG 2  ? 1_555 K ? D K . ? A K 102 ? 1_555 O6 ? A DG 11 ? A DG 11 ? 1_555 103.5 ? 
57  O6 B A DG 2  ? A DG 2  ? 1_555 K ? D K . ? A K 102 ? 1_555 O6 ? A DG 11 ? A DG 11 ? 1_555 106.2 ? 
58  O6 ? A DG 3  ? A DG 3  ? 1_555 K ? D K . ? A K 102 ? 1_555 O6 ? A DG 11 ? A DG 11 ? 1_555 155.3 ? 
59  O6 ? A DG 6  ? A DG 6  ? 1_555 K ? D K . ? A K 102 ? 1_555 O6 ? A DG 11 ? A DG 11 ? 1_555 68.0  ? 
60  O6 ? A DG 7  ? A DG 7  ? 1_555 K ? D K . ? A K 102 ? 1_555 O6 ? A DG 11 ? A DG 11 ? 1_555 90.0  ? 
61  O6 A A DG 2  ? A DG 2  ? 1_555 K ? D K . ? A K 102 ? 1_555 O6 ? A DG 12 ? A DG 12 ? 1_555 154.6 ? 
62  O6 B A DG 2  ? A DG 2  ? 1_555 K ? D K . ? A K 102 ? 1_555 O6 ? A DG 12 ? A DG 12 ? 1_555 153.1 ? 
63  O6 ? A DG 3  ? A DG 3  ? 1_555 K ? D K . ? A K 102 ? 1_555 O6 ? A DG 12 ? A DG 12 ? 1_555 112.6 ? 
64  O6 ? A DG 6  ? A DG 6  ? 1_555 K ? D K . ? A K 102 ? 1_555 O6 ? A DG 12 ? A DG 12 ? 1_555 130.1 ? 
65  O6 ? A DG 7  ? A DG 7  ? 1_555 K ? D K . ? A K 102 ? 1_555 O6 ? A DG 12 ? A DG 12 ? 1_555 72.0  ? 
66  O6 ? A DG 11 ? A DG 11 ? 1_555 K ? D K . ? A K 102 ? 1_555 O6 ? A DG 12 ? A DG 12 ? 1_555 74.3  ? 
67  O6 A A DG 2  ? A DG 2  ? 1_555 K ? D K . ? A K 102 ? 1_555 O6 ? A DG 18 ? A DG 18 ? 1_555 69.1  ? 
68  O6 B A DG 2  ? A DG 2  ? 1_555 K ? D K . ? A K 102 ? 1_555 O6 ? A DG 18 ? A DG 18 ? 1_555 69.0  ? 
69  O6 ? A DG 3  ? A DG 3  ? 1_555 K ? D K . ? A K 102 ? 1_555 O6 ? A DG 18 ? A DG 18 ? 1_555 133.8 ? 
70  O6 ? A DG 6  ? A DG 6  ? 1_555 K ? D K . ? A K 102 ? 1_555 O6 ? A DG 18 ? A DG 18 ? 1_555 107.0 ? 
71  O6 ? A DG 7  ? A DG 7  ? 1_555 K ? D K . ? A K 102 ? 1_555 O6 ? A DG 18 ? A DG 18 ? 1_555 153.5 ? 
72  O6 ? A DG 11 ? A DG 11 ? 1_555 K ? D K . ? A K 102 ? 1_555 O6 ? A DG 18 ? A DG 18 ? 1_555 68.3  ? 
73  O6 ? A DG 12 ? A DG 12 ? 1_555 K ? D K . ? A K 102 ? 1_555 O6 ? A DG 18 ? A DG 18 ? 1_555 87.1  ? 
74  O6 A A DG 2  ? A DG 2  ? 1_555 K ? D K . ? A K 102 ? 1_555 O6 ? A DG 19 ? A DG 19 ? 1_555 92.9  ? 
75  O6 B A DG 2  ? A DG 2  ? 1_555 K ? D K . ? A K 102 ? 1_555 O6 ? A DG 19 ? A DG 19 ? 1_555 89.8  ? 
76  O6 ? A DG 3  ? A DG 3  ? 1_555 K ? D K . ? A K 102 ? 1_555 O6 ? A DG 19 ? A DG 19 ? 1_555 72.0  ? 
77  O6 ? A DG 6  ? A DG 6  ? 1_555 K ? D K . ? A K 102 ? 1_555 O6 ? A DG 19 ? A DG 19 ? 1_555 157.2 ? 
78  O6 ? A DG 7  ? A DG 7  ? 1_555 K ? D K . ? A K 102 ? 1_555 O6 ? A DG 19 ? A DG 19 ? 1_555 111.2 ? 
79  O6 ? A DG 11 ? A DG 11 ? 1_555 K ? D K . ? A K 102 ? 1_555 O6 ? A DG 19 ? A DG 19 ? 1_555 131.3 ? 
80  O6 ? A DG 12 ? A DG 12 ? 1_555 K ? D K . ? A K 102 ? 1_555 O6 ? A DG 19 ? A DG 19 ? 1_555 72.0  ? 
81  O6 ? A DG 18 ? A DG 18 ? 1_555 K ? D K . ? A K 102 ? 1_555 O6 ? A DG 19 ? A DG 19 ? 1_555 75.8  ? 
82  O6 ? A DG 3  ? A DG 3  ? 1_555 K ? E K . ? A K 103 ? 1_555 O6 ? A DG 4  ? A DG 4  ? 1_555 71.3  ? 
83  O6 ? A DG 3  ? A DG 3  ? 1_555 K ? E K . ? A K 103 ? 1_555 O6 ? A DG 7  ? A DG 7  ? 1_555 65.0  ? 
84  O6 ? A DG 4  ? A DG 4  ? 1_555 K ? E K . ? A K 103 ? 1_555 O6 ? A DG 7  ? A DG 7  ? 1_555 91.5  ? 
85  O6 ? A DG 3  ? A DG 3  ? 1_555 K ? E K . ? A K 103 ? 1_555 O6 ? A DG 9  ? A DG 9  ? 1_555 128.0 ? 
86  O6 ? A DG 4  ? A DG 4  ? 1_555 K ? E K . ? A K 103 ? 1_555 O6 ? A DG 9  ? A DG 9  ? 1_555 76.6  ? 
87  O6 ? A DG 7  ? A DG 7  ? 1_555 K ? E K . ? A K 103 ? 1_555 O6 ? A DG 9  ? A DG 9  ? 1_555 76.3  ? 
88  O6 ? A DG 3  ? A DG 3  ? 1_555 K ? E K . ? A K 103 ? 1_555 O6 ? A DG 12 ? A DG 12 ? 1_555 98.6  ? 
89  O6 ? A DG 4  ? A DG 4  ? 1_555 K ? E K . ? A K 103 ? 1_555 O6 ? A DG 12 ? A DG 12 ? 1_555 155.7 ? 
90  O6 ? A DG 7  ? A DG 7  ? 1_555 K ? E K . ? A K 103 ? 1_555 O6 ? A DG 12 ? A DG 12 ? 1_555 64.4  ? 
91  O6 ? A DG 9  ? A DG 9  ? 1_555 K ? E K . ? A K 103 ? 1_555 O6 ? A DG 12 ? A DG 12 ? 1_555 94.2  ? 
92  O6 ? A DG 3  ? A DG 3  ? 1_555 K ? E K . ? A K 103 ? 1_555 O6 ? A DG 13 ? A DG 13 ? 1_555 154.4 ? 
93  O6 ? A DG 4  ? A DG 4  ? 1_555 K ? E K . ? A K 103 ? 1_555 O6 ? A DG 13 ? A DG 13 ? 1_555 124.6 ? 
94  O6 ? A DG 7  ? A DG 7  ? 1_555 K ? E K . ? A K 103 ? 1_555 O6 ? A DG 13 ? A DG 13 ? 1_555 127.8 ? 
95  O6 ? A DG 9  ? A DG 9  ? 1_555 K ? E K . ? A K 103 ? 1_555 O6 ? A DG 13 ? A DG 13 ? 1_555 77.4  ? 
96  O6 ? A DG 12 ? A DG 12 ? 1_555 K ? E K . ? A K 103 ? 1_555 O6 ? A DG 13 ? A DG 13 ? 1_555 73.6  ? 
97  O6 ? A DG 3  ? A DG 3  ? 1_555 K ? E K . ? A K 103 ? 1_555 O6 ? A DG 19 ? A DG 19 ? 1_555 66.6  ? 
98  O6 ? A DG 4  ? A DG 4  ? 1_555 K ? E K . ? A K 103 ? 1_555 O6 ? A DG 19 ? A DG 19 ? 1_555 125.7 ? 
99  O6 ? A DG 7  ? A DG 7  ? 1_555 K ? E K . ? A K 103 ? 1_555 O6 ? A DG 19 ? A DG 19 ? 1_555 100.1 ? 
100 O6 ? A DG 9  ? A DG 9  ? 1_555 K ? E K . ? A K 103 ? 1_555 O6 ? A DG 19 ? A DG 19 ? 1_555 157.8 ? 
101 O6 ? A DG 12 ? A DG 12 ? 1_555 K ? E K . ? A K 103 ? 1_555 O6 ? A DG 19 ? A DG 19 ? 1_555 65.1  ? 
102 O6 ? A DG 13 ? A DG 13 ? 1_555 K ? E K . ? A K 103 ? 1_555 O6 ? A DG 19 ? A DG 19 ? 1_555 88.3  ? 
103 O6 ? A DG 3  ? A DG 3  ? 1_555 K ? E K . ? A K 103 ? 1_555 O6 ? A DG 20 ? A DG 20 ? 1_555 88.8  ? 
104 O6 ? A DG 4  ? A DG 4  ? 1_555 K ? E K . ? A K 103 ? 1_555 O6 ? A DG 20 ? A DG 20 ? 1_555 76.9  ? 
105 O6 ? A DG 7  ? A DG 7  ? 1_555 K ? E K . ? A K 103 ? 1_555 O6 ? A DG 20 ? A DG 20 ? 1_555 153.7 ? 
106 O6 ? A DG 9  ? A DG 9  ? 1_555 K ? E K . ? A K 103 ? 1_555 O6 ? A DG 20 ? A DG 20 ? 1_555 122.3 ? 
107 O6 ? A DG 12 ? A DG 12 ? 1_555 K ? E K . ? A K 103 ? 1_555 O6 ? A DG 20 ? A DG 20 ? 1_555 125.9 ? 
108 O6 ? A DG 13 ? A DG 13 ? 1_555 K ? E K . ? A K 103 ? 1_555 O6 ? A DG 20 ? A DG 20 ? 1_555 77.2  ? 
109 O6 ? A DG 19 ? A DG 19 ? 1_555 K ? E K . ? A K 103 ? 1_555 O6 ? A DG 20 ? A DG 20 ? 1_555 69.5  ? 
110 O6 A B DG 2  ? B DG 2  ? 1_555 K ? F K . ? B K 101 ? 1_555 O6 B B DG 2  ? B DG 2  ? 1_555 8.9   ? 
111 O6 A B DG 2  ? B DG 2  ? 1_555 K ? F K . ? B K 101 ? 1_555 O6 ? B DG 3  ? B DG 3  ? 1_555 79.7  ? 
112 O6 B B DG 2  ? B DG 2  ? 1_555 K ? F K . ? B K 101 ? 1_555 O6 ? B DG 3  ? B DG 3  ? 1_555 76.6  ? 
113 O6 A B DG 2  ? B DG 2  ? 1_555 K ? F K . ? B K 101 ? 1_555 O6 ? B DG 6  ? B DG 6  ? 1_555 72.7  ? 
114 O6 B B DG 2  ? B DG 2  ? 1_555 K ? F K . ? B K 101 ? 1_555 O6 ? B DG 6  ? B DG 6  ? 1_555 64.7  ? 
115 O6 ? B DG 3  ? B DG 3  ? 1_555 K ? F K . ? B K 101 ? 1_555 O6 ? B DG 6  ? B DG 6  ? 1_555 91.6  ? 
116 O6 A B DG 2  ? B DG 2  ? 1_555 K ? F K . ? B K 101 ? 1_555 O6 ? B DG 7  ? B DG 7  ? 1_555 137.0 ? 
117 O6 B B DG 2  ? B DG 2  ? 1_555 K ? F K . ? B K 101 ? 1_555 O6 ? B DG 7  ? B DG 7  ? 1_555 128.5 ? 
118 O6 ? B DG 3  ? B DG 3  ? 1_555 K ? F K . ? B K 101 ? 1_555 O6 ? B DG 7  ? B DG 7  ? 1_555 72.3  ? 
119 O6 ? B DG 6  ? B DG 6  ? 1_555 K ? F K . ? B K 101 ? 1_555 O6 ? B DG 7  ? B DG 7  ? 1_555 76.2  ? 
120 O6 A B DG 2  ? B DG 2  ? 1_555 K ? F K . ? B K 101 ? 1_555 O6 ? B DG 11 ? B DG 11 ? 1_555 106.7 ? 
121 O6 B B DG 2  ? B DG 2  ? 1_555 K ? F K . ? B K 101 ? 1_555 O6 ? B DG 11 ? B DG 11 ? 1_555 105.8 ? 
122 O6 ? B DG 3  ? B DG 3  ? 1_555 K ? F K . ? B K 101 ? 1_555 O6 ? B DG 11 ? B DG 11 ? 1_555 154.3 ? 
123 O6 ? B DG 6  ? B DG 6  ? 1_555 K ? F K . ? B K 101 ? 1_555 O6 ? B DG 11 ? B DG 11 ? 1_555 67.6  ? 
124 O6 ? B DG 7  ? B DG 7  ? 1_555 K ? F K . ? B K 101 ? 1_555 O6 ? B DG 11 ? B DG 11 ? 1_555 87.5  ? 
125 O6 A B DG 2  ? B DG 2  ? 1_555 K ? F K . ? B K 101 ? 1_555 O6 ? B DG 12 ? B DG 12 ? 1_555 150.8 ? 
126 O6 B B DG 2  ? B DG 2  ? 1_555 K ? F K . ? B K 101 ? 1_555 O6 ? B DG 12 ? B DG 12 ? 1_555 159.6 ? 
127 O6 ? B DG 3  ? B DG 3  ? 1_555 K ? F K . ? B K 101 ? 1_555 O6 ? B DG 12 ? B DG 12 ? 1_555 113.3 ? 
128 O6 ? B DG 6  ? B DG 6  ? 1_555 K ? F K . ? B K 101 ? 1_555 O6 ? B DG 12 ? B DG 12 ? 1_555 129.9 ? 
129 O6 ? B DG 7  ? B DG 7  ? 1_555 K ? F K . ? B K 101 ? 1_555 O6 ? B DG 12 ? B DG 12 ? 1_555 71.8  ? 
130 O6 ? B DG 11 ? B DG 11 ? 1_555 K ? F K . ? B K 101 ? 1_555 O6 ? B DG 12 ? B DG 12 ? 1_555 73.4  ? 
131 O6 A B DG 2  ? B DG 2  ? 1_555 K ? F K . ? B K 101 ? 1_555 O6 ? B DG 18 ? B DG 18 ? 1_555 66.6  ? 
132 O6 B B DG 2  ? B DG 2  ? 1_555 K ? F K . ? B K 101 ? 1_555 O6 ? B DG 18 ? B DG 18 ? 1_555 73.7  ? 
133 O6 ? B DG 3  ? B DG 3  ? 1_555 K ? F K . ? B K 101 ? 1_555 O6 ? B DG 18 ? B DG 18 ? 1_555 134.2 ? 
134 O6 ? B DG 6  ? B DG 6  ? 1_555 K ? F K . ? B K 101 ? 1_555 O6 ? B DG 18 ? B DG 18 ? 1_555 105.9 ? 
135 O6 ? B DG 7  ? B DG 7  ? 1_555 K ? F K . ? B K 101 ? 1_555 O6 ? B DG 18 ? B DG 18 ? 1_555 152.4 ? 
136 O6 ? B DG 11 ? B DG 11 ? 1_555 K ? F K . ? B K 101 ? 1_555 O6 ? B DG 18 ? B DG 18 ? 1_555 68.9  ? 
137 O6 ? B DG 12 ? B DG 12 ? 1_555 K ? F K . ? B K 101 ? 1_555 O6 ? B DG 18 ? B DG 18 ? 1_555 87.4  ? 
138 O6 A B DG 2  ? B DG 2  ? 1_555 K ? F K . ? B K 101 ? 1_555 O6 ? B DG 19 ? B DG 19 ? 1_555 88.8  ? 
139 O6 B B DG 2  ? B DG 2  ? 1_555 K ? F K . ? B K 101 ? 1_555 O6 ? B DG 19 ? B DG 19 ? 1_555 95.8  ? 
140 O6 ? B DG 3  ? B DG 3  ? 1_555 K ? F K . ? B K 101 ? 1_555 O6 ? B DG 19 ? B DG 19 ? 1_555 72.3  ? 
141 O6 ? B DG 6  ? B DG 6  ? 1_555 K ? F K . ? B K 101 ? 1_555 O6 ? B DG 19 ? B DG 19 ? 1_555 157.7 ? 
142 O6 ? B DG 7  ? B DG 7  ? 1_555 K ? F K . ? B K 101 ? 1_555 O6 ? B DG 19 ? B DG 19 ? 1_555 112.0 ? 
143 O6 ? B DG 11 ? B DG 11 ? 1_555 K ? F K . ? B K 101 ? 1_555 O6 ? B DG 19 ? B DG 19 ? 1_555 131.6 ? 
144 O6 ? B DG 12 ? B DG 12 ? 1_555 K ? F K . ? B K 101 ? 1_555 O6 ? B DG 19 ? B DG 19 ? 1_555 71.9  ? 
145 O6 ? B DG 18 ? B DG 18 ? 1_555 K ? F K . ? B K 101 ? 1_555 O6 ? B DG 19 ? B DG 19 ? 1_555 76.8  ? 
146 O6 ? B DG 3  ? B DG 3  ? 1_555 K ? G K . ? B K 102 ? 1_555 O6 ? B DG 4  ? B DG 4  ? 1_555 71.7  ? 
147 O6 ? B DG 3  ? B DG 3  ? 1_555 K ? G K . ? B K 102 ? 1_555 O6 ? B DG 7  ? B DG 7  ? 1_555 65.9  ? 
148 O6 ? B DG 4  ? B DG 4  ? 1_555 K ? G K . ? B K 102 ? 1_555 O6 ? B DG 7  ? B DG 7  ? 1_555 91.5  ? 
149 O6 ? B DG 3  ? B DG 3  ? 1_555 K ? G K . ? B K 102 ? 1_555 O6 ? B DG 9  ? B DG 9  ? 1_555 127.8 ? 
150 O6 ? B DG 4  ? B DG 4  ? 1_555 K ? G K . ? B K 102 ? 1_555 O6 ? B DG 9  ? B DG 9  ? 1_555 75.3  ? 
151 O6 ? B DG 7  ? B DG 7  ? 1_555 K ? G K . ? B K 102 ? 1_555 O6 ? B DG 9  ? B DG 9  ? 1_555 75.8  ? 
152 O6 ? B DG 3  ? B DG 3  ? 1_555 K ? G K . ? B K 102 ? 1_555 O6 ? B DG 12 ? B DG 12 ? 1_555 99.5  ? 
153 O6 ? B DG 4  ? B DG 4  ? 1_555 K ? G K . ? B K 102 ? 1_555 O6 ? B DG 12 ? B DG 12 ? 1_555 155.1 ? 
154 O6 ? B DG 7  ? B DG 7  ? 1_555 K ? G K . ? B K 102 ? 1_555 O6 ? B DG 12 ? B DG 12 ? 1_555 64.0  ? 
155 O6 ? B DG 9  ? B DG 9  ? 1_555 K ? G K . ? B K 102 ? 1_555 O6 ? B DG 12 ? B DG 12 ? 1_555 93.8  ? 
156 O6 ? B DG 3  ? B DG 3  ? 1_555 K ? G K . ? B K 102 ? 1_555 O6 ? B DG 13 ? B DG 13 ? 1_555 155.2 ? 
157 O6 ? B DG 4  ? B DG 4  ? 1_555 K ? G K . ? B K 102 ? 1_555 O6 ? B DG 13 ? B DG 13 ? 1_555 124.0 ? 
158 O6 ? B DG 7  ? B DG 7  ? 1_555 K ? G K . ? B K 102 ? 1_555 O6 ? B DG 13 ? B DG 13 ? 1_555 126.6 ? 
159 O6 ? B DG 9  ? B DG 9  ? 1_555 K ? G K . ? B K 102 ? 1_555 O6 ? B DG 13 ? B DG 13 ? 1_555 76.8  ? 
160 O6 ? B DG 12 ? B DG 12 ? 1_555 K ? G K . ? B K 102 ? 1_555 O6 ? B DG 13 ? B DG 13 ? 1_555 73.2  ? 
161 O6 ? B DG 3  ? B DG 3  ? 1_555 K ? G K . ? B K 102 ? 1_555 O6 ? B DG 19 ? B DG 19 ? 1_555 66.9  ? 
162 O6 ? B DG 4  ? B DG 4  ? 1_555 K ? G K . ? B K 102 ? 1_555 O6 ? B DG 19 ? B DG 19 ? 1_555 127.3 ? 
163 O6 ? B DG 7  ? B DG 7  ? 1_555 K ? G K . ? B K 102 ? 1_555 O6 ? B DG 19 ? B DG 19 ? 1_555 100.0 ? 
164 O6 ? B DG 9  ? B DG 9  ? 1_555 K ? G K . ? B K 102 ? 1_555 O6 ? B DG 19 ? B DG 19 ? 1_555 157.4 ? 
165 O6 ? B DG 12 ? B DG 12 ? 1_555 K ? G K . ? B K 102 ? 1_555 O6 ? B DG 19 ? B DG 19 ? 1_555 65.0  ? 
166 O6 ? B DG 13 ? B DG 13 ? 1_555 K ? G K . ? B K 102 ? 1_555 O6 ? B DG 19 ? B DG 19 ? 1_555 88.8  ? 
167 O6 ? B DG 3  ? B DG 3  ? 1_555 K ? G K . ? B K 102 ? 1_555 O6 ? B DG 20 ? B DG 20 ? 1_555 87.6  ? 
168 O6 ? B DG 4  ? B DG 4  ? 1_555 K ? G K . ? B K 102 ? 1_555 O6 ? B DG 20 ? B DG 20 ? 1_555 77.4  ? 
169 O6 ? B DG 7  ? B DG 7  ? 1_555 K ? G K . ? B K 102 ? 1_555 O6 ? B DG 20 ? B DG 20 ? 1_555 153.4 ? 
170 O6 ? B DG 9  ? B DG 9  ? 1_555 K ? G K . ? B K 102 ? 1_555 O6 ? B DG 20 ? B DG 20 ? 1_555 122.9 ? 
171 O6 ? B DG 12 ? B DG 12 ? 1_555 K ? G K . ? B K 102 ? 1_555 O6 ? B DG 20 ? B DG 20 ? 1_555 126.4 ? 
172 O6 ? B DG 13 ? B DG 13 ? 1_555 K ? G K . ? B K 102 ? 1_555 O6 ? B DG 20 ? B DG 20 ? 1_555 78.8  ? 
173 O6 ? B DG 19 ? B DG 19 ? 1_555 K ? G K . ? B K 102 ? 1_555 O6 ? B DG 20 ? B DG 20 ? 1_555 69.7  ? 
# 
loop_
_pdbx_audit_revision_history.ordinal 
_pdbx_audit_revision_history.data_content_type 
_pdbx_audit_revision_history.major_revision 
_pdbx_audit_revision_history.minor_revision 
_pdbx_audit_revision_history.revision_date 
1 'Structure model' 1 0 2020-04-15 
2 'Structure model' 1 1 2020-05-06 
3 'Structure model' 1 2 2020-06-10 
4 'Structure model' 1 3 2023-10-11 
# 
_pdbx_audit_revision_details.ordinal             1 
_pdbx_audit_revision_details.revision_ordinal    1 
_pdbx_audit_revision_details.data_content_type   'Structure model' 
_pdbx_audit_revision_details.provider            repository 
_pdbx_audit_revision_details.type                'Initial release' 
_pdbx_audit_revision_details.description         ? 
_pdbx_audit_revision_details.details             ? 
# 
loop_
_pdbx_audit_revision_group.ordinal 
_pdbx_audit_revision_group.revision_ordinal 
_pdbx_audit_revision_group.data_content_type 
_pdbx_audit_revision_group.group 
1 2 'Structure model' 'Database references'    
2 3 'Structure model' 'Database references'    
3 4 'Structure model' 'Data collection'        
4 4 'Structure model' 'Database references'    
5 4 'Structure model' 'Derived calculations'   
6 4 'Structure model' 'Refinement description' 
# 
loop_
_pdbx_audit_revision_category.ordinal 
_pdbx_audit_revision_category.revision_ordinal 
_pdbx_audit_revision_category.data_content_type 
_pdbx_audit_revision_category.category 
1  2 'Structure model' citation                      
2  2 'Structure model' citation_author               
3  3 'Structure model' citation                      
4  3 'Structure model' citation_author               
5  4 'Structure model' chem_comp_atom                
6  4 'Structure model' chem_comp_bond                
7  4 'Structure model' database_2                    
8  4 'Structure model' pdbx_initial_refinement_model 
9  4 'Structure model' pdbx_struct_conn_angle        
10 4 'Structure model' struct_conn                   
11 4 'Structure model' struct_ncs_dom_lim            
# 
loop_
_pdbx_audit_revision_item.ordinal 
_pdbx_audit_revision_item.revision_ordinal 
_pdbx_audit_revision_item.data_content_type 
_pdbx_audit_revision_item.item 
1  2 'Structure model' '_citation.pdbx_database_id_PubMed'           
2  2 'Structure model' '_citation.title'                             
3  3 'Structure model' '_citation.journal_volume'                    
4  3 'Structure model' '_citation.page_first'                        
5  3 'Structure model' '_citation.page_last'                         
6  3 'Structure model' '_citation_author.name'                       
7  4 'Structure model' '_database_2.pdbx_DOI'                        
8  4 'Structure model' '_database_2.pdbx_database_accession'         
9  4 'Structure model' '_pdbx_struct_conn_angle.ptnr1_auth_asym_id'  
10 4 'Structure model' '_pdbx_struct_conn_angle.ptnr1_auth_seq_id'   
11 4 'Structure model' '_pdbx_struct_conn_angle.ptnr1_label_alt_id'  
12 4 'Structure model' '_pdbx_struct_conn_angle.ptnr1_label_asym_id' 
13 4 'Structure model' '_pdbx_struct_conn_angle.ptnr1_label_seq_id'  
14 4 'Structure model' '_pdbx_struct_conn_angle.ptnr2_auth_seq_id'   
15 4 'Structure model' '_pdbx_struct_conn_angle.ptnr2_label_asym_id' 
16 4 'Structure model' '_pdbx_struct_conn_angle.ptnr3_auth_asym_id'  
17 4 'Structure model' '_pdbx_struct_conn_angle.ptnr3_auth_seq_id'   
18 4 'Structure model' '_pdbx_struct_conn_angle.ptnr3_label_alt_id'  
19 4 'Structure model' '_pdbx_struct_conn_angle.ptnr3_label_asym_id' 
20 4 'Structure model' '_pdbx_struct_conn_angle.ptnr3_label_seq_id'  
21 4 'Structure model' '_pdbx_struct_conn_angle.value'               
22 4 'Structure model' '_struct_conn.pdbx_dist_value'                
23 4 'Structure model' '_struct_conn.pdbx_ptnr1_label_alt_id'        
24 4 'Structure model' '_struct_conn.pdbx_ptnr2_label_alt_id'        
25 4 'Structure model' '_struct_conn.ptnr1_auth_asym_id'             
26 4 'Structure model' '_struct_conn.ptnr1_auth_comp_id'             
27 4 'Structure model' '_struct_conn.ptnr1_auth_seq_id'              
28 4 'Structure model' '_struct_conn.ptnr1_label_asym_id'            
29 4 'Structure model' '_struct_conn.ptnr1_label_atom_id'            
30 4 'Structure model' '_struct_conn.ptnr1_label_comp_id'            
31 4 'Structure model' '_struct_conn.ptnr1_label_seq_id'             
32 4 'Structure model' '_struct_conn.ptnr2_auth_asym_id'             
33 4 'Structure model' '_struct_conn.ptnr2_auth_comp_id'             
34 4 'Structure model' '_struct_conn.ptnr2_auth_seq_id'              
35 4 'Structure model' '_struct_conn.ptnr2_label_asym_id'            
36 4 'Structure model' '_struct_conn.ptnr2_label_atom_id'            
37 4 'Structure model' '_struct_conn.ptnr2_label_comp_id'            
38 4 'Structure model' '_struct_conn.ptnr2_label_seq_id'             
39 4 'Structure model' '_struct_ncs_dom_lim.beg_auth_comp_id'        
40 4 'Structure model' '_struct_ncs_dom_lim.beg_label_asym_id'       
41 4 'Structure model' '_struct_ncs_dom_lim.beg_label_comp_id'       
42 4 'Structure model' '_struct_ncs_dom_lim.beg_label_seq_id'        
43 4 'Structure model' '_struct_ncs_dom_lim.end_auth_comp_id'        
44 4 'Structure model' '_struct_ncs_dom_lim.end_label_asym_id'       
45 4 'Structure model' '_struct_ncs_dom_lim.end_label_comp_id'       
46 4 'Structure model' '_struct_ncs_dom_lim.end_label_seq_id'        
# 
_phasing.method   MR 
# 
loop_
_software.citation_id 
_software.classification 
_software.compiler_name 
_software.compiler_version 
_software.contact_author 
_software.contact_author_email 
_software.date 
_software.description 
_software.dependencies 
_software.hardware 
_software.language 
_software.location 
_software.mods 
_software.name 
_software.os 
_software.os_version 
_software.type 
_software.version 
_software.pdbx_ordinal 
? 'data reduction'  ? ? 'Wolfgang Kabsch' Wolfgang.Kabsch@mpimf-heidelberg.mpg.de ?              ? ? ? ?          
http://www.mpimf-heidelberg.mpg.de/~kabsch/xds/     ? XDS         ? ? package .     1 
? 'data scaling'    ? ? 'Phil Evans'      ?                                       15/08/18       ? ? ? ?          
http://www.mrc-lmb.cam.ac.uk/harry/pre/aimless.html ? Aimless     ? ? program 0.7.3 2 
? phasing           ? ? 'Alexei Vaguine'  alexei@ysbl.york.ac.uk                  ?              ? ? ? Fortran_77 
http://www.ccp4.ac.uk/dist/html/molrep.html         ? MOLREP      ? ? program .     3 
? refinement        ? ? 'Paul D. Adams'   PDAdams@lbl.gov                         ?              ? ? ? C++        
http://www.phenix-online.org/                       ? PHENIX      ? ? package .     4 
? 'data extraction' ? ? PDB               deposit@deposit.rcsb.org                'Sep. 1, 2017' ? ? ? C++        
http://sw-tools.pdb.org/apps/PDB_EXTRACT/           ? PDB_EXTRACT ? ? package 3.24  5 
# 
loop_
_pdbx_validate_rmsd_angle.id 
_pdbx_validate_rmsd_angle.PDB_model_num 
_pdbx_validate_rmsd_angle.auth_atom_id_1 
_pdbx_validate_rmsd_angle.auth_asym_id_1 
_pdbx_validate_rmsd_angle.auth_comp_id_1 
_pdbx_validate_rmsd_angle.auth_seq_id_1 
_pdbx_validate_rmsd_angle.PDB_ins_code_1 
_pdbx_validate_rmsd_angle.label_alt_id_1 
_pdbx_validate_rmsd_angle.auth_atom_id_2 
_pdbx_validate_rmsd_angle.auth_asym_id_2 
_pdbx_validate_rmsd_angle.auth_comp_id_2 
_pdbx_validate_rmsd_angle.auth_seq_id_2 
_pdbx_validate_rmsd_angle.PDB_ins_code_2 
_pdbx_validate_rmsd_angle.label_alt_id_2 
_pdbx_validate_rmsd_angle.auth_atom_id_3 
_pdbx_validate_rmsd_angle.auth_asym_id_3 
_pdbx_validate_rmsd_angle.auth_comp_id_3 
_pdbx_validate_rmsd_angle.auth_seq_id_3 
_pdbx_validate_rmsd_angle.PDB_ins_code_3 
_pdbx_validate_rmsd_angle.label_alt_id_3 
_pdbx_validate_rmsd_angle.angle_value 
_pdbx_validate_rmsd_angle.angle_target_value 
_pdbx_validate_rmsd_angle.angle_deviation 
_pdbx_validate_rmsd_angle.angle_standard_deviation 
_pdbx_validate_rmsd_angle.linker_flag 
1 1 "O4'" A DG 7  ? ? "C1'" A DG 7  ? ? N9 A DG 7  ? ? 110.63 108.30 2.33 0.30 N 
2 1 "O4'" A DT 16 ? ? "C1'" A DT 16 ? ? N1 A DT 16 ? ? 111.24 108.30 2.94 0.30 N 
3 1 "O4'" B DG 7  ? ? "C1'" B DG 7  ? ? N9 B DG 7  ? ? 110.47 108.30 2.17 0.30 N 
# 
loop_
_chem_comp_atom.comp_id 
_chem_comp_atom.atom_id 
_chem_comp_atom.type_symbol 
_chem_comp_atom.pdbx_aromatic_flag 
_chem_comp_atom.pdbx_stereo_config 
_chem_comp_atom.pdbx_ordinal 
DA  OP3    O N N 1   
DA  P      P N N 2   
DA  OP1    O N N 3   
DA  OP2    O N N 4   
DA  "O5'"  O N N 5   
DA  "C5'"  C N N 6   
DA  "C4'"  C N R 7   
DA  "O4'"  O N N 8   
DA  "C3'"  C N S 9   
DA  "O3'"  O N N 10  
DA  "C2'"  C N N 11  
DA  "C1'"  C N R 12  
DA  N9     N Y N 13  
DA  C8     C Y N 14  
DA  N7     N Y N 15  
DA  C5     C Y N 16  
DA  C6     C Y N 17  
DA  N6     N N N 18  
DA  N1     N Y N 19  
DA  C2     C Y N 20  
DA  N3     N Y N 21  
DA  C4     C Y N 22  
DA  HOP3   H N N 23  
DA  HOP2   H N N 24  
DA  "H5'"  H N N 25  
DA  "H5''" H N N 26  
DA  "H4'"  H N N 27  
DA  "H3'"  H N N 28  
DA  "HO3'" H N N 29  
DA  "H2'"  H N N 30  
DA  "H2''" H N N 31  
DA  "H1'"  H N N 32  
DA  H8     H N N 33  
DA  H61    H N N 34  
DA  H62    H N N 35  
DA  H2     H N N 36  
DC  OP3    O N N 37  
DC  P      P N N 38  
DC  OP1    O N N 39  
DC  OP2    O N N 40  
DC  "O5'"  O N N 41  
DC  "C5'"  C N N 42  
DC  "C4'"  C N R 43  
DC  "O4'"  O N N 44  
DC  "C3'"  C N S 45  
DC  "O3'"  O N N 46  
DC  "C2'"  C N N 47  
DC  "C1'"  C N R 48  
DC  N1     N N N 49  
DC  C2     C N N 50  
DC  O2     O N N 51  
DC  N3     N N N 52  
DC  C4     C N N 53  
DC  N4     N N N 54  
DC  C5     C N N 55  
DC  C6     C N N 56  
DC  HOP3   H N N 57  
DC  HOP2   H N N 58  
DC  "H5'"  H N N 59  
DC  "H5''" H N N 60  
DC  "H4'"  H N N 61  
DC  "H3'"  H N N 62  
DC  "HO3'" H N N 63  
DC  "H2'"  H N N 64  
DC  "H2''" H N N 65  
DC  "H1'"  H N N 66  
DC  H41    H N N 67  
DC  H42    H N N 68  
DC  H5     H N N 69  
DC  H6     H N N 70  
DG  OP3    O N N 71  
DG  P      P N N 72  
DG  OP1    O N N 73  
DG  OP2    O N N 74  
DG  "O5'"  O N N 75  
DG  "C5'"  C N N 76  
DG  "C4'"  C N R 77  
DG  "O4'"  O N N 78  
DG  "C3'"  C N S 79  
DG  "O3'"  O N N 80  
DG  "C2'"  C N N 81  
DG  "C1'"  C N R 82  
DG  N9     N Y N 83  
DG  C8     C Y N 84  
DG  N7     N Y N 85  
DG  C5     C Y N 86  
DG  C6     C N N 87  
DG  O6     O N N 88  
DG  N1     N N N 89  
DG  C2     C N N 90  
DG  N2     N N N 91  
DG  N3     N N N 92  
DG  C4     C Y N 93  
DG  HOP3   H N N 94  
DG  HOP2   H N N 95  
DG  "H5'"  H N N 96  
DG  "H5''" H N N 97  
DG  "H4'"  H N N 98  
DG  "H3'"  H N N 99  
DG  "HO3'" H N N 100 
DG  "H2'"  H N N 101 
DG  "H2''" H N N 102 
DG  "H1'"  H N N 103 
DG  H8     H N N 104 
DG  H1     H N N 105 
DG  H21    H N N 106 
DG  H22    H N N 107 
DT  OP3    O N N 108 
DT  P      P N N 109 
DT  OP1    O N N 110 
DT  OP2    O N N 111 
DT  "O5'"  O N N 112 
DT  "C5'"  C N N 113 
DT  "C4'"  C N R 114 
DT  "O4'"  O N N 115 
DT  "C3'"  C N S 116 
DT  "O3'"  O N N 117 
DT  "C2'"  C N N 118 
DT  "C1'"  C N R 119 
DT  N1     N N N 120 
DT  C2     C N N 121 
DT  O2     O N N 122 
DT  N3     N N N 123 
DT  C4     C N N 124 
DT  O4     O N N 125 
DT  C5     C N N 126 
DT  C7     C N N 127 
DT  C6     C N N 128 
DT  HOP3   H N N 129 
DT  HOP2   H N N 130 
DT  "H5'"  H N N 131 
DT  "H5''" H N N 132 
DT  "H4'"  H N N 133 
DT  "H3'"  H N N 134 
DT  "HO3'" H N N 135 
DT  "H2'"  H N N 136 
DT  "H2''" H N N 137 
DT  "H1'"  H N N 138 
DT  H3     H N N 139 
DT  H71    H N N 140 
DT  H72    H N N 141 
DT  H73    H N N 142 
DT  H6     H N N 143 
HOH O      O N N 144 
HOH H1     H N N 145 
HOH H2     H N N 146 
K   K      K N N 147 
# 
loop_
_chem_comp_bond.comp_id 
_chem_comp_bond.atom_id_1 
_chem_comp_bond.atom_id_2 
_chem_comp_bond.value_order 
_chem_comp_bond.pdbx_aromatic_flag 
_chem_comp_bond.pdbx_stereo_config 
_chem_comp_bond.pdbx_ordinal 
DA  OP3   P      sing N N 1   
DA  OP3   HOP3   sing N N 2   
DA  P     OP1    doub N N 3   
DA  P     OP2    sing N N 4   
DA  P     "O5'"  sing N N 5   
DA  OP2   HOP2   sing N N 6   
DA  "O5'" "C5'"  sing N N 7   
DA  "C5'" "C4'"  sing N N 8   
DA  "C5'" "H5'"  sing N N 9   
DA  "C5'" "H5''" sing N N 10  
DA  "C4'" "O4'"  sing N N 11  
DA  "C4'" "C3'"  sing N N 12  
DA  "C4'" "H4'"  sing N N 13  
DA  "O4'" "C1'"  sing N N 14  
DA  "C3'" "O3'"  sing N N 15  
DA  "C3'" "C2'"  sing N N 16  
DA  "C3'" "H3'"  sing N N 17  
DA  "O3'" "HO3'" sing N N 18  
DA  "C2'" "C1'"  sing N N 19  
DA  "C2'" "H2'"  sing N N 20  
DA  "C2'" "H2''" sing N N 21  
DA  "C1'" N9     sing N N 22  
DA  "C1'" "H1'"  sing N N 23  
DA  N9    C8     sing Y N 24  
DA  N9    C4     sing Y N 25  
DA  C8    N7     doub Y N 26  
DA  C8    H8     sing N N 27  
DA  N7    C5     sing Y N 28  
DA  C5    C6     sing Y N 29  
DA  C5    C4     doub Y N 30  
DA  C6    N6     sing N N 31  
DA  C6    N1     doub Y N 32  
DA  N6    H61    sing N N 33  
DA  N6    H62    sing N N 34  
DA  N1    C2     sing Y N 35  
DA  C2    N3     doub Y N 36  
DA  C2    H2     sing N N 37  
DA  N3    C4     sing Y N 38  
DC  OP3   P      sing N N 39  
DC  OP3   HOP3   sing N N 40  
DC  P     OP1    doub N N 41  
DC  P     OP2    sing N N 42  
DC  P     "O5'"  sing N N 43  
DC  OP2   HOP2   sing N N 44  
DC  "O5'" "C5'"  sing N N 45  
DC  "C5'" "C4'"  sing N N 46  
DC  "C5'" "H5'"  sing N N 47  
DC  "C5'" "H5''" sing N N 48  
DC  "C4'" "O4'"  sing N N 49  
DC  "C4'" "C3'"  sing N N 50  
DC  "C4'" "H4'"  sing N N 51  
DC  "O4'" "C1'"  sing N N 52  
DC  "C3'" "O3'"  sing N N 53  
DC  "C3'" "C2'"  sing N N 54  
DC  "C3'" "H3'"  sing N N 55  
DC  "O3'" "HO3'" sing N N 56  
DC  "C2'" "C1'"  sing N N 57  
DC  "C2'" "H2'"  sing N N 58  
DC  "C2'" "H2''" sing N N 59  
DC  "C1'" N1     sing N N 60  
DC  "C1'" "H1'"  sing N N 61  
DC  N1    C2     sing N N 62  
DC  N1    C6     sing N N 63  
DC  C2    O2     doub N N 64  
DC  C2    N3     sing N N 65  
DC  N3    C4     doub N N 66  
DC  C4    N4     sing N N 67  
DC  C4    C5     sing N N 68  
DC  N4    H41    sing N N 69  
DC  N4    H42    sing N N 70  
DC  C5    C6     doub N N 71  
DC  C5    H5     sing N N 72  
DC  C6    H6     sing N N 73  
DG  OP3   P      sing N N 74  
DG  OP3   HOP3   sing N N 75  
DG  P     OP1    doub N N 76  
DG  P     OP2    sing N N 77  
DG  P     "O5'"  sing N N 78  
DG  OP2   HOP2   sing N N 79  
DG  "O5'" "C5'"  sing N N 80  
DG  "C5'" "C4'"  sing N N 81  
DG  "C5'" "H5'"  sing N N 82  
DG  "C5'" "H5''" sing N N 83  
DG  "C4'" "O4'"  sing N N 84  
DG  "C4'" "C3'"  sing N N 85  
DG  "C4'" "H4'"  sing N N 86  
DG  "O4'" "C1'"  sing N N 87  
DG  "C3'" "O3'"  sing N N 88  
DG  "C3'" "C2'"  sing N N 89  
DG  "C3'" "H3'"  sing N N 90  
DG  "O3'" "HO3'" sing N N 91  
DG  "C2'" "C1'"  sing N N 92  
DG  "C2'" "H2'"  sing N N 93  
DG  "C2'" "H2''" sing N N 94  
DG  "C1'" N9     sing N N 95  
DG  "C1'" "H1'"  sing N N 96  
DG  N9    C8     sing Y N 97  
DG  N9    C4     sing Y N 98  
DG  C8    N7     doub Y N 99  
DG  C8    H8     sing N N 100 
DG  N7    C5     sing Y N 101 
DG  C5    C6     sing N N 102 
DG  C5    C4     doub Y N 103 
DG  C6    O6     doub N N 104 
DG  C6    N1     sing N N 105 
DG  N1    C2     sing N N 106 
DG  N1    H1     sing N N 107 
DG  C2    N2     sing N N 108 
DG  C2    N3     doub N N 109 
DG  N2    H21    sing N N 110 
DG  N2    H22    sing N N 111 
DG  N3    C4     sing N N 112 
DT  OP3   P      sing N N 113 
DT  OP3   HOP3   sing N N 114 
DT  P     OP1    doub N N 115 
DT  P     OP2    sing N N 116 
DT  P     "O5'"  sing N N 117 
DT  OP2   HOP2   sing N N 118 
DT  "O5'" "C5'"  sing N N 119 
DT  "C5'" "C4'"  sing N N 120 
DT  "C5'" "H5'"  sing N N 121 
DT  "C5'" "H5''" sing N N 122 
DT  "C4'" "O4'"  sing N N 123 
DT  "C4'" "C3'"  sing N N 124 
DT  "C4'" "H4'"  sing N N 125 
DT  "O4'" "C1'"  sing N N 126 
DT  "C3'" "O3'"  sing N N 127 
DT  "C3'" "C2'"  sing N N 128 
DT  "C3'" "H3'"  sing N N 129 
DT  "O3'" "HO3'" sing N N 130 
DT  "C2'" "C1'"  sing N N 131 
DT  "C2'" "H2'"  sing N N 132 
DT  "C2'" "H2''" sing N N 133 
DT  "C1'" N1     sing N N 134 
DT  "C1'" "H1'"  sing N N 135 
DT  N1    C2     sing N N 136 
DT  N1    C6     sing N N 137 
DT  C2    O2     doub N N 138 
DT  C2    N3     sing N N 139 
DT  N3    C4     sing N N 140 
DT  N3    H3     sing N N 141 
DT  C4    O4     doub N N 142 
DT  C4    C5     sing N N 143 
DT  C5    C7     sing N N 144 
DT  C5    C6     doub N N 145 
DT  C7    H71    sing N N 146 
DT  C7    H72    sing N N 147 
DT  C7    H73    sing N N 148 
DT  C6    H6     sing N N 149 
HOH O     H1     sing N N 150 
HOH O     H2     sing N N 151 
# 
loop_
_ndb_struct_conf_na.entry_id 
_ndb_struct_conf_na.feature 
6N65 'z-form double helix' 
6N65 'quadruple helix'     
# 
loop_
_ndb_struct_na_base_pair.model_number 
_ndb_struct_na_base_pair.i_label_asym_id 
_ndb_struct_na_base_pair.i_label_comp_id 
_ndb_struct_na_base_pair.i_label_seq_id 
_ndb_struct_na_base_pair.i_symmetry 
_ndb_struct_na_base_pair.j_label_asym_id 
_ndb_struct_na_base_pair.j_label_comp_id 
_ndb_struct_na_base_pair.j_label_seq_id 
_ndb_struct_na_base_pair.j_symmetry 
_ndb_struct_na_base_pair.shear 
_ndb_struct_na_base_pair.stretch 
_ndb_struct_na_base_pair.stagger 
_ndb_struct_na_base_pair.buckle 
_ndb_struct_na_base_pair.propeller 
_ndb_struct_na_base_pair.opening 
_ndb_struct_na_base_pair.pair_number 
_ndb_struct_na_base_pair.pair_name 
_ndb_struct_na_base_pair.i_auth_asym_id 
_ndb_struct_na_base_pair.i_auth_seq_id 
_ndb_struct_na_base_pair.i_PDB_ins_code 
_ndb_struct_na_base_pair.j_auth_asym_id 
_ndb_struct_na_base_pair.j_auth_seq_id 
_ndb_struct_na_base_pair.j_PDB_ins_code 
_ndb_struct_na_base_pair.hbond_type_28 
_ndb_struct_na_base_pair.hbond_type_12 
1 A DT 8 1_555 A DA 22 1_555 0.129 -0.941 -0.187 -0.606 -8.874 173.077 1 A_DT8:DA22_A A 8 ? A 22 ? 21 2 
1 A DG 4 1_555 A DG 20 1_555 1.724 -3.449 -0.105 5.166  5.153  -89.351 2 A_DG4:DG20_A A 4 ? A 20 ? 6  3 
1 B DT 8 1_555 B DA 22 1_555 0.122 -0.936 -0.234 -1.129 -8.807 173.993 3 B_DT8:DA22_B B 8 ? B 22 ? 21 2 
1 B DG 4 1_555 B DG 20 1_555 1.719 -3.465 -0.070 5.814  3.744  -89.339 4 B_DG4:DG20_B B 4 ? B 20 ? 6  3 
# 
loop_
_ndb_struct_na_base_pair_step.model_number 
_ndb_struct_na_base_pair_step.i_label_asym_id_1 
_ndb_struct_na_base_pair_step.i_label_comp_id_1 
_ndb_struct_na_base_pair_step.i_label_seq_id_1 
_ndb_struct_na_base_pair_step.i_symmetry_1 
_ndb_struct_na_base_pair_step.j_label_asym_id_1 
_ndb_struct_na_base_pair_step.j_label_comp_id_1 
_ndb_struct_na_base_pair_step.j_label_seq_id_1 
_ndb_struct_na_base_pair_step.j_symmetry_1 
_ndb_struct_na_base_pair_step.i_label_asym_id_2 
_ndb_struct_na_base_pair_step.i_label_comp_id_2 
_ndb_struct_na_base_pair_step.i_label_seq_id_2 
_ndb_struct_na_base_pair_step.i_symmetry_2 
_ndb_struct_na_base_pair_step.j_label_asym_id_2 
_ndb_struct_na_base_pair_step.j_label_comp_id_2 
_ndb_struct_na_base_pair_step.j_label_seq_id_2 
_ndb_struct_na_base_pair_step.j_symmetry_2 
_ndb_struct_na_base_pair_step.shift 
_ndb_struct_na_base_pair_step.slide 
_ndb_struct_na_base_pair_step.rise 
_ndb_struct_na_base_pair_step.tilt 
_ndb_struct_na_base_pair_step.roll 
_ndb_struct_na_base_pair_step.twist 
_ndb_struct_na_base_pair_step.x_displacement 
_ndb_struct_na_base_pair_step.y_displacement 
_ndb_struct_na_base_pair_step.helical_rise 
_ndb_struct_na_base_pair_step.inclination 
_ndb_struct_na_base_pair_step.tip 
_ndb_struct_na_base_pair_step.helical_twist 
_ndb_struct_na_base_pair_step.step_number 
_ndb_struct_na_base_pair_step.step_name 
_ndb_struct_na_base_pair_step.i_auth_asym_id_1 
_ndb_struct_na_base_pair_step.i_auth_seq_id_1 
_ndb_struct_na_base_pair_step.i_PDB_ins_code_1 
_ndb_struct_na_base_pair_step.j_auth_asym_id_1 
_ndb_struct_na_base_pair_step.j_auth_seq_id_1 
_ndb_struct_na_base_pair_step.j_PDB_ins_code_1 
_ndb_struct_na_base_pair_step.i_auth_asym_id_2 
_ndb_struct_na_base_pair_step.i_auth_seq_id_2 
_ndb_struct_na_base_pair_step.i_PDB_ins_code_2 
_ndb_struct_na_base_pair_step.j_auth_asym_id_2 
_ndb_struct_na_base_pair_step.j_auth_seq_id_2 
_ndb_struct_na_base_pair_step.j_PDB_ins_code_2 
1 A DT 8 1_555 A DA 22 1_555 A DG 4 1_555 A DG 20 1_555 -0.794 1.461 3.128 -1.010 -3.529 -133.503 -0.773 -0.439 3.144 1.921 -0.550 
-133.528 1 AA_DT8DG4:DG20DA22_AA A 8 ? A 22 ? A 4 ? A 20 ? 
1 B DT 8 1_555 B DA 22 1_555 B DG 4 1_555 B DG 20 1_555 -0.695 1.364 3.108 0.488  -2.613 -133.999 -0.724 -0.375 3.122 1.420 0.265  
-134.012 2 BB_DT8DG4:DG20DA22_BB B 8 ? B 22 ? B 4 ? B 20 ? 
# 
_pdbx_audit_support.funding_organization   'National Health and Medical Research Council (NHMRC, Australia)' 
_pdbx_audit_support.country                Australia 
_pdbx_audit_support.grant_number           APP1139936 
_pdbx_audit_support.ordinal                1 
# 
loop_
_pdbx_entity_nonpoly.entity_id 
_pdbx_entity_nonpoly.name 
_pdbx_entity_nonpoly.comp_id 
2 'POTASSIUM ION' K   
3 water           HOH 
# 
_pdbx_initial_refinement_model.id               1 
_pdbx_initial_refinement_model.entity_id_list   ? 
_pdbx_initial_refinement_model.type             'experimental model' 
_pdbx_initial_refinement_model.source_name      PDB 
_pdbx_initial_refinement_model.accession_code   5I2V 
_pdbx_initial_refinement_model.details          ? 
# 
_pdbx_struct_assembly_auth_evidence.id                     1 
_pdbx_struct_assembly_auth_evidence.assembly_id            1 
_pdbx_struct_assembly_auth_evidence.experimental_support   none 
_pdbx_struct_assembly_auth_evidence.details                
'It is unclear if this represents the solution oligomeric state of the quadruplex.' 
# 
